data_7D8G
# 
_entry.id   7D8G 
# 
_audit_conform.dict_name       mmcif_pdbx.dic 
_audit_conform.dict_version    5.392 
_audit_conform.dict_location   http://mmcif.pdb.org/dictionaries/ascii/mmcif_pdbx.dic 
# 
loop_
_database_2.database_id 
_database_2.database_code 
_database_2.pdbx_database_accession 
_database_2.pdbx_DOI 
PDB   7D8G         pdb_00007d8g 10.2210/pdb7d8g/pdb 
WWPDB D_1300018829 ?            ?                   
# 
loop_
_pdbx_audit_revision_history.ordinal 
_pdbx_audit_revision_history.data_content_type 
_pdbx_audit_revision_history.major_revision 
_pdbx_audit_revision_history.minor_revision 
_pdbx_audit_revision_history.revision_date 
1 'Structure model' 1 0 2021-03-17 
2 'Structure model' 1 1 2021-10-06 
3 'Structure model' 1 2 2022-02-16 
4 'Structure model' 1 3 2023-06-07 
5 'Structure model' 1 4 2024-05-29 
# 
_pdbx_audit_revision_details.ordinal             1 
_pdbx_audit_revision_details.revision_ordinal    1 
_pdbx_audit_revision_details.data_content_type   'Structure model' 
_pdbx_audit_revision_details.provider            repository 
_pdbx_audit_revision_details.type                'Initial release' 
_pdbx_audit_revision_details.description         ? 
_pdbx_audit_revision_details.details             ? 
# 
loop_
_pdbx_audit_revision_group.ordinal 
_pdbx_audit_revision_group.revision_ordinal 
_pdbx_audit_revision_group.data_content_type 
_pdbx_audit_revision_group.group 
1 2 'Structure model' 'Database references' 
2 3 'Structure model' 'Database references' 
3 4 'Structure model' 'Data collection'     
4 5 'Structure model' 'Data collection'     
# 
loop_
_pdbx_audit_revision_category.ordinal 
_pdbx_audit_revision_category.revision_ordinal 
_pdbx_audit_revision_category.data_content_type 
_pdbx_audit_revision_category.category 
1 2 'Structure model' citation        
2 2 'Structure model' citation_author 
3 2 'Structure model' database_2      
4 3 'Structure model' citation        
5 3 'Structure model' citation_author 
6 4 'Structure model' diffrn_source   
7 5 'Structure model' chem_comp_atom  
8 5 'Structure model' chem_comp_bond  
# 
loop_
_pdbx_audit_revision_item.ordinal 
_pdbx_audit_revision_item.revision_ordinal 
_pdbx_audit_revision_item.data_content_type 
_pdbx_audit_revision_item.item 
1  2 'Structure model' '_citation.country'                   
2  2 'Structure model' '_citation.journal_abbrev'            
3  2 'Structure model' '_citation.journal_id_CSD'            
4  2 'Structure model' '_citation.journal_id_ISSN'           
5  2 'Structure model' '_citation.pdbx_database_id_DOI'      
6  2 'Structure model' '_citation.pdbx_database_id_PubMed'   
7  2 'Structure model' '_citation.title'                     
8  2 'Structure model' '_citation.year'                      
9  2 'Structure model' '_database_2.pdbx_DOI'                
10 2 'Structure model' '_database_2.pdbx_database_accession' 
11 3 'Structure model' '_citation.journal_volume'            
12 3 'Structure model' '_citation.page_first'                
13 3 'Structure model' '_citation.page_last'                 
14 3 'Structure model' '_citation_author.identifier_ORCID'   
15 4 'Structure model' '_diffrn_source.source'               
# 
_pdbx_database_status.status_code                     REL 
_pdbx_database_status.status_code_sf                  REL 
_pdbx_database_status.status_code_mr                  ? 
_pdbx_database_status.entry_id                        7D8G 
_pdbx_database_status.recvd_initial_deposition_date   2020-10-08 
_pdbx_database_status.SG_entry                        N 
_pdbx_database_status.deposit_site                    PDBJ 
_pdbx_database_status.process_site                    PDBJ 
_pdbx_database_status.status_code_cs                  ? 
_pdbx_database_status.status_code_nmr_data            ? 
_pdbx_database_status.methods_development_category    ? 
_pdbx_database_status.pdb_format_compatible           Y 
# 
loop_
_audit_author.name 
_audit_author.pdbx_ordinal 
_audit_author.identifier_ORCID 
'Wang, Z.' 1 0000-0001-6476-9781 
'Li, X.'   2 0000-0001-5221-0817 
# 
loop_
_citation.abstract 
_citation.abstract_id_CAS 
_citation.book_id_ISBN 
_citation.book_publisher 
_citation.book_publisher_city 
_citation.book_title 
_citation.coordinate_linkage 
_citation.country 
_citation.database_id_Medline 
_citation.details 
_citation.id 
_citation.journal_abbrev 
_citation.journal_id_ASTM 
_citation.journal_id_CSD 
_citation.journal_id_ISSN 
_citation.journal_full 
_citation.journal_issue 
_citation.journal_volume 
_citation.language 
_citation.page_first 
_citation.page_last 
_citation.title 
_citation.year 
_citation.database_id_CSD 
_citation.pdbx_database_id_DOI 
_citation.pdbx_database_id_PubMed 
_citation.unpublished_flag 
? ? ? ? ? ? ? UK ? ? primary 'Febs J.'        ?      ?    1742-464X ? ? 288 ? 6019  6034  
'The structural mechanism for the nucleoside tri- and diphosphate hydrolysis activity of Ntdp from Staphylococcus aureus.' 2021 ? 
10.1111/febs.15911 33955674 ? 
? ? ? ? ? ? ? US ? ? 1       'J. Biol. Chem.' JBCHA3 0071 0021-9258 ? ? 291 ? 18608 18619 
'Novel Nucleoside Diphosphatase Contributes to Staphylococcus aureus Virulence'                                            2016 ? 
?                  ?        ? 
# 
loop_
_citation_author.citation_id 
_citation_author.name 
_citation_author.ordinal 
_citation_author.identifier_ORCID 
primary 'Wang, Z.'  1 ? 
primary 'Shen, H.'  2 ? 
primary 'He, B.'    3 ? 
primary 'Teng, M.'  4 ? 
primary 'Guo, Q.'   5 ? 
primary 'Li, X.'    6 ? 
1       'Kenta, I.' 7 ? 
1       'Yuki, S.'  8 ? 
# 
loop_
_entity.id 
_entity.type 
_entity.src_method 
_entity.pdbx_description 
_entity.formula_weight 
_entity.pdbx_number_of_molecules 
_entity.pdbx_ec 
_entity.pdbx_mutation 
_entity.pdbx_fragment 
_entity.details 
1 polymer     man 'UPF0374 protein SA1684' 21734.592 1   ? ? ? ? 
2 non-polymer syn 'CITRIC ACID'            192.124   1   ? ? ? ? 
3 non-polymer syn GLYCEROL                 92.094    2   ? ? ? ? 
4 non-polymer syn 'MAGNESIUM ION'          24.305    2   ? ? ? ? 
5 water       nat water                    18.015    107 ? ? ? ? 
# 
_entity_poly.entity_id                      1 
_entity_poly.type                           'polypeptide(L)' 
_entity_poly.nstd_linkage                   no 
_entity_poly.nstd_monomer                   no 
_entity_poly.pdbx_seq_one_letter_code       
;MVRESIPKEGENIKIQSYKHDGKIHRVWSETTILKGTDHVVIGGNDHTLVTESDGRTWITREPAIVYFHSEYWFNVICMF
REDGIYYYCNLSSPFVCDEEALKYIDYDLDIKVYPNGKYHLLDEDEYEQHMNQMNYPHDIDIILRRNVDILQQWIEQKKG
PFAPDFIKVWKERYKKIRQY
;
_entity_poly.pdbx_seq_one_letter_code_can   
;MVRESIPKEGENIKIQSYKHDGKIHRVWSETTILKGTDHVVIGGNDHTLVTESDGRTWITREPAIVYFHSEYWFNVICMF
REDGIYYYCNLSSPFVCDEEALKYIDYDLDIKVYPNGKYHLLDEDEYEQHMNQMNYPHDIDIILRRNVDILQQWIEQKKG
PFAPDFIKVWKERYKKIRQY
;
_entity_poly.pdbx_strand_id                 A 
_entity_poly.pdbx_target_identifier         ? 
# 
loop_
_pdbx_entity_nonpoly.entity_id 
_pdbx_entity_nonpoly.name 
_pdbx_entity_nonpoly.comp_id 
2 'CITRIC ACID'   CIT 
3 GLYCEROL        GOL 
4 'MAGNESIUM ION' MG  
5 water           HOH 
# 
loop_
_entity_poly_seq.entity_id 
_entity_poly_seq.num 
_entity_poly_seq.mon_id 
_entity_poly_seq.hetero 
1 1   MET n 
1 2   VAL n 
1 3   ARG n 
1 4   GLU n 
1 5   SER n 
1 6   ILE n 
1 7   PRO n 
1 8   LYS n 
1 9   GLU n 
1 10  GLY n 
1 11  GLU n 
1 12  ASN n 
1 13  ILE n 
1 14  LYS n 
1 15  ILE n 
1 16  GLN n 
1 17  SER n 
1 18  TYR n 
1 19  LYS n 
1 20  HIS n 
1 21  ASP n 
1 22  GLY n 
1 23  LYS n 
1 24  ILE n 
1 25  HIS n 
1 26  ARG n 
1 27  VAL n 
1 28  TRP n 
1 29  SER n 
1 30  GLU n 
1 31  THR n 
1 32  THR n 
1 33  ILE n 
1 34  LEU n 
1 35  LYS n 
1 36  GLY n 
1 37  THR n 
1 38  ASP n 
1 39  HIS n 
1 40  VAL n 
1 41  VAL n 
1 42  ILE n 
1 43  GLY n 
1 44  GLY n 
1 45  ASN n 
1 46  ASP n 
1 47  HIS n 
1 48  THR n 
1 49  LEU n 
1 50  VAL n 
1 51  THR n 
1 52  GLU n 
1 53  SER n 
1 54  ASP n 
1 55  GLY n 
1 56  ARG n 
1 57  THR n 
1 58  TRP n 
1 59  ILE n 
1 60  THR n 
1 61  ARG n 
1 62  GLU n 
1 63  PRO n 
1 64  ALA n 
1 65  ILE n 
1 66  VAL n 
1 67  TYR n 
1 68  PHE n 
1 69  HIS n 
1 70  SER n 
1 71  GLU n 
1 72  TYR n 
1 73  TRP n 
1 74  PHE n 
1 75  ASN n 
1 76  VAL n 
1 77  ILE n 
1 78  CYS n 
1 79  MET n 
1 80  PHE n 
1 81  ARG n 
1 82  GLU n 
1 83  ASP n 
1 84  GLY n 
1 85  ILE n 
1 86  TYR n 
1 87  TYR n 
1 88  TYR n 
1 89  CYS n 
1 90  ASN n 
1 91  LEU n 
1 92  SER n 
1 93  SER n 
1 94  PRO n 
1 95  PHE n 
1 96  VAL n 
1 97  CYS n 
1 98  ASP n 
1 99  GLU n 
1 100 GLU n 
1 101 ALA n 
1 102 LEU n 
1 103 LYS n 
1 104 TYR n 
1 105 ILE n 
1 106 ASP n 
1 107 TYR n 
1 108 ASP n 
1 109 LEU n 
1 110 ASP n 
1 111 ILE n 
1 112 LYS n 
1 113 VAL n 
1 114 TYR n 
1 115 PRO n 
1 116 ASN n 
1 117 GLY n 
1 118 LYS n 
1 119 TYR n 
1 120 HIS n 
1 121 LEU n 
1 122 LEU n 
1 123 ASP n 
1 124 GLU n 
1 125 ASP n 
1 126 GLU n 
1 127 TYR n 
1 128 GLU n 
1 129 GLN n 
1 130 HIS n 
1 131 MET n 
1 132 ASN n 
1 133 GLN n 
1 134 MET n 
1 135 ASN n 
1 136 TYR n 
1 137 PRO n 
1 138 HIS n 
1 139 ASP n 
1 140 ILE n 
1 141 ASP n 
1 142 ILE n 
1 143 ILE n 
1 144 LEU n 
1 145 ARG n 
1 146 ARG n 
1 147 ASN n 
1 148 VAL n 
1 149 ASP n 
1 150 ILE n 
1 151 LEU n 
1 152 GLN n 
1 153 GLN n 
1 154 TRP n 
1 155 ILE n 
1 156 GLU n 
1 157 GLN n 
1 158 LYS n 
1 159 LYS n 
1 160 GLY n 
1 161 PRO n 
1 162 PHE n 
1 163 ALA n 
1 164 PRO n 
1 165 ASP n 
1 166 PHE n 
1 167 ILE n 
1 168 LYS n 
1 169 VAL n 
1 170 TRP n 
1 171 LYS n 
1 172 GLU n 
1 173 ARG n 
1 174 TYR n 
1 175 LYS n 
1 176 LYS n 
1 177 ILE n 
1 178 ARG n 
1 179 GLN n 
1 180 TYR n 
# 
_entity_src_gen.entity_id                          1 
_entity_src_gen.pdbx_src_id                        1 
_entity_src_gen.pdbx_alt_source_flag               sample 
_entity_src_gen.pdbx_seq_type                      'Biological sequence' 
_entity_src_gen.pdbx_beg_seq_num                   1 
_entity_src_gen.pdbx_end_seq_num                   180 
_entity_src_gen.gene_src_common_name               ? 
_entity_src_gen.gene_src_genus                     ? 
_entity_src_gen.pdbx_gene_src_gene                 SA1684 
_entity_src_gen.gene_src_species                   ? 
_entity_src_gen.gene_src_strain                    N315 
_entity_src_gen.gene_src_tissue                    ? 
_entity_src_gen.gene_src_tissue_fraction           ? 
_entity_src_gen.gene_src_details                   ? 
_entity_src_gen.pdbx_gene_src_fragment             ? 
_entity_src_gen.pdbx_gene_src_scientific_name      'Staphylococcus aureus subsp. aureus N315' 
_entity_src_gen.pdbx_gene_src_ncbi_taxonomy_id     158879 
_entity_src_gen.pdbx_gene_src_variant              ? 
_entity_src_gen.pdbx_gene_src_cell_line            ? 
_entity_src_gen.pdbx_gene_src_atcc                 ? 
_entity_src_gen.pdbx_gene_src_organ                ? 
_entity_src_gen.pdbx_gene_src_organelle            ? 
_entity_src_gen.pdbx_gene_src_cell                 ? 
_entity_src_gen.pdbx_gene_src_cellular_location    ? 
_entity_src_gen.host_org_common_name               ? 
_entity_src_gen.pdbx_host_org_scientific_name      'Escherichia coli BL21' 
_entity_src_gen.pdbx_host_org_ncbi_taxonomy_id     511693 
_entity_src_gen.host_org_genus                     ? 
_entity_src_gen.pdbx_host_org_gene                 ? 
_entity_src_gen.pdbx_host_org_organ                ? 
_entity_src_gen.host_org_species                   ? 
_entity_src_gen.pdbx_host_org_tissue               ? 
_entity_src_gen.pdbx_host_org_tissue_fraction      ? 
_entity_src_gen.pdbx_host_org_strain               BL21 
_entity_src_gen.pdbx_host_org_variant              ? 
_entity_src_gen.pdbx_host_org_cell_line            ? 
_entity_src_gen.pdbx_host_org_atcc                 ? 
_entity_src_gen.pdbx_host_org_culture_collection   ? 
_entity_src_gen.pdbx_host_org_cell                 ? 
_entity_src_gen.pdbx_host_org_organelle            ? 
_entity_src_gen.pdbx_host_org_cellular_location    ? 
_entity_src_gen.pdbx_host_org_vector_type          ? 
_entity_src_gen.pdbx_host_org_vector               ? 
_entity_src_gen.host_org_details                   ? 
_entity_src_gen.expression_system_id               ? 
_entity_src_gen.plasmid_name                       ? 
_entity_src_gen.plasmid_details                    ? 
_entity_src_gen.pdbx_description                   ? 
# 
loop_
_chem_comp.id 
_chem_comp.type 
_chem_comp.mon_nstd_flag 
_chem_comp.name 
_chem_comp.pdbx_synonyms 
_chem_comp.formula 
_chem_comp.formula_weight 
ALA 'L-peptide linking' y ALANINE         ?                               'C3 H7 N O2'     89.093  
ARG 'L-peptide linking' y ARGININE        ?                               'C6 H15 N4 O2 1' 175.209 
ASN 'L-peptide linking' y ASPARAGINE      ?                               'C4 H8 N2 O3'    132.118 
ASP 'L-peptide linking' y 'ASPARTIC ACID' ?                               'C4 H7 N O4'     133.103 
CIT non-polymer         . 'CITRIC ACID'   ?                               'C6 H8 O7'       192.124 
CYS 'L-peptide linking' y CYSTEINE        ?                               'C3 H7 N O2 S'   121.158 
GLN 'L-peptide linking' y GLUTAMINE       ?                               'C5 H10 N2 O3'   146.144 
GLU 'L-peptide linking' y 'GLUTAMIC ACID' ?                               'C5 H9 N O4'     147.129 
GLY 'peptide linking'   y GLYCINE         ?                               'C2 H5 N O2'     75.067  
GOL non-polymer         . GLYCEROL        'GLYCERIN; PROPANE-1,2,3-TRIOL' 'C3 H8 O3'       92.094  
HIS 'L-peptide linking' y HISTIDINE       ?                               'C6 H10 N3 O2 1' 156.162 
HOH non-polymer         . WATER           ?                               'H2 O'           18.015  
ILE 'L-peptide linking' y ISOLEUCINE      ?                               'C6 H13 N O2'    131.173 
LEU 'L-peptide linking' y LEUCINE         ?                               'C6 H13 N O2'    131.173 
LYS 'L-peptide linking' y LYSINE          ?                               'C6 H15 N2 O2 1' 147.195 
MET 'L-peptide linking' y METHIONINE      ?                               'C5 H11 N O2 S'  149.211 
MG  non-polymer         . 'MAGNESIUM ION' ?                               'Mg 2'           24.305  
PHE 'L-peptide linking' y PHENYLALANINE   ?                               'C9 H11 N O2'    165.189 
PRO 'L-peptide linking' y PROLINE         ?                               'C5 H9 N O2'     115.130 
SER 'L-peptide linking' y SERINE          ?                               'C3 H7 N O3'     105.093 
THR 'L-peptide linking' y THREONINE       ?                               'C4 H9 N O3'     119.119 
TRP 'L-peptide linking' y TRYPTOPHAN      ?                               'C11 H12 N2 O2'  204.225 
TYR 'L-peptide linking' y TYROSINE        ?                               'C9 H11 N O3'    181.189 
VAL 'L-peptide linking' y VALINE          ?                               'C5 H11 N O2'    117.146 
# 
loop_
_pdbx_poly_seq_scheme.asym_id 
_pdbx_poly_seq_scheme.entity_id 
_pdbx_poly_seq_scheme.seq_id 
_pdbx_poly_seq_scheme.mon_id 
_pdbx_poly_seq_scheme.ndb_seq_num 
_pdbx_poly_seq_scheme.pdb_seq_num 
_pdbx_poly_seq_scheme.auth_seq_num 
_pdbx_poly_seq_scheme.pdb_mon_id 
_pdbx_poly_seq_scheme.auth_mon_id 
_pdbx_poly_seq_scheme.pdb_strand_id 
_pdbx_poly_seq_scheme.pdb_ins_code 
_pdbx_poly_seq_scheme.hetero 
A 1 1   MET 1   1   ?   ?   ?   A . n 
A 1 2   VAL 2   2   ?   ?   ?   A . n 
A 1 3   ARG 3   3   ?   ?   ?   A . n 
A 1 4   GLU 4   4   ?   ?   ?   A . n 
A 1 5   SER 5   5   5   SER SER A . n 
A 1 6   ILE 6   6   6   ILE ILE A . n 
A 1 7   PRO 7   7   7   PRO PRO A . n 
A 1 8   LYS 8   8   8   LYS LYS A . n 
A 1 9   GLU 9   9   9   GLU GLU A . n 
A 1 10  GLY 10  10  10  GLY GLY A . n 
A 1 11  GLU 11  11  11  GLU GLU A . n 
A 1 12  ASN 12  12  12  ASN ASN A . n 
A 1 13  ILE 13  13  13  ILE ILE A . n 
A 1 14  LYS 14  14  14  LYS LYS A . n 
A 1 15  ILE 15  15  15  ILE ILE A . n 
A 1 16  GLN 16  16  16  GLN GLN A . n 
A 1 17  SER 17  17  17  SER SER A . n 
A 1 18  TYR 18  18  18  TYR TYR A . n 
A 1 19  LYS 19  19  19  LYS LYS A . n 
A 1 20  HIS 20  20  20  HIS HIS A . n 
A 1 21  ASP 21  21  21  ASP ASP A . n 
A 1 22  GLY 22  22  22  GLY GLY A . n 
A 1 23  LYS 23  23  23  LYS LYS A . n 
A 1 24  ILE 24  24  24  ILE ILE A . n 
A 1 25  HIS 25  25  25  HIS HIS A . n 
A 1 26  ARG 26  26  26  ARG ARG A . n 
A 1 27  VAL 27  27  27  VAL VAL A . n 
A 1 28  TRP 28  28  28  TRP TRP A . n 
A 1 29  SER 29  29  29  SER SER A . n 
A 1 30  GLU 30  30  30  GLU GLU A . n 
A 1 31  THR 31  31  31  THR THR A . n 
A 1 32  THR 32  32  32  THR THR A . n 
A 1 33  ILE 33  33  33  ILE ILE A . n 
A 1 34  LEU 34  34  34  LEU LEU A . n 
A 1 35  LYS 35  35  35  LYS LYS A . n 
A 1 36  GLY 36  36  36  GLY GLY A . n 
A 1 37  THR 37  37  37  THR THR A . n 
A 1 38  ASP 38  38  38  ASP ASP A . n 
A 1 39  HIS 39  39  39  HIS HIS A . n 
A 1 40  VAL 40  40  40  VAL VAL A . n 
A 1 41  VAL 41  41  41  VAL VAL A . n 
A 1 42  ILE 42  42  42  ILE ILE A . n 
A 1 43  GLY 43  43  43  GLY GLY A . n 
A 1 44  GLY 44  44  44  GLY GLY A . n 
A 1 45  ASN 45  45  45  ASN ASN A . n 
A 1 46  ASP 46  46  46  ASP ASP A . n 
A 1 47  HIS 47  47  47  HIS HIS A . n 
A 1 48  THR 48  48  48  THR THR A . n 
A 1 49  LEU 49  49  49  LEU LEU A . n 
A 1 50  VAL 50  50  50  VAL VAL A . n 
A 1 51  THR 51  51  51  THR THR A . n 
A 1 52  GLU 52  52  52  GLU GLU A . n 
A 1 53  SER 53  53  53  SER SER A . n 
A 1 54  ASP 54  54  54  ASP ASP A . n 
A 1 55  GLY 55  55  55  GLY GLY A . n 
A 1 56  ARG 56  56  56  ARG ARG A . n 
A 1 57  THR 57  57  57  THR THR A . n 
A 1 58  TRP 58  58  58  TRP TRP A . n 
A 1 59  ILE 59  59  59  ILE ILE A . n 
A 1 60  THR 60  60  60  THR THR A . n 
A 1 61  ARG 61  61  61  ARG ARG A . n 
A 1 62  GLU 62  62  62  GLU GLU A . n 
A 1 63  PRO 63  63  63  PRO PRO A . n 
A 1 64  ALA 64  64  64  ALA ALA A . n 
A 1 65  ILE 65  65  65  ILE ILE A . n 
A 1 66  VAL 66  66  66  VAL VAL A . n 
A 1 67  TYR 67  67  67  TYR TYR A . n 
A 1 68  PHE 68  68  68  PHE PHE A . n 
A 1 69  HIS 69  69  69  HIS HIS A . n 
A 1 70  SER 70  70  70  SER SER A . n 
A 1 71  GLU 71  71  71  GLU GLU A . n 
A 1 72  TYR 72  72  72  TYR TYR A . n 
A 1 73  TRP 73  73  73  TRP TRP A . n 
A 1 74  PHE 74  74  74  PHE PHE A . n 
A 1 75  ASN 75  75  75  ASN ASN A . n 
A 1 76  VAL 76  76  76  VAL VAL A . n 
A 1 77  ILE 77  77  77  ILE ILE A . n 
A 1 78  CYS 78  78  78  CYS CYS A . n 
A 1 79  MET 79  79  79  MET MET A . n 
A 1 80  PHE 80  80  80  PHE PHE A . n 
A 1 81  ARG 81  81  81  ARG ARG A . n 
A 1 82  GLU 82  82  82  GLU GLU A . n 
A 1 83  ASP 83  83  83  ASP ASP A . n 
A 1 84  GLY 84  84  84  GLY GLY A . n 
A 1 85  ILE 85  85  85  ILE ILE A . n 
A 1 86  TYR 86  86  86  TYR TYR A . n 
A 1 87  TYR 87  87  87  TYR TYR A . n 
A 1 88  TYR 88  88  88  TYR TYR A . n 
A 1 89  CYS 89  89  89  CYS CYS A . n 
A 1 90  ASN 90  90  90  ASN ASN A . n 
A 1 91  LEU 91  91  91  LEU LEU A . n 
A 1 92  SER 92  92  92  SER SER A . n 
A 1 93  SER 93  93  93  SER SER A . n 
A 1 94  PRO 94  94  94  PRO PRO A . n 
A 1 95  PHE 95  95  95  PHE PHE A . n 
A 1 96  VAL 96  96  96  VAL VAL A . n 
A 1 97  CYS 97  97  97  CYS CYS A . n 
A 1 98  ASP 98  98  98  ASP ASP A . n 
A 1 99  GLU 99  99  99  GLU GLU A . n 
A 1 100 GLU 100 100 100 GLU GLU A . n 
A 1 101 ALA 101 101 101 ALA ALA A . n 
A 1 102 LEU 102 102 102 LEU LEU A . n 
A 1 103 LYS 103 103 103 LYS LYS A . n 
A 1 104 TYR 104 104 104 TYR TYR A . n 
A 1 105 ILE 105 105 105 ILE ILE A . n 
A 1 106 ASP 106 106 106 ASP ASP A . n 
A 1 107 TYR 107 107 107 TYR TYR A . n 
A 1 108 ASP 108 108 108 ASP ASP A . n 
A 1 109 LEU 109 109 109 LEU LEU A . n 
A 1 110 ASP 110 110 110 ASP ASP A . n 
A 1 111 ILE 111 111 111 ILE ILE A . n 
A 1 112 LYS 112 112 112 LYS LYS A . n 
A 1 113 VAL 113 113 113 VAL VAL A . n 
A 1 114 TYR 114 114 114 TYR TYR A . n 
A 1 115 PRO 115 115 115 PRO PRO A . n 
A 1 116 ASN 116 116 116 ASN ASN A . n 
A 1 117 GLY 117 117 117 GLY GLY A . n 
A 1 118 LYS 118 118 118 LYS LYS A . n 
A 1 119 TYR 119 119 119 TYR TYR A . n 
A 1 120 HIS 120 120 120 HIS HIS A . n 
A 1 121 LEU 121 121 121 LEU LEU A . n 
A 1 122 LEU 122 122 122 LEU LEU A . n 
A 1 123 ASP 123 123 123 ASP ASP A . n 
A 1 124 GLU 124 124 124 GLU GLU A . n 
A 1 125 ASP 125 125 125 ASP ASP A . n 
A 1 126 GLU 126 126 126 GLU GLU A . n 
A 1 127 TYR 127 127 127 TYR TYR A . n 
A 1 128 GLU 128 128 128 GLU GLU A . n 
A 1 129 GLN 129 129 129 GLN GLN A . n 
A 1 130 HIS 130 130 130 HIS HIS A . n 
A 1 131 MET 131 131 131 MET MET A . n 
A 1 132 ASN 132 132 132 ASN ASN A . n 
A 1 133 GLN 133 133 133 GLN GLN A . n 
A 1 134 MET 134 134 134 MET MET A . n 
A 1 135 ASN 135 135 135 ASN ASN A . n 
A 1 136 TYR 136 136 136 TYR TYR A . n 
A 1 137 PRO 137 137 137 PRO PRO A . n 
A 1 138 HIS 138 138 138 HIS HIS A . n 
A 1 139 ASP 139 139 139 ASP ASP A . n 
A 1 140 ILE 140 140 140 ILE ILE A . n 
A 1 141 ASP 141 141 141 ASP ASP A . n 
A 1 142 ILE 142 142 142 ILE ILE A . n 
A 1 143 ILE 143 143 143 ILE ILE A . n 
A 1 144 LEU 144 144 144 LEU LEU A . n 
A 1 145 ARG 145 145 145 ARG ARG A . n 
A 1 146 ARG 146 146 146 ARG ARG A . n 
A 1 147 ASN 147 147 147 ASN ASN A . n 
A 1 148 VAL 148 148 148 VAL VAL A . n 
A 1 149 ASP 149 149 149 ASP ASP A . n 
A 1 150 ILE 150 150 150 ILE ILE A . n 
A 1 151 LEU 151 151 151 LEU LEU A . n 
A 1 152 GLN 152 152 152 GLN GLN A . n 
A 1 153 GLN 153 153 153 GLN GLN A . n 
A 1 154 TRP 154 154 154 TRP TRP A . n 
A 1 155 ILE 155 155 155 ILE ILE A . n 
A 1 156 GLU 156 156 156 GLU GLU A . n 
A 1 157 GLN 157 157 157 GLN GLN A . n 
A 1 158 LYS 158 158 158 LYS LYS A . n 
A 1 159 LYS 159 159 159 LYS LYS A . n 
A 1 160 GLY 160 160 160 GLY GLY A . n 
A 1 161 PRO 161 161 161 PRO PRO A . n 
A 1 162 PHE 162 162 162 PHE PHE A . n 
A 1 163 ALA 163 163 163 ALA ALA A . n 
A 1 164 PRO 164 164 164 PRO PRO A . n 
A 1 165 ASP 165 165 165 ASP ASP A . n 
A 1 166 PHE 166 166 166 PHE PHE A . n 
A 1 167 ILE 167 167 167 ILE ILE A . n 
A 1 168 LYS 168 168 168 LYS LYS A . n 
A 1 169 VAL 169 169 169 VAL VAL A . n 
A 1 170 TRP 170 170 170 TRP TRP A . n 
A 1 171 LYS 171 171 171 LYS LYS A . n 
A 1 172 GLU 172 172 172 GLU GLU A . n 
A 1 173 ARG 173 173 173 ARG ARG A . n 
A 1 174 TYR 174 174 174 TYR TYR A . n 
A 1 175 LYS 175 175 175 LYS LYS A . n 
A 1 176 LYS 176 176 176 LYS LYS A . n 
A 1 177 ILE 177 177 177 ILE ILE A . n 
A 1 178 ARG 178 178 178 ARG ARG A . n 
A 1 179 GLN 179 179 ?   ?   ?   A . n 
A 1 180 TYR 180 180 ?   ?   ?   A . n 
# 
loop_
_pdbx_nonpoly_scheme.asym_id 
_pdbx_nonpoly_scheme.entity_id 
_pdbx_nonpoly_scheme.mon_id 
_pdbx_nonpoly_scheme.ndb_seq_num 
_pdbx_nonpoly_scheme.pdb_seq_num 
_pdbx_nonpoly_scheme.auth_seq_num 
_pdbx_nonpoly_scheme.pdb_mon_id 
_pdbx_nonpoly_scheme.auth_mon_id 
_pdbx_nonpoly_scheme.pdb_strand_id 
_pdbx_nonpoly_scheme.pdb_ins_code 
B 2 CIT 1   201 201 CIT CIT A . 
C 3 GOL 1   202 601 GOL GOL A . 
D 3 GOL 1   203 701 GOL GOL A . 
E 4 MG  1   204 801 MG  MG  A . 
F 4 MG  1   205 901 MG  MG  A . 
G 5 HOH 1   301 34  HOH HOH A . 
G 5 HOH 2   302 84  HOH HOH A . 
G 5 HOH 3   303 37  HOH HOH A . 
G 5 HOH 4   304 46  HOH HOH A . 
G 5 HOH 5   305 88  HOH HOH A . 
G 5 HOH 6   306 47  HOH HOH A . 
G 5 HOH 7   307 55  HOH HOH A . 
G 5 HOH 8   308 43  HOH HOH A . 
G 5 HOH 9   309 91  HOH HOH A . 
G 5 HOH 10  310 6   HOH HOH A . 
G 5 HOH 11  311 65  HOH HOH A . 
G 5 HOH 12  312 7   HOH HOH A . 
G 5 HOH 13  313 27  HOH HOH A . 
G 5 HOH 14  314 101 HOH HOH A . 
G 5 HOH 15  315 58  HOH HOH A . 
G 5 HOH 16  316 44  HOH HOH A . 
G 5 HOH 17  317 83  HOH HOH A . 
G 5 HOH 18  318 14  HOH HOH A . 
G 5 HOH 19  319 2   HOH HOH A . 
G 5 HOH 20  320 62  HOH HOH A . 
G 5 HOH 21  321 51  HOH HOH A . 
G 5 HOH 22  322 33  HOH HOH A . 
G 5 HOH 23  323 70  HOH HOH A . 
G 5 HOH 24  324 92  HOH HOH A . 
G 5 HOH 25  325 102 HOH HOH A . 
G 5 HOH 26  326 13  HOH HOH A . 
G 5 HOH 27  327 12  HOH HOH A . 
G 5 HOH 28  328 68  HOH HOH A . 
G 5 HOH 29  329 9   HOH HOH A . 
G 5 HOH 30  330 50  HOH HOH A . 
G 5 HOH 31  331 63  HOH HOH A . 
G 5 HOH 32  332 74  HOH HOH A . 
G 5 HOH 33  333 72  HOH HOH A . 
G 5 HOH 34  334 94  HOH HOH A . 
G 5 HOH 35  335 76  HOH HOH A . 
G 5 HOH 36  336 5   HOH HOH A . 
G 5 HOH 37  337 38  HOH HOH A . 
G 5 HOH 38  338 21  HOH HOH A . 
G 5 HOH 39  339 81  HOH HOH A . 
G 5 HOH 40  340 41  HOH HOH A . 
G 5 HOH 41  341 4   HOH HOH A . 
G 5 HOH 42  342 19  HOH HOH A . 
G 5 HOH 43  343 30  HOH HOH A . 
G 5 HOH 44  344 82  HOH HOH A . 
G 5 HOH 45  345 24  HOH HOH A . 
G 5 HOH 46  346 75  HOH HOH A . 
G 5 HOH 47  347 15  HOH HOH A . 
G 5 HOH 48  348 40  HOH HOH A . 
G 5 HOH 49  349 10  HOH HOH A . 
G 5 HOH 50  350 56  HOH HOH A . 
G 5 HOH 51  351 49  HOH HOH A . 
G 5 HOH 52  352 3   HOH HOH A . 
G 5 HOH 53  353 85  HOH HOH A . 
G 5 HOH 54  354 25  HOH HOH A . 
G 5 HOH 55  355 93  HOH HOH A . 
G 5 HOH 56  356 73  HOH HOH A . 
G 5 HOH 57  357 57  HOH HOH A . 
G 5 HOH 58  358 26  HOH HOH A . 
G 5 HOH 59  359 29  HOH HOH A . 
G 5 HOH 60  360 36  HOH HOH A . 
G 5 HOH 61  361 77  HOH HOH A . 
G 5 HOH 62  362 8   HOH HOH A . 
G 5 HOH 63  363 42  HOH HOH A . 
G 5 HOH 64  364 69  HOH HOH A . 
G 5 HOH 65  365 99  HOH HOH A . 
G 5 HOH 66  366 18  HOH HOH A . 
G 5 HOH 67  367 59  HOH HOH A . 
G 5 HOH 68  368 48  HOH HOH A . 
G 5 HOH 69  369 35  HOH HOH A . 
G 5 HOH 70  370 78  HOH HOH A . 
G 5 HOH 71  371 95  HOH HOH A . 
G 5 HOH 72  372 39  HOH HOH A . 
G 5 HOH 73  373 61  HOH HOH A . 
G 5 HOH 74  374 23  HOH HOH A . 
G 5 HOH 75  375 32  HOH HOH A . 
G 5 HOH 76  376 86  HOH HOH A . 
G 5 HOH 77  377 52  HOH HOH A . 
G 5 HOH 78  378 28  HOH HOH A . 
G 5 HOH 79  379 107 HOH HOH A . 
G 5 HOH 80  380 80  HOH HOH A . 
G 5 HOH 81  381 67  HOH HOH A . 
G 5 HOH 82  382 31  HOH HOH A . 
G 5 HOH 83  383 11  HOH HOH A . 
G 5 HOH 84  384 60  HOH HOH A . 
G 5 HOH 85  385 22  HOH HOH A . 
G 5 HOH 86  386 66  HOH HOH A . 
G 5 HOH 87  387 17  HOH HOH A . 
G 5 HOH 88  388 1   HOH HOH A . 
G 5 HOH 89  389 71  HOH HOH A . 
G 5 HOH 90  390 98  HOH HOH A . 
G 5 HOH 91  391 64  HOH HOH A . 
G 5 HOH 92  392 45  HOH HOH A . 
G 5 HOH 93  393 87  HOH HOH A . 
G 5 HOH 94  394 105 HOH HOH A . 
G 5 HOH 95  395 90  HOH HOH A . 
G 5 HOH 96  396 79  HOH HOH A . 
G 5 HOH 97  397 106 HOH HOH A . 
G 5 HOH 98  398 54  HOH HOH A . 
G 5 HOH 99  399 104 HOH HOH A . 
G 5 HOH 100 400 97  HOH HOH A . 
G 5 HOH 101 401 16  HOH HOH A . 
G 5 HOH 102 402 89  HOH HOH A . 
G 5 HOH 103 403 96  HOH HOH A . 
G 5 HOH 104 404 20  HOH HOH A . 
G 5 HOH 105 405 53  HOH HOH A . 
G 5 HOH 106 406 103 HOH HOH A . 
G 5 HOH 107 407 100 HOH HOH A . 
# 
loop_
_software.citation_id 
_software.classification 
_software.compiler_name 
_software.compiler_version 
_software.contact_author 
_software.contact_author_email 
_software.date 
_software.description 
_software.dependencies 
_software.hardware 
_software.language 
_software.location 
_software.mods 
_software.name 
_software.os 
_software.os_version 
_software.type 
_software.version 
_software.pdbx_ordinal 
? refinement        ? ? ? ? ? ? ? ? ? ? ? REFMAC      ? ? ? 5.8.0258 1 
? 'data scaling'    ? ? ? ? ? ? ? ? ? ? ? HKL-2000    ? ? ? .        2 
? 'data extraction' ? ? ? ? ? ? ? ? ? ? ? PDB_EXTRACT ? ? ? 3.25     3 
? 'data reduction'  ? ? ? ? ? ? ? ? ? ? ? HKL-2000    ? ? ? .        4 
? phasing           ? ? ? ? ? ? ? ? ? ? ? PHENIX      ? ? ? .        5 
# 
_cell.angle_alpha                  90.000 
_cell.angle_alpha_esd              ? 
_cell.angle_beta                   109.160 
_cell.angle_beta_esd               ? 
_cell.angle_gamma                  90.000 
_cell.angle_gamma_esd              ? 
_cell.entry_id                     7D8G 
_cell.details                      ? 
_cell.formula_units_Z              ? 
_cell.length_a                     48.906 
_cell.length_a_esd                 ? 
_cell.length_b                     36.056 
_cell.length_b_esd                 ? 
_cell.length_c                     56.309 
_cell.length_c_esd                 ? 
_cell.volume                       ? 
_cell.volume_esd                   ? 
_cell.Z_PDB                        2 
_cell.reciprocal_angle_alpha       ? 
_cell.reciprocal_angle_beta        ? 
_cell.reciprocal_angle_gamma       ? 
_cell.reciprocal_angle_alpha_esd   ? 
_cell.reciprocal_angle_beta_esd    ? 
_cell.reciprocal_angle_gamma_esd   ? 
_cell.reciprocal_length_a          ? 
_cell.reciprocal_length_b          ? 
_cell.reciprocal_length_c          ? 
_cell.reciprocal_length_a_esd      ? 
_cell.reciprocal_length_b_esd      ? 
_cell.reciprocal_length_c_esd      ? 
_cell.pdbx_unique_axis             ? 
# 
_symmetry.entry_id                         7D8G 
_symmetry.cell_setting                     ? 
_symmetry.Int_Tables_number                4 
_symmetry.space_group_name_Hall            ? 
_symmetry.space_group_name_H-M             'P 1 21 1' 
_symmetry.pdbx_full_space_group_name_H-M   ? 
# 
_exptl.absorpt_coefficient_mu     ? 
_exptl.absorpt_correction_T_max   ? 
_exptl.absorpt_correction_T_min   ? 
_exptl.absorpt_correction_type    ? 
_exptl.absorpt_process_details    ? 
_exptl.entry_id                   7D8G 
_exptl.crystals_number            1 
_exptl.details                    ? 
_exptl.method                     'X-RAY DIFFRACTION' 
_exptl.method_details             ? 
# 
_exptl_crystal.colour                      ? 
_exptl_crystal.density_diffrn              ? 
_exptl_crystal.density_Matthews            2.20 
_exptl_crystal.density_method              ? 
_exptl_crystal.density_percent_sol         44.08 
_exptl_crystal.description                 ? 
_exptl_crystal.F_000                       ? 
_exptl_crystal.id                          1 
_exptl_crystal.preparation                 ? 
_exptl_crystal.size_max                    ? 
_exptl_crystal.size_mid                    ? 
_exptl_crystal.size_min                    ? 
_exptl_crystal.size_rad                    ? 
_exptl_crystal.colour_lustre               ? 
_exptl_crystal.colour_modifier             ? 
_exptl_crystal.colour_primary              ? 
_exptl_crystal.density_meas                ? 
_exptl_crystal.density_meas_esd            ? 
_exptl_crystal.density_meas_gt             ? 
_exptl_crystal.density_meas_lt             ? 
_exptl_crystal.density_meas_temp           ? 
_exptl_crystal.density_meas_temp_esd       ? 
_exptl_crystal.density_meas_temp_gt        ? 
_exptl_crystal.density_meas_temp_lt        ? 
_exptl_crystal.pdbx_crystal_image_url      ? 
_exptl_crystal.pdbx_crystal_image_format   ? 
_exptl_crystal.pdbx_mosaicity              ? 
_exptl_crystal.pdbx_mosaicity_esd          ? 
# 
_exptl_crystal_grow.apparatus       ? 
_exptl_crystal_grow.atmosphere      ? 
_exptl_crystal_grow.crystal_id      1 
_exptl_crystal_grow.details         ? 
_exptl_crystal_grow.method          'VAPOR DIFFUSION, HANGING DROP' 
_exptl_crystal_grow.method_ref      ? 
_exptl_crystal_grow.pH              ? 
_exptl_crystal_grow.pressure        ? 
_exptl_crystal_grow.pressure_esd    ? 
_exptl_crystal_grow.seeding         ? 
_exptl_crystal_grow.seeding_ref     ? 
_exptl_crystal_grow.temp            289.15 
_exptl_crystal_grow.temp_details    ? 
_exptl_crystal_grow.temp_esd        ? 
_exptl_crystal_grow.time            ? 
_exptl_crystal_grow.pdbx_details    '20% PEG400, 0.1M sodium citrate pH 5.5.' 
_exptl_crystal_grow.pdbx_pH_range   ? 
# 
_diffrn.ambient_environment              ? 
_diffrn.ambient_temp                     100 
_diffrn.ambient_temp_details             ? 
_diffrn.ambient_temp_esd                 ? 
_diffrn.crystal_id                       1 
_diffrn.crystal_support                  ? 
_diffrn.crystal_treatment                ? 
_diffrn.details                          ? 
_diffrn.id                               1 
_diffrn.ambient_pressure                 ? 
_diffrn.ambient_pressure_esd             ? 
_diffrn.ambient_pressure_gt              ? 
_diffrn.ambient_pressure_lt              ? 
_diffrn.ambient_temp_gt                  ? 
_diffrn.ambient_temp_lt                  ? 
_diffrn.pdbx_serial_crystal_experiment   N 
# 
_diffrn_detector.details                      ? 
_diffrn_detector.detector                     PIXEL 
_diffrn_detector.diffrn_id                    1 
_diffrn_detector.type                         'DECTRIS PILATUS3 S 6M' 
_diffrn_detector.area_resol_mean              ? 
_diffrn_detector.dtime                        ? 
_diffrn_detector.pdbx_frames_total            ? 
_diffrn_detector.pdbx_collection_time_total   ? 
_diffrn_detector.pdbx_collection_date         2017-01-18 
_diffrn_detector.pdbx_frequency               ? 
# 
_diffrn_radiation.collimation                      ? 
_diffrn_radiation.diffrn_id                        1 
_diffrn_radiation.filter_edge                      ? 
_diffrn_radiation.inhomogeneity                    ? 
_diffrn_radiation.monochromator                    ? 
_diffrn_radiation.polarisn_norm                    ? 
_diffrn_radiation.polarisn_ratio                   ? 
_diffrn_radiation.probe                            ? 
_diffrn_radiation.type                             ? 
_diffrn_radiation.xray_symbol                      ? 
_diffrn_radiation.wavelength_id                    1 
_diffrn_radiation.pdbx_monochromatic_or_laue_m_l   M 
_diffrn_radiation.pdbx_wavelength_list             ? 
_diffrn_radiation.pdbx_wavelength                  ? 
_diffrn_radiation.pdbx_diffrn_protocol             'SINGLE WAVELENGTH' 
_diffrn_radiation.pdbx_analyzer                    ? 
_diffrn_radiation.pdbx_scattering_type             x-ray 
# 
_diffrn_radiation_wavelength.id           1 
_diffrn_radiation_wavelength.wavelength   0.98752 
_diffrn_radiation_wavelength.wt           1.0 
# 
_diffrn_source.current                     ? 
_diffrn_source.details                     ? 
_diffrn_source.diffrn_id                   1 
_diffrn_source.power                       ? 
_diffrn_source.size                        ? 
_diffrn_source.source                      SYNCHROTRON 
_diffrn_source.target                      ? 
_diffrn_source.type                        'SSRF BEAMLINE BL19U1' 
_diffrn_source.voltage                     ? 
_diffrn_source.take-off_angle              ? 
_diffrn_source.pdbx_wavelength_list        0.98752 
_diffrn_source.pdbx_wavelength             ? 
_diffrn_source.pdbx_synchrotron_beamline   BL19U1 
_diffrn_source.pdbx_synchrotron_site       SSRF 
# 
_reflns.B_iso_Wilson_estimate            ? 
_reflns.entry_id                         7D8G 
_reflns.data_reduction_details           ? 
_reflns.data_reduction_method            ? 
_reflns.d_resolution_high                1.50 
_reflns.d_resolution_low                 50 
_reflns.details                          ? 
_reflns.limit_h_max                      ? 
_reflns.limit_h_min                      ? 
_reflns.limit_k_max                      ? 
_reflns.limit_k_min                      ? 
_reflns.limit_l_max                      ? 
_reflns.limit_l_min                      ? 
_reflns.number_all                       ? 
_reflns.number_obs                       29587 
_reflns.observed_criterion               ? 
_reflns.observed_criterion_F_max         ? 
_reflns.observed_criterion_F_min         ? 
_reflns.observed_criterion_I_max         ? 
_reflns.observed_criterion_I_min         ? 
_reflns.observed_criterion_sigma_F       ? 
_reflns.observed_criterion_sigma_I       ? 
_reflns.percent_possible_obs             98.6 
_reflns.R_free_details                   ? 
_reflns.Rmerge_F_all                     ? 
_reflns.Rmerge_F_obs                     ? 
_reflns.Friedel_coverage                 ? 
_reflns.number_gt                        ? 
_reflns.threshold_expression             ? 
_reflns.pdbx_redundancy                  6.7 
_reflns.pdbx_Rmerge_I_obs                0.051 
_reflns.pdbx_Rmerge_I_all                ? 
_reflns.pdbx_Rsym_value                  ? 
_reflns.pdbx_netI_over_av_sigmaI         ? 
_reflns.pdbx_netI_over_sigmaI            27.25 
_reflns.pdbx_res_netI_over_av_sigmaI_2   ? 
_reflns.pdbx_res_netI_over_sigmaI_2      ? 
_reflns.pdbx_chi_squared                 ? 
_reflns.pdbx_scaling_rejects             ? 
_reflns.pdbx_d_res_high_opt              ? 
_reflns.pdbx_d_res_low_opt               ? 
_reflns.pdbx_d_res_opt_method            ? 
_reflns.phase_calculation_details        ? 
_reflns.pdbx_Rrim_I_all                  ? 
_reflns.pdbx_Rpim_I_all                  ? 
_reflns.pdbx_d_opt                       ? 
_reflns.pdbx_number_measured_all         ? 
_reflns.pdbx_diffrn_id                   1 
_reflns.pdbx_ordinal                     1 
_reflns.pdbx_CC_half                     ? 
_reflns.pdbx_CC_star                     ? 
_reflns.pdbx_R_split                     ? 
# 
_reflns_shell.d_res_high                  1.50 
_reflns_shell.d_res_low                   1.53 
_reflns_shell.meanI_over_sigI_all         ? 
_reflns_shell.meanI_over_sigI_obs         ? 
_reflns_shell.number_measured_all         ? 
_reflns_shell.number_measured_obs         ? 
_reflns_shell.number_possible             ? 
_reflns_shell.number_unique_all           ? 
_reflns_shell.number_unique_obs           1466 
_reflns_shell.percent_possible_all        95.3 
_reflns_shell.percent_possible_obs        ? 
_reflns_shell.Rmerge_F_all                ? 
_reflns_shell.Rmerge_F_obs                ? 
_reflns_shell.Rmerge_I_all                ? 
_reflns_shell.Rmerge_I_obs                ? 
_reflns_shell.meanI_over_sigI_gt          ? 
_reflns_shell.meanI_over_uI_all           ? 
_reflns_shell.meanI_over_uI_gt            ? 
_reflns_shell.number_measured_gt          ? 
_reflns_shell.number_unique_gt            ? 
_reflns_shell.percent_possible_gt         ? 
_reflns_shell.Rmerge_F_gt                 ? 
_reflns_shell.Rmerge_I_gt                 ? 
_reflns_shell.pdbx_redundancy             ? 
_reflns_shell.pdbx_Rsym_value             ? 
_reflns_shell.pdbx_chi_squared            ? 
_reflns_shell.pdbx_netI_over_sigmaI_all   ? 
_reflns_shell.pdbx_netI_over_sigmaI_obs   ? 
_reflns_shell.pdbx_Rrim_I_all             ? 
_reflns_shell.pdbx_Rpim_I_all             ? 
_reflns_shell.pdbx_rejects                ? 
_reflns_shell.pdbx_ordinal                1 
_reflns_shell.pdbx_diffrn_id              1 
_reflns_shell.pdbx_CC_half                0.968 
_reflns_shell.pdbx_CC_star                ? 
_reflns_shell.pdbx_R_split                ? 
# 
_refine.aniso_B[1][1]                            0.0600 
_refine.aniso_B[1][2]                            -0.0000 
_refine.aniso_B[1][3]                            -0.8300 
_refine.aniso_B[2][2]                            -0.5500 
_refine.aniso_B[2][3]                            -0.0000 
_refine.aniso_B[3][3]                            0.8600 
_refine.B_iso_max                                52.170 
_refine.B_iso_mean                               14.5040 
_refine.B_iso_min                                5.620 
_refine.correlation_coeff_Fo_to_Fc               0.9660 
_refine.correlation_coeff_Fo_to_Fc_free          0.9590 
_refine.details                                  
'HYDROGENS HAVE BEEN ADDED IN THE RIDING POSITIONS U VALUES      : REFINED INDIVIDUALLY' 
_refine.diff_density_max                         ? 
_refine.diff_density_max_esd                     ? 
_refine.diff_density_min                         ? 
_refine.diff_density_min_esd                     ? 
_refine.diff_density_rms                         ? 
_refine.diff_density_rms_esd                     ? 
_refine.entry_id                                 7D8G 
_refine.pdbx_refine_id                           'X-RAY DIFFRACTION' 
_refine.ls_abs_structure_details                 ? 
_refine.ls_abs_structure_Flack                   ? 
_refine.ls_abs_structure_Flack_esd               ? 
_refine.ls_abs_structure_Rogers                  ? 
_refine.ls_abs_structure_Rogers_esd              ? 
_refine.ls_d_res_high                            1.5000 
_refine.ls_d_res_low                             30.3200 
_refine.ls_extinction_coef                       ? 
_refine.ls_extinction_coef_esd                   ? 
_refine.ls_extinction_expression                 ? 
_refine.ls_extinction_method                     ? 
_refine.ls_goodness_of_fit_all                   ? 
_refine.ls_goodness_of_fit_all_esd               ? 
_refine.ls_goodness_of_fit_obs                   ? 
_refine.ls_goodness_of_fit_obs_esd               ? 
_refine.ls_hydrogen_treatment                    ? 
_refine.ls_matrix_type                           ? 
_refine.ls_number_constraints                    ? 
_refine.ls_number_parameters                     ? 
_refine.ls_number_reflns_all                     ? 
_refine.ls_number_reflns_obs                     28146 
_refine.ls_number_reflns_R_free                  1429 
_refine.ls_number_reflns_R_work                  ? 
_refine.ls_number_restraints                     ? 
_refine.ls_percent_reflns_obs                    98.8000 
_refine.ls_percent_reflns_R_free                 4.8000 
_refine.ls_R_factor_all                          ? 
_refine.ls_R_factor_obs                          0.1664 
_refine.ls_R_factor_R_free                       0.1887 
_refine.ls_R_factor_R_free_error                 ? 
_refine.ls_R_factor_R_free_error_details         ? 
_refine.ls_R_factor_R_work                       0.1654 
_refine.ls_R_Fsqd_factor_obs                     ? 
_refine.ls_R_I_factor_obs                        ? 
_refine.ls_redundancy_reflns_all                 ? 
_refine.ls_redundancy_reflns_obs                 ? 
_refine.ls_restrained_S_all                      ? 
_refine.ls_restrained_S_obs                      ? 
_refine.ls_shift_over_esd_max                    ? 
_refine.ls_shift_over_esd_mean                   ? 
_refine.ls_structure_factor_coef                 ? 
_refine.ls_weighting_details                     ? 
_refine.ls_weighting_scheme                      ? 
_refine.ls_wR_factor_all                         ? 
_refine.ls_wR_factor_obs                         ? 
_refine.ls_wR_factor_R_free                      ? 
_refine.ls_wR_factor_R_work                      ? 
_refine.occupancy_max                            ? 
_refine.occupancy_min                            ? 
_refine.solvent_model_details                    MASK 
_refine.solvent_model_param_bsol                 ? 
_refine.solvent_model_param_ksol                 ? 
_refine.pdbx_R_complete                          ? 
_refine.ls_R_factor_gt                           ? 
_refine.ls_goodness_of_fit_gt                    ? 
_refine.ls_goodness_of_fit_ref                   ? 
_refine.ls_shift_over_su_max                     ? 
_refine.ls_shift_over_su_max_lt                  ? 
_refine.ls_shift_over_su_mean                    ? 
_refine.ls_shift_over_su_mean_lt                 ? 
_refine.pdbx_ls_sigma_I                          ? 
_refine.pdbx_ls_sigma_F                          0.000 
_refine.pdbx_ls_sigma_Fsqd                       ? 
_refine.pdbx_data_cutoff_high_absF               ? 
_refine.pdbx_data_cutoff_high_rms_absF           ? 
_refine.pdbx_data_cutoff_low_absF                ? 
_refine.pdbx_isotropic_thermal_model             ? 
_refine.pdbx_ls_cross_valid_method               THROUGHOUT 
_refine.pdbx_method_to_determine_struct          SAD 
_refine.pdbx_starting_model                      ? 
_refine.pdbx_stereochemistry_target_values       'MAXIMUM LIKELIHOOD' 
_refine.pdbx_R_Free_selection_details            RANDOM 
_refine.pdbx_stereochem_target_val_spec_case     ? 
_refine.pdbx_overall_ESU_R                       0.0690 
_refine.pdbx_overall_ESU_R_Free                  0.0690 
_refine.pdbx_solvent_vdw_probe_radii             1.2000 
_refine.pdbx_solvent_ion_probe_radii             0.8000 
_refine.pdbx_solvent_shrinkage_radii             0.8000 
_refine.pdbx_real_space_R                        ? 
_refine.pdbx_density_correlation                 ? 
_refine.pdbx_pd_number_of_powder_patterns        ? 
_refine.pdbx_pd_number_of_points                 ? 
_refine.pdbx_pd_meas_number_of_points            ? 
_refine.pdbx_pd_proc_ls_prof_R_factor            ? 
_refine.pdbx_pd_proc_ls_prof_wR_factor           ? 
_refine.pdbx_pd_Marquardt_correlation_coeff      ? 
_refine.pdbx_pd_Fsqrd_R_factor                   ? 
_refine.pdbx_pd_ls_matrix_band_width             ? 
_refine.pdbx_overall_phase_error                 ? 
_refine.pdbx_overall_SU_R_free_Cruickshank_DPI   ? 
_refine.pdbx_overall_SU_R_free_Blow_DPI          ? 
_refine.pdbx_overall_SU_R_Blow_DPI               ? 
_refine.pdbx_TLS_residual_ADP_flag               ? 
_refine.pdbx_diffrn_id                           1 
_refine.overall_SU_B                             1.1990 
_refine.overall_SU_ML                            0.0450 
_refine.overall_SU_R_Cruickshank_DPI             ? 
_refine.overall_SU_R_free                        ? 
_refine.overall_FOM_free_R_set                   ? 
_refine.overall_FOM_work_R_set                   ? 
_refine.pdbx_average_fsc_overall                 ? 
_refine.pdbx_average_fsc_work                    ? 
_refine.pdbx_average_fsc_free                    ? 
# 
_refine_hist.pdbx_refine_id                   'X-RAY DIFFRACTION' 
_refine_hist.cycle_id                         final 
_refine_hist.details                          ? 
_refine_hist.d_res_high                       1.5000 
_refine_hist.d_res_low                        30.3200 
_refine_hist.number_atoms_solvent             107 
_refine_hist.number_atoms_total               1611 
_refine_hist.number_reflns_all                ? 
_refine_hist.number_reflns_obs                ? 
_refine_hist.number_reflns_R_free             ? 
_refine_hist.number_reflns_R_work             ? 
_refine_hist.R_factor_all                     ? 
_refine_hist.R_factor_obs                     ? 
_refine_hist.R_factor_R_free                  ? 
_refine_hist.R_factor_R_work                  ? 
_refine_hist.pdbx_number_residues_total       174 
_refine_hist.pdbx_B_iso_mean_ligand           25.29 
_refine_hist.pdbx_B_iso_mean_solvent          24.29 
_refine_hist.pdbx_number_atoms_protein        1477 
_refine_hist.pdbx_number_atoms_nucleic_acid   0 
_refine_hist.pdbx_number_atoms_ligand         27 
_refine_hist.pdbx_number_atoms_lipid          ? 
_refine_hist.pdbx_number_atoms_carb           ? 
_refine_hist.pdbx_pseudo_atom_details         ? 
# 
loop_
_refine_ls_restr.pdbx_refine_id 
_refine_ls_restr.criterion 
_refine_ls_restr.dev_ideal 
_refine_ls_restr.dev_ideal_target 
_refine_ls_restr.number 
_refine_ls_restr.rejects 
_refine_ls_restr.type 
_refine_ls_restr.weight 
_refine_ls_restr.pdbx_restraint_function 
'X-RAY DIFFRACTION' ? 0.013  0.013  1546 ? r_bond_refined_d       ? ? 
'X-RAY DIFFRACTION' ? 0.002  0.017  1373 ? r_bond_other_d         ? ? 
'X-RAY DIFFRACTION' ? 1.790  1.644  2093 ? r_angle_refined_deg    ? ? 
'X-RAY DIFFRACTION' ? 1.488  1.584  3198 ? r_angle_other_deg      ? ? 
'X-RAY DIFFRACTION' ? 7.205  5.000  175  ? r_dihedral_angle_1_deg ? ? 
'X-RAY DIFFRACTION' ? 36.382 22.967 91   ? r_dihedral_angle_2_deg ? ? 
'X-RAY DIFFRACTION' ? 13.413 15.000 268  ? r_dihedral_angle_3_deg ? ? 
'X-RAY DIFFRACTION' ? 19.659 15.000 8    ? r_dihedral_angle_4_deg ? ? 
'X-RAY DIFFRACTION' ? 0.090  0.200  192  ? r_chiral_restr         ? ? 
'X-RAY DIFFRACTION' ? 0.010  0.020  1701 ? r_gen_planes_refined   ? ? 
'X-RAY DIFFRACTION' ? 0.001  0.020  335  ? r_gen_planes_other     ? ? 
# 
_refine_ls_shell.pdbx_refine_id                   'X-RAY DIFFRACTION' 
_refine_ls_shell.d_res_high                       1.5010 
_refine_ls_shell.d_res_low                        1.5400 
_refine_ls_shell.number_reflns_all                2114 
_refine_ls_shell.number_reflns_obs                ? 
_refine_ls_shell.number_reflns_R_free             104 
_refine_ls_shell.number_reflns_R_work             2010 
_refine_ls_shell.percent_reflns_obs               97.3300 
_refine_ls_shell.percent_reflns_R_free            ? 
_refine_ls_shell.R_factor_all                     ? 
_refine_ls_shell.R_factor_obs                     ? 
_refine_ls_shell.R_factor_R_free                  0.2340 
_refine_ls_shell.R_factor_R_free_error            0.0000 
_refine_ls_shell.R_factor_R_work                  0.1950 
_refine_ls_shell.redundancy_reflns_all            ? 
_refine_ls_shell.redundancy_reflns_obs            ? 
_refine_ls_shell.wR_factor_all                    ? 
_refine_ls_shell.wR_factor_obs                    ? 
_refine_ls_shell.wR_factor_R_free                 ? 
_refine_ls_shell.wR_factor_R_work                 ? 
_refine_ls_shell.pdbx_R_complete                  ? 
_refine_ls_shell.pdbx_total_number_of_bins_used   20 
_refine_ls_shell.pdbx_phase_error                 ? 
_refine_ls_shell.pdbx_fsc_work                    ? 
_refine_ls_shell.pdbx_fsc_free                    ? 
# 
_struct.entry_id                     7D8G 
_struct.title                        'The crystal structure of nucleotide phosphatase Sa1684 from Staphylococcus aureus' 
_struct.pdbx_model_details           ? 
_struct.pdbx_formula_weight          ? 
_struct.pdbx_formula_weight_method   ? 
_struct.pdbx_model_type_details      ? 
_struct.pdbx_CASP_flag               N 
# 
_struct_keywords.entry_id        7D8G 
_struct_keywords.text            'nucleotide phospatase, cytosolic protein' 
_struct_keywords.pdbx_keywords   'CYTOSOLIC PROTEIN' 
# 
loop_
_struct_asym.id 
_struct_asym.pdbx_blank_PDB_chainid_flag 
_struct_asym.pdbx_modified 
_struct_asym.entity_id 
_struct_asym.details 
A N N 1 ? 
B N N 2 ? 
C N N 3 ? 
D N N 3 ? 
E N N 4 ? 
F N N 4 ? 
G N N 5 ? 
# 
_struct_ref.id                         1 
_struct_ref.db_name                    UNP 
_struct_ref.db_code                    Y1684_STAAN 
_struct_ref.pdbx_db_accession          Q7A4T2 
_struct_ref.pdbx_db_isoform            ? 
_struct_ref.entity_id                  1 
_struct_ref.pdbx_seq_one_letter_code   
;MVRESIPKEGENIKIQSYKHDGKIHRVWSETTILKGTDHVVIGGNDHTLVTESDGRTWITREPAIVYFHSEYWFNVICMF
REDGIYYYCNLSSPFVCDEEALKYIDYDLDIKVYPNGKYHLLDEDEYEQHMNQMNYPHDIDIILRRNVDILQQWIEQKKG
PFAPDFIKVWKERYKKIRQY
;
_struct_ref.pdbx_align_begin           1 
# 
_struct_ref_seq.align_id                      1 
_struct_ref_seq.ref_id                        1 
_struct_ref_seq.pdbx_PDB_id_code              7D8G 
_struct_ref_seq.pdbx_strand_id                A 
_struct_ref_seq.seq_align_beg                 1 
_struct_ref_seq.pdbx_seq_align_beg_ins_code   ? 
_struct_ref_seq.seq_align_end                 180 
_struct_ref_seq.pdbx_seq_align_end_ins_code   ? 
_struct_ref_seq.pdbx_db_accession             Q7A4T2 
_struct_ref_seq.db_align_beg                  1 
_struct_ref_seq.pdbx_db_align_beg_ins_code    ? 
_struct_ref_seq.db_align_end                  180 
_struct_ref_seq.pdbx_db_align_end_ins_code    ? 
_struct_ref_seq.pdbx_auth_seq_align_beg       1 
_struct_ref_seq.pdbx_auth_seq_align_end       180 
# 
_pdbx_struct_assembly.id                   1 
_pdbx_struct_assembly.details              author_and_software_defined_assembly 
_pdbx_struct_assembly.method_details       PISA 
_pdbx_struct_assembly.oligomeric_details   monomeric 
_pdbx_struct_assembly.oligomeric_count     1 
# 
loop_
_pdbx_struct_assembly_prop.biol_id 
_pdbx_struct_assembly_prop.type 
_pdbx_struct_assembly_prop.value 
_pdbx_struct_assembly_prop.details 
1 'ABSA (A^2)' 170  ? 
1 MORE         -15  ? 
1 'SSA (A^2)'  9340 ? 
# 
_pdbx_struct_assembly_gen.assembly_id       1 
_pdbx_struct_assembly_gen.oper_expression   1 
_pdbx_struct_assembly_gen.asym_id_list      A,B,C,D,E,F,G 
# 
_pdbx_struct_assembly_auth_evidence.id                     1 
_pdbx_struct_assembly_auth_evidence.assembly_id            1 
_pdbx_struct_assembly_auth_evidence.experimental_support   'native gel electrophoresis' 
_pdbx_struct_assembly_auth_evidence.details                ? 
# 
_pdbx_struct_oper_list.id                   1 
_pdbx_struct_oper_list.type                 'identity operation' 
_pdbx_struct_oper_list.name                 1_555 
_pdbx_struct_oper_list.symmetry_operation   x,y,z 
_pdbx_struct_oper_list.matrix[1][1]         1.0000000000 
_pdbx_struct_oper_list.matrix[1][2]         0.0000000000 
_pdbx_struct_oper_list.matrix[1][3]         0.0000000000 
_pdbx_struct_oper_list.vector[1]            0.0000000000 
_pdbx_struct_oper_list.matrix[2][1]         0.0000000000 
_pdbx_struct_oper_list.matrix[2][2]         1.0000000000 
_pdbx_struct_oper_list.matrix[2][3]         0.0000000000 
_pdbx_struct_oper_list.vector[2]            0.0000000000 
_pdbx_struct_oper_list.matrix[3][1]         0.0000000000 
_pdbx_struct_oper_list.matrix[3][2]         0.0000000000 
_pdbx_struct_oper_list.matrix[3][3]         1.0000000000 
_pdbx_struct_oper_list.vector[3]            0.0000000000 
# 
loop_
_struct_conf.conf_type_id 
_struct_conf.id 
_struct_conf.pdbx_PDB_helix_id 
_struct_conf.beg_label_comp_id 
_struct_conf.beg_label_asym_id 
_struct_conf.beg_label_seq_id 
_struct_conf.pdbx_beg_PDB_ins_code 
_struct_conf.end_label_comp_id 
_struct_conf.end_label_asym_id 
_struct_conf.end_label_seq_id 
_struct_conf.pdbx_end_PDB_ins_code 
_struct_conf.beg_auth_comp_id 
_struct_conf.beg_auth_asym_id 
_struct_conf.beg_auth_seq_id 
_struct_conf.end_auth_comp_id 
_struct_conf.end_auth_asym_id 
_struct_conf.end_auth_seq_id 
_struct_conf.pdbx_PDB_helix_class 
_struct_conf.details 
_struct_conf.pdbx_PDB_helix_length 
HELX_P HELX_P1 AA1 ASP A 123 ? MET A 134 ? ASP A 123 MET A 134 1 ? 12 
HELX_P HELX_P2 AA2 PRO A 137 ? LYS A 158 ? PRO A 137 LYS A 158 1 ? 22 
HELX_P HELX_P3 AA3 LYS A 159 ? PHE A 162 ? LYS A 159 PHE A 162 5 ? 4  
HELX_P HELX_P4 AA4 ALA A 163 ? ARG A 178 ? ALA A 163 ARG A 178 1 ? 16 
# 
_struct_conf_type.id          HELX_P 
_struct_conf_type.criteria    ? 
_struct_conf_type.reference   ? 
# 
loop_
_struct_conn.id 
_struct_conn.conn_type_id 
_struct_conn.pdbx_leaving_atom_flag 
_struct_conn.pdbx_PDB_id 
_struct_conn.ptnr1_label_asym_id 
_struct_conn.ptnr1_label_comp_id 
_struct_conn.ptnr1_label_seq_id 
_struct_conn.ptnr1_label_atom_id 
_struct_conn.pdbx_ptnr1_label_alt_id 
_struct_conn.pdbx_ptnr1_PDB_ins_code 
_struct_conn.pdbx_ptnr1_standard_comp_id 
_struct_conn.ptnr1_symmetry 
_struct_conn.ptnr2_label_asym_id 
_struct_conn.ptnr2_label_comp_id 
_struct_conn.ptnr2_label_seq_id 
_struct_conn.ptnr2_label_atom_id 
_struct_conn.pdbx_ptnr2_label_alt_id 
_struct_conn.pdbx_ptnr2_PDB_ins_code 
_struct_conn.ptnr1_auth_asym_id 
_struct_conn.ptnr1_auth_comp_id 
_struct_conn.ptnr1_auth_seq_id 
_struct_conn.ptnr2_auth_asym_id 
_struct_conn.ptnr2_auth_comp_id 
_struct_conn.ptnr2_auth_seq_id 
_struct_conn.ptnr2_symmetry 
_struct_conn.pdbx_ptnr3_label_atom_id 
_struct_conn.pdbx_ptnr3_label_seq_id 
_struct_conn.pdbx_ptnr3_label_comp_id 
_struct_conn.pdbx_ptnr3_label_asym_id 
_struct_conn.pdbx_ptnr3_label_alt_id 
_struct_conn.pdbx_ptnr3_PDB_ins_code 
_struct_conn.details 
_struct_conn.pdbx_dist_value 
_struct_conn.pdbx_value_order 
_struct_conn.pdbx_role 
metalc1 metalc ? ? A ASN 90  OD1 ? ? ? 1_555 E MG . MG ? ? A ASN 90  A MG 204 1_555 ? ? ? ? ? ? ? 2.373 ? ? 
metalc2 metalc ? ? A ASP 106 OD2 ? ? ? 1_555 E MG . MG ? ? A ASP 106 A MG 204 1_555 ? ? ? ? ? ? ? 2.443 ? ? 
metalc3 metalc ? ? A ASP 108 O   ? ? ? 1_555 F MG . MG ? ? A ASP 108 A MG 205 1_555 ? ? ? ? ? ? ? 2.315 ? ? 
metalc4 metalc ? ? A ASP 110 OD2 ? ? ? 1_555 E MG . MG ? ? A ASP 110 A MG 204 1_555 ? ? ? ? ? ? ? 2.655 ? ? 
metalc5 metalc ? ? A ASP 110 OD2 ? ? ? 1_555 F MG . MG ? ? A ASP 110 A MG 205 1_555 ? ? ? ? ? ? ? 2.467 ? ? 
metalc6 metalc ? ? A ASP 123 OD2 ? ? ? 1_555 F MG . MG ? ? A ASP 123 A MG 205 1_555 ? ? ? ? ? ? ? 2.400 ? ? 
metalc7 metalc ? ? A GLU 126 OE1 ? ? ? 1_555 F MG . MG ? ? A GLU 126 A MG 205 1_555 ? ? ? ? ? ? ? 2.450 ? ? 
metalc8 metalc ? ? B CIT .   O5  ? ? ? 1_555 F MG . MG ? ? A CIT 201 A MG 205 1_555 ? ? ? ? ? ? ? 2.536 ? ? 
# 
_struct_conn_type.id          metalc 
_struct_conn_type.criteria    ? 
_struct_conn_type.reference   ? 
# 
loop_
_pdbx_struct_conn_angle.id 
_pdbx_struct_conn_angle.ptnr1_label_atom_id 
_pdbx_struct_conn_angle.ptnr1_label_alt_id 
_pdbx_struct_conn_angle.ptnr1_label_asym_id 
_pdbx_struct_conn_angle.ptnr1_label_comp_id 
_pdbx_struct_conn_angle.ptnr1_label_seq_id 
_pdbx_struct_conn_angle.ptnr1_auth_atom_id 
_pdbx_struct_conn_angle.ptnr1_auth_asym_id 
_pdbx_struct_conn_angle.ptnr1_auth_comp_id 
_pdbx_struct_conn_angle.ptnr1_auth_seq_id 
_pdbx_struct_conn_angle.ptnr1_PDB_ins_code 
_pdbx_struct_conn_angle.ptnr1_symmetry 
_pdbx_struct_conn_angle.ptnr2_label_atom_id 
_pdbx_struct_conn_angle.ptnr2_label_alt_id 
_pdbx_struct_conn_angle.ptnr2_label_asym_id 
_pdbx_struct_conn_angle.ptnr2_label_comp_id 
_pdbx_struct_conn_angle.ptnr2_label_seq_id 
_pdbx_struct_conn_angle.ptnr2_auth_atom_id 
_pdbx_struct_conn_angle.ptnr2_auth_asym_id 
_pdbx_struct_conn_angle.ptnr2_auth_comp_id 
_pdbx_struct_conn_angle.ptnr2_auth_seq_id 
_pdbx_struct_conn_angle.ptnr2_PDB_ins_code 
_pdbx_struct_conn_angle.ptnr2_symmetry 
_pdbx_struct_conn_angle.ptnr3_label_atom_id 
_pdbx_struct_conn_angle.ptnr3_label_alt_id 
_pdbx_struct_conn_angle.ptnr3_label_asym_id 
_pdbx_struct_conn_angle.ptnr3_label_comp_id 
_pdbx_struct_conn_angle.ptnr3_label_seq_id 
_pdbx_struct_conn_angle.ptnr3_auth_atom_id 
_pdbx_struct_conn_angle.ptnr3_auth_asym_id 
_pdbx_struct_conn_angle.ptnr3_auth_comp_id 
_pdbx_struct_conn_angle.ptnr3_auth_seq_id 
_pdbx_struct_conn_angle.ptnr3_PDB_ins_code 
_pdbx_struct_conn_angle.ptnr3_symmetry 
_pdbx_struct_conn_angle.value 
_pdbx_struct_conn_angle.value_esd 
1  OD1 ? A ASN 90  ? A ASN 90  ? 1_555 MG ? E MG . ? A MG 204 ? 1_555 OD2 ? A ASP 106 ? A ASP 106 ? 1_555 94.9  ? 
2  OD1 ? A ASN 90  ? A ASN 90  ? 1_555 MG ? E MG . ? A MG 204 ? 1_555 OD2 ? A ASP 110 ? A ASP 110 ? 1_555 106.3 ? 
3  OD2 ? A ASP 106 ? A ASP 106 ? 1_555 MG ? E MG . ? A MG 204 ? 1_555 OD2 ? A ASP 110 ? A ASP 110 ? 1_555 158.6 ? 
4  O   ? A ASP 108 ? A ASP 108 ? 1_555 MG ? F MG . ? A MG 205 ? 1_555 OD2 ? A ASP 110 ? A ASP 110 ? 1_555 71.7  ? 
5  O   ? A ASP 108 ? A ASP 108 ? 1_555 MG ? F MG . ? A MG 205 ? 1_555 OD2 ? A ASP 123 ? A ASP 123 ? 1_555 94.3  ? 
6  OD2 ? A ASP 110 ? A ASP 110 ? 1_555 MG ? F MG . ? A MG 205 ? 1_555 OD2 ? A ASP 123 ? A ASP 123 ? 1_555 87.5  ? 
7  O   ? A ASP 108 ? A ASP 108 ? 1_555 MG ? F MG . ? A MG 205 ? 1_555 OE1 ? A GLU 126 ? A GLU 126 ? 1_555 84.9  ? 
8  OD2 ? A ASP 110 ? A ASP 110 ? 1_555 MG ? F MG . ? A MG 205 ? 1_555 OE1 ? A GLU 126 ? A GLU 126 ? 1_555 156.0 ? 
9  OD2 ? A ASP 123 ? A ASP 123 ? 1_555 MG ? F MG . ? A MG 205 ? 1_555 OE1 ? A GLU 126 ? A GLU 126 ? 1_555 99.5  ? 
10 O   ? A ASP 108 ? A ASP 108 ? 1_555 MG ? F MG . ? A MG 205 ? 1_555 O5  ? B CIT .   ? A CIT 201 ? 1_555 152.6 ? 
11 OD2 ? A ASP 110 ? A ASP 110 ? 1_555 MG ? F MG . ? A MG 205 ? 1_555 O5  ? B CIT .   ? A CIT 201 ? 1_555 128.7 ? 
12 OD2 ? A ASP 123 ? A ASP 123 ? 1_555 MG ? F MG . ? A MG 205 ? 1_555 O5  ? B CIT .   ? A CIT 201 ? 1_555 103.8 ? 
13 OE1 ? A GLU 126 ? A GLU 126 ? 1_555 MG ? F MG . ? A MG 205 ? 1_555 O5  ? B CIT .   ? A CIT 201 ? 1_555 72.1  ? 
# 
loop_
_struct_sheet.id 
_struct_sheet.type 
_struct_sheet.number_strands 
_struct_sheet.details 
AA1 ? 9 ? 
AA2 ? 6 ? 
# 
loop_
_struct_sheet_order.sheet_id 
_struct_sheet_order.range_id_1 
_struct_sheet_order.range_id_2 
_struct_sheet_order.offset 
_struct_sheet_order.sense 
AA1 1 2 ? anti-parallel 
AA1 2 3 ? anti-parallel 
AA1 3 4 ? anti-parallel 
AA1 4 5 ? anti-parallel 
AA1 5 6 ? anti-parallel 
AA1 6 7 ? anti-parallel 
AA1 7 8 ? anti-parallel 
AA1 8 9 ? anti-parallel 
AA2 1 2 ? anti-parallel 
AA2 2 3 ? parallel      
AA2 3 4 ? anti-parallel 
AA2 4 5 ? anti-parallel 
AA2 5 6 ? anti-parallel 
# 
loop_
_struct_sheet_range.sheet_id 
_struct_sheet_range.id 
_struct_sheet_range.beg_label_comp_id 
_struct_sheet_range.beg_label_asym_id 
_struct_sheet_range.beg_label_seq_id 
_struct_sheet_range.pdbx_beg_PDB_ins_code 
_struct_sheet_range.end_label_comp_id 
_struct_sheet_range.end_label_asym_id 
_struct_sheet_range.end_label_seq_id 
_struct_sheet_range.pdbx_end_PDB_ins_code 
_struct_sheet_range.beg_auth_comp_id 
_struct_sheet_range.beg_auth_asym_id 
_struct_sheet_range.beg_auth_seq_id 
_struct_sheet_range.end_auth_comp_id 
_struct_sheet_range.end_auth_asym_id 
_struct_sheet_range.end_auth_seq_id 
AA1 1 THR A 57  ? ILE A 59  ? THR A 57  ILE A 59  
AA1 2 LEU A 49  ? GLU A 52  ? LEU A 49  GLU A 52  
AA1 3 ILE A 24  ? GLY A 36  ? ILE A 24  GLY A 36  
AA1 4 VAL A 40  ? ASN A 45  ? VAL A 40  ASN A 45  
AA1 5 ALA A 64  ? HIS A 69  ? ALA A 64  HIS A 69  
AA1 6 PHE A 74  ? ARG A 81  ? PHE A 74  ARG A 81  
AA1 7 GLY A 84  ? SER A 92  ? GLY A 84  SER A 92  
AA1 8 LEU A 102 ? VAL A 113 ? LEU A 102 VAL A 113 
AA1 9 TYR A 119 ? LEU A 122 ? TYR A 119 LEU A 122 
AA2 1 VAL A 96  ? CYS A 97  ? VAL A 96  CYS A 97  
AA2 2 LEU A 102 ? VAL A 113 ? LEU A 102 VAL A 113 
AA2 3 ASN A 12  ? TYR A 18  ? ASN A 12  TYR A 18  
AA2 4 ILE A 24  ? GLY A 36  ? ILE A 24  GLY A 36  
AA2 5 LEU A 49  ? GLU A 52  ? LEU A 49  GLU A 52  
AA2 6 THR A 57  ? ILE A 59  ? THR A 57  ILE A 59  
# 
loop_
_pdbx_struct_sheet_hbond.sheet_id 
_pdbx_struct_sheet_hbond.range_id_1 
_pdbx_struct_sheet_hbond.range_id_2 
_pdbx_struct_sheet_hbond.range_1_label_atom_id 
_pdbx_struct_sheet_hbond.range_1_label_comp_id 
_pdbx_struct_sheet_hbond.range_1_label_asym_id 
_pdbx_struct_sheet_hbond.range_1_label_seq_id 
_pdbx_struct_sheet_hbond.range_1_PDB_ins_code 
_pdbx_struct_sheet_hbond.range_1_auth_atom_id 
_pdbx_struct_sheet_hbond.range_1_auth_comp_id 
_pdbx_struct_sheet_hbond.range_1_auth_asym_id 
_pdbx_struct_sheet_hbond.range_1_auth_seq_id 
_pdbx_struct_sheet_hbond.range_2_label_atom_id 
_pdbx_struct_sheet_hbond.range_2_label_comp_id 
_pdbx_struct_sheet_hbond.range_2_label_asym_id 
_pdbx_struct_sheet_hbond.range_2_label_seq_id 
_pdbx_struct_sheet_hbond.range_2_PDB_ins_code 
_pdbx_struct_sheet_hbond.range_2_auth_atom_id 
_pdbx_struct_sheet_hbond.range_2_auth_comp_id 
_pdbx_struct_sheet_hbond.range_2_auth_asym_id 
_pdbx_struct_sheet_hbond.range_2_auth_seq_id 
AA1 1 2 O TRP A 58  ? O TRP A 58  N VAL A 50  ? N VAL A 50  
AA1 2 3 O LEU A 49  ? O LEU A 49  N SER A 29  ? N SER A 29  
AA1 3 4 N LEU A 34  ? N LEU A 34  O ILE A 42  ? O ILE A 42  
AA1 4 5 N GLY A 43  ? N GLY A 43  O VAL A 66  ? O VAL A 66  
AA1 5 6 N ILE A 65  ? N ILE A 65  O CYS A 78  ? O CYS A 78  
AA1 6 7 N MET A 79  ? N MET A 79  O TYR A 86  ? O TYR A 86  
AA1 7 8 N CYS A 89  ? N CYS A 89  O ILE A 111 ? O ILE A 111 
AA1 8 9 N ASP A 110 ? N ASP A 110 O LEU A 122 ? O LEU A 122 
AA2 1 2 N VAL A 96  ? N VAL A 96  O LYS A 103 ? O LYS A 103 
AA2 2 3 O ASP A 106 ? O ASP A 106 N TYR A 18  ? N TYR A 18  
AA2 3 4 N SER A 17  ? N SER A 17  O HIS A 25  ? O HIS A 25  
AA2 4 5 N SER A 29  ? N SER A 29  O LEU A 49  ? O LEU A 49  
AA2 5 6 N VAL A 50  ? N VAL A 50  O TRP A 58  ? O TRP A 58  
# 
loop_
_pdbx_validate_torsion.id 
_pdbx_validate_torsion.PDB_model_num 
_pdbx_validate_torsion.auth_comp_id 
_pdbx_validate_torsion.auth_asym_id 
_pdbx_validate_torsion.auth_seq_id 
_pdbx_validate_torsion.PDB_ins_code 
_pdbx_validate_torsion.label_alt_id 
_pdbx_validate_torsion.phi 
_pdbx_validate_torsion.psi 
1 1 ASP A 46  ? ? -164.45 118.78 
2 1 TRP A 73  ? ? -91.83  52.83  
3 1 ASP A 108 ? ? 76.89   -57.67 
# 
_pdbx_entry_details.entry_id                 7D8G 
_pdbx_entry_details.nonpolymer_details       ? 
_pdbx_entry_details.sequence_details         ? 
_pdbx_entry_details.compound_details         ? 
_pdbx_entry_details.source_details           ? 
_pdbx_entry_details.has_ligand_of_interest   Y 
# 
loop_
_pdbx_unobs_or_zero_occ_residues.id 
_pdbx_unobs_or_zero_occ_residues.PDB_model_num 
_pdbx_unobs_or_zero_occ_residues.polymer_flag 
_pdbx_unobs_or_zero_occ_residues.occupancy_flag 
_pdbx_unobs_or_zero_occ_residues.auth_asym_id 
_pdbx_unobs_or_zero_occ_residues.auth_comp_id 
_pdbx_unobs_or_zero_occ_residues.auth_seq_id 
_pdbx_unobs_or_zero_occ_residues.PDB_ins_code 
_pdbx_unobs_or_zero_occ_residues.label_asym_id 
_pdbx_unobs_or_zero_occ_residues.label_comp_id 
_pdbx_unobs_or_zero_occ_residues.label_seq_id 
1 1 Y 1 A MET 1   ? A MET 1   
2 1 Y 1 A VAL 2   ? A VAL 2   
3 1 Y 1 A ARG 3   ? A ARG 3   
4 1 Y 1 A GLU 4   ? A GLU 4   
5 1 Y 1 A GLN 179 ? A GLN 179 
6 1 Y 1 A TYR 180 ? A TYR 180 
# 
loop_
_chem_comp_atom.comp_id 
_chem_comp_atom.atom_id 
_chem_comp_atom.type_symbol 
_chem_comp_atom.pdbx_aromatic_flag 
_chem_comp_atom.pdbx_stereo_config 
_chem_comp_atom.pdbx_ordinal 
ALA N    N  N N 1   
ALA CA   C  N S 2   
ALA C    C  N N 3   
ALA O    O  N N 4   
ALA CB   C  N N 5   
ALA OXT  O  N N 6   
ALA H    H  N N 7   
ALA H2   H  N N 8   
ALA HA   H  N N 9   
ALA HB1  H  N N 10  
ALA HB2  H  N N 11  
ALA HB3  H  N N 12  
ALA HXT  H  N N 13  
ARG N    N  N N 14  
ARG CA   C  N S 15  
ARG C    C  N N 16  
ARG O    O  N N 17  
ARG CB   C  N N 18  
ARG CG   C  N N 19  
ARG CD   C  N N 20  
ARG NE   N  N N 21  
ARG CZ   C  N N 22  
ARG NH1  N  N N 23  
ARG NH2  N  N N 24  
ARG OXT  O  N N 25  
ARG H    H  N N 26  
ARG H2   H  N N 27  
ARG HA   H  N N 28  
ARG HB2  H  N N 29  
ARG HB3  H  N N 30  
ARG HG2  H  N N 31  
ARG HG3  H  N N 32  
ARG HD2  H  N N 33  
ARG HD3  H  N N 34  
ARG HE   H  N N 35  
ARG HH11 H  N N 36  
ARG HH12 H  N N 37  
ARG HH21 H  N N 38  
ARG HH22 H  N N 39  
ARG HXT  H  N N 40  
ASN N    N  N N 41  
ASN CA   C  N S 42  
ASN C    C  N N 43  
ASN O    O  N N 44  
ASN CB   C  N N 45  
ASN CG   C  N N 46  
ASN OD1  O  N N 47  
ASN ND2  N  N N 48  
ASN OXT  O  N N 49  
ASN H    H  N N 50  
ASN H2   H  N N 51  
ASN HA   H  N N 52  
ASN HB2  H  N N 53  
ASN HB3  H  N N 54  
ASN HD21 H  N N 55  
ASN HD22 H  N N 56  
ASN HXT  H  N N 57  
ASP N    N  N N 58  
ASP CA   C  N S 59  
ASP C    C  N N 60  
ASP O    O  N N 61  
ASP CB   C  N N 62  
ASP CG   C  N N 63  
ASP OD1  O  N N 64  
ASP OD2  O  N N 65  
ASP OXT  O  N N 66  
ASP H    H  N N 67  
ASP H2   H  N N 68  
ASP HA   H  N N 69  
ASP HB2  H  N N 70  
ASP HB3  H  N N 71  
ASP HD2  H  N N 72  
ASP HXT  H  N N 73  
CIT C1   C  N N 74  
CIT O1   O  N N 75  
CIT O2   O  N N 76  
CIT C2   C  N N 77  
CIT C3   C  N N 78  
CIT O7   O  N N 79  
CIT C4   C  N N 80  
CIT C5   C  N N 81  
CIT O3   O  N N 82  
CIT O4   O  N N 83  
CIT C6   C  N N 84  
CIT O5   O  N N 85  
CIT O6   O  N N 86  
CIT HO2  H  N N 87  
CIT H21  H  N N 88  
CIT H22  H  N N 89  
CIT HO7  H  N N 90  
CIT H41  H  N N 91  
CIT H42  H  N N 92  
CIT HO4  H  N N 93  
CIT HO6  H  N N 94  
CYS N    N  N N 95  
CYS CA   C  N R 96  
CYS C    C  N N 97  
CYS O    O  N N 98  
CYS CB   C  N N 99  
CYS SG   S  N N 100 
CYS OXT  O  N N 101 
CYS H    H  N N 102 
CYS H2   H  N N 103 
CYS HA   H  N N 104 
CYS HB2  H  N N 105 
CYS HB3  H  N N 106 
CYS HG   H  N N 107 
CYS HXT  H  N N 108 
GLN N    N  N N 109 
GLN CA   C  N S 110 
GLN C    C  N N 111 
GLN O    O  N N 112 
GLN CB   C  N N 113 
GLN CG   C  N N 114 
GLN CD   C  N N 115 
GLN OE1  O  N N 116 
GLN NE2  N  N N 117 
GLN OXT  O  N N 118 
GLN H    H  N N 119 
GLN H2   H  N N 120 
GLN HA   H  N N 121 
GLN HB2  H  N N 122 
GLN HB3  H  N N 123 
GLN HG2  H  N N 124 
GLN HG3  H  N N 125 
GLN HE21 H  N N 126 
GLN HE22 H  N N 127 
GLN HXT  H  N N 128 
GLU N    N  N N 129 
GLU CA   C  N S 130 
GLU C    C  N N 131 
GLU O    O  N N 132 
GLU CB   C  N N 133 
GLU CG   C  N N 134 
GLU CD   C  N N 135 
GLU OE1  O  N N 136 
GLU OE2  O  N N 137 
GLU OXT  O  N N 138 
GLU H    H  N N 139 
GLU H2   H  N N 140 
GLU HA   H  N N 141 
GLU HB2  H  N N 142 
GLU HB3  H  N N 143 
GLU HG2  H  N N 144 
GLU HG3  H  N N 145 
GLU HE2  H  N N 146 
GLU HXT  H  N N 147 
GLY N    N  N N 148 
GLY CA   C  N N 149 
GLY C    C  N N 150 
GLY O    O  N N 151 
GLY OXT  O  N N 152 
GLY H    H  N N 153 
GLY H2   H  N N 154 
GLY HA2  H  N N 155 
GLY HA3  H  N N 156 
GLY HXT  H  N N 157 
GOL C1   C  N N 158 
GOL O1   O  N N 159 
GOL C2   C  N N 160 
GOL O2   O  N N 161 
GOL C3   C  N N 162 
GOL O3   O  N N 163 
GOL H11  H  N N 164 
GOL H12  H  N N 165 
GOL HO1  H  N N 166 
GOL H2   H  N N 167 
GOL HO2  H  N N 168 
GOL H31  H  N N 169 
GOL H32  H  N N 170 
GOL HO3  H  N N 171 
HIS N    N  N N 172 
HIS CA   C  N S 173 
HIS C    C  N N 174 
HIS O    O  N N 175 
HIS CB   C  N N 176 
HIS CG   C  Y N 177 
HIS ND1  N  Y N 178 
HIS CD2  C  Y N 179 
HIS CE1  C  Y N 180 
HIS NE2  N  Y N 181 
HIS OXT  O  N N 182 
HIS H    H  N N 183 
HIS H2   H  N N 184 
HIS HA   H  N N 185 
HIS HB2  H  N N 186 
HIS HB3  H  N N 187 
HIS HD1  H  N N 188 
HIS HD2  H  N N 189 
HIS HE1  H  N N 190 
HIS HE2  H  N N 191 
HIS HXT  H  N N 192 
HOH O    O  N N 193 
HOH H1   H  N N 194 
HOH H2   H  N N 195 
ILE N    N  N N 196 
ILE CA   C  N S 197 
ILE C    C  N N 198 
ILE O    O  N N 199 
ILE CB   C  N S 200 
ILE CG1  C  N N 201 
ILE CG2  C  N N 202 
ILE CD1  C  N N 203 
ILE OXT  O  N N 204 
ILE H    H  N N 205 
ILE H2   H  N N 206 
ILE HA   H  N N 207 
ILE HB   H  N N 208 
ILE HG12 H  N N 209 
ILE HG13 H  N N 210 
ILE HG21 H  N N 211 
ILE HG22 H  N N 212 
ILE HG23 H  N N 213 
ILE HD11 H  N N 214 
ILE HD12 H  N N 215 
ILE HD13 H  N N 216 
ILE HXT  H  N N 217 
LEU N    N  N N 218 
LEU CA   C  N S 219 
LEU C    C  N N 220 
LEU O    O  N N 221 
LEU CB   C  N N 222 
LEU CG   C  N N 223 
LEU CD1  C  N N 224 
LEU CD2  C  N N 225 
LEU OXT  O  N N 226 
LEU H    H  N N 227 
LEU H2   H  N N 228 
LEU HA   H  N N 229 
LEU HB2  H  N N 230 
LEU HB3  H  N N 231 
LEU HG   H  N N 232 
LEU HD11 H  N N 233 
LEU HD12 H  N N 234 
LEU HD13 H  N N 235 
LEU HD21 H  N N 236 
LEU HD22 H  N N 237 
LEU HD23 H  N N 238 
LEU HXT  H  N N 239 
LYS N    N  N N 240 
LYS CA   C  N S 241 
LYS C    C  N N 242 
LYS O    O  N N 243 
LYS CB   C  N N 244 
LYS CG   C  N N 245 
LYS CD   C  N N 246 
LYS CE   C  N N 247 
LYS NZ   N  N N 248 
LYS OXT  O  N N 249 
LYS H    H  N N 250 
LYS H2   H  N N 251 
LYS HA   H  N N 252 
LYS HB2  H  N N 253 
LYS HB3  H  N N 254 
LYS HG2  H  N N 255 
LYS HG3  H  N N 256 
LYS HD2  H  N N 257 
LYS HD3  H  N N 258 
LYS HE2  H  N N 259 
LYS HE3  H  N N 260 
LYS HZ1  H  N N 261 
LYS HZ2  H  N N 262 
LYS HZ3  H  N N 263 
LYS HXT  H  N N 264 
MET N    N  N N 265 
MET CA   C  N S 266 
MET C    C  N N 267 
MET O    O  N N 268 
MET CB   C  N N 269 
MET CG   C  N N 270 
MET SD   S  N N 271 
MET CE   C  N N 272 
MET OXT  O  N N 273 
MET H    H  N N 274 
MET H2   H  N N 275 
MET HA   H  N N 276 
MET HB2  H  N N 277 
MET HB3  H  N N 278 
MET HG2  H  N N 279 
MET HG3  H  N N 280 
MET HE1  H  N N 281 
MET HE2  H  N N 282 
MET HE3  H  N N 283 
MET HXT  H  N N 284 
MG  MG   MG N N 285 
PHE N    N  N N 286 
PHE CA   C  N S 287 
PHE C    C  N N 288 
PHE O    O  N N 289 
PHE CB   C  N N 290 
PHE CG   C  Y N 291 
PHE CD1  C  Y N 292 
PHE CD2  C  Y N 293 
PHE CE1  C  Y N 294 
PHE CE2  C  Y N 295 
PHE CZ   C  Y N 296 
PHE OXT  O  N N 297 
PHE H    H  N N 298 
PHE H2   H  N N 299 
PHE HA   H  N N 300 
PHE HB2  H  N N 301 
PHE HB3  H  N N 302 
PHE HD1  H  N N 303 
PHE HD2  H  N N 304 
PHE HE1  H  N N 305 
PHE HE2  H  N N 306 
PHE HZ   H  N N 307 
PHE HXT  H  N N 308 
PRO N    N  N N 309 
PRO CA   C  N S 310 
PRO C    C  N N 311 
PRO O    O  N N 312 
PRO CB   C  N N 313 
PRO CG   C  N N 314 
PRO CD   C  N N 315 
PRO OXT  O  N N 316 
PRO H    H  N N 317 
PRO HA   H  N N 318 
PRO HB2  H  N N 319 
PRO HB3  H  N N 320 
PRO HG2  H  N N 321 
PRO HG3  H  N N 322 
PRO HD2  H  N N 323 
PRO HD3  H  N N 324 
PRO HXT  H  N N 325 
SER N    N  N N 326 
SER CA   C  N S 327 
SER C    C  N N 328 
SER O    O  N N 329 
SER CB   C  N N 330 
SER OG   O  N N 331 
SER OXT  O  N N 332 
SER H    H  N N 333 
SER H2   H  N N 334 
SER HA   H  N N 335 
SER HB2  H  N N 336 
SER HB3  H  N N 337 
SER HG   H  N N 338 
SER HXT  H  N N 339 
THR N    N  N N 340 
THR CA   C  N S 341 
THR C    C  N N 342 
THR O    O  N N 343 
THR CB   C  N R 344 
THR OG1  O  N N 345 
THR CG2  C  N N 346 
THR OXT  O  N N 347 
THR H    H  N N 348 
THR H2   H  N N 349 
THR HA   H  N N 350 
THR HB   H  N N 351 
THR HG1  H  N N 352 
THR HG21 H  N N 353 
THR HG22 H  N N 354 
THR HG23 H  N N 355 
THR HXT  H  N N 356 
TRP N    N  N N 357 
TRP CA   C  N S 358 
TRP C    C  N N 359 
TRP O    O  N N 360 
TRP CB   C  N N 361 
TRP CG   C  Y N 362 
TRP CD1  C  Y N 363 
TRP CD2  C  Y N 364 
TRP NE1  N  Y N 365 
TRP CE2  C  Y N 366 
TRP CE3  C  Y N 367 
TRP CZ2  C  Y N 368 
TRP CZ3  C  Y N 369 
TRP CH2  C  Y N 370 
TRP OXT  O  N N 371 
TRP H    H  N N 372 
TRP H2   H  N N 373 
TRP HA   H  N N 374 
TRP HB2  H  N N 375 
TRP HB3  H  N N 376 
TRP HD1  H  N N 377 
TRP HE1  H  N N 378 
TRP HE3  H  N N 379 
TRP HZ2  H  N N 380 
TRP HZ3  H  N N 381 
TRP HH2  H  N N 382 
TRP HXT  H  N N 383 
TYR N    N  N N 384 
TYR CA   C  N S 385 
TYR C    C  N N 386 
TYR O    O  N N 387 
TYR CB   C  N N 388 
TYR CG   C  Y N 389 
TYR CD1  C  Y N 390 
TYR CD2  C  Y N 391 
TYR CE1  C  Y N 392 
TYR CE2  C  Y N 393 
TYR CZ   C  Y N 394 
TYR OH   O  N N 395 
TYR OXT  O  N N 396 
TYR H    H  N N 397 
TYR H2   H  N N 398 
TYR HA   H  N N 399 
TYR HB2  H  N N 400 
TYR HB3  H  N N 401 
TYR HD1  H  N N 402 
TYR HD2  H  N N 403 
TYR HE1  H  N N 404 
TYR HE2  H  N N 405 
TYR HH   H  N N 406 
TYR HXT  H  N N 407 
VAL N    N  N N 408 
VAL CA   C  N S 409 
VAL C    C  N N 410 
VAL O    O  N N 411 
VAL CB   C  N N 412 
VAL CG1  C  N N 413 
VAL CG2  C  N N 414 
VAL OXT  O  N N 415 
VAL H    H  N N 416 
VAL H2   H  N N 417 
VAL HA   H  N N 418 
VAL HB   H  N N 419 
VAL HG11 H  N N 420 
VAL HG12 H  N N 421 
VAL HG13 H  N N 422 
VAL HG21 H  N N 423 
VAL HG22 H  N N 424 
VAL HG23 H  N N 425 
VAL HXT  H  N N 426 
# 
loop_
_chem_comp_bond.comp_id 
_chem_comp_bond.atom_id_1 
_chem_comp_bond.atom_id_2 
_chem_comp_bond.value_order 
_chem_comp_bond.pdbx_aromatic_flag 
_chem_comp_bond.pdbx_stereo_config 
_chem_comp_bond.pdbx_ordinal 
ALA N   CA   sing N N 1   
ALA N   H    sing N N 2   
ALA N   H2   sing N N 3   
ALA CA  C    sing N N 4   
ALA CA  CB   sing N N 5   
ALA CA  HA   sing N N 6   
ALA C   O    doub N N 7   
ALA C   OXT  sing N N 8   
ALA CB  HB1  sing N N 9   
ALA CB  HB2  sing N N 10  
ALA CB  HB3  sing N N 11  
ALA OXT HXT  sing N N 12  
ARG N   CA   sing N N 13  
ARG N   H    sing N N 14  
ARG N   H2   sing N N 15  
ARG CA  C    sing N N 16  
ARG CA  CB   sing N N 17  
ARG CA  HA   sing N N 18  
ARG C   O    doub N N 19  
ARG C   OXT  sing N N 20  
ARG CB  CG   sing N N 21  
ARG CB  HB2  sing N N 22  
ARG CB  HB3  sing N N 23  
ARG CG  CD   sing N N 24  
ARG CG  HG2  sing N N 25  
ARG CG  HG3  sing N N 26  
ARG CD  NE   sing N N 27  
ARG CD  HD2  sing N N 28  
ARG CD  HD3  sing N N 29  
ARG NE  CZ   sing N N 30  
ARG NE  HE   sing N N 31  
ARG CZ  NH1  sing N N 32  
ARG CZ  NH2  doub N N 33  
ARG NH1 HH11 sing N N 34  
ARG NH1 HH12 sing N N 35  
ARG NH2 HH21 sing N N 36  
ARG NH2 HH22 sing N N 37  
ARG OXT HXT  sing N N 38  
ASN N   CA   sing N N 39  
ASN N   H    sing N N 40  
ASN N   H2   sing N N 41  
ASN CA  C    sing N N 42  
ASN CA  CB   sing N N 43  
ASN CA  HA   sing N N 44  
ASN C   O    doub N N 45  
ASN C   OXT  sing N N 46  
ASN CB  CG   sing N N 47  
ASN CB  HB2  sing N N 48  
ASN CB  HB3  sing N N 49  
ASN CG  OD1  doub N N 50  
ASN CG  ND2  sing N N 51  
ASN ND2 HD21 sing N N 52  
ASN ND2 HD22 sing N N 53  
ASN OXT HXT  sing N N 54  
ASP N   CA   sing N N 55  
ASP N   H    sing N N 56  
ASP N   H2   sing N N 57  
ASP CA  C    sing N N 58  
ASP CA  CB   sing N N 59  
ASP CA  HA   sing N N 60  
ASP C   O    doub N N 61  
ASP C   OXT  sing N N 62  
ASP CB  CG   sing N N 63  
ASP CB  HB2  sing N N 64  
ASP CB  HB3  sing N N 65  
ASP CG  OD1  doub N N 66  
ASP CG  OD2  sing N N 67  
ASP OD2 HD2  sing N N 68  
ASP OXT HXT  sing N N 69  
CIT C1  O1   doub N N 70  
CIT C1  O2   sing N N 71  
CIT C1  C2   sing N N 72  
CIT O2  HO2  sing N N 73  
CIT C2  C3   sing N N 74  
CIT C2  H21  sing N N 75  
CIT C2  H22  sing N N 76  
CIT C3  O7   sing N N 77  
CIT C3  C4   sing N N 78  
CIT C3  C6   sing N N 79  
CIT O7  HO7  sing N N 80  
CIT C4  C5   sing N N 81  
CIT C4  H41  sing N N 82  
CIT C4  H42  sing N N 83  
CIT C5  O3   doub N N 84  
CIT C5  O4   sing N N 85  
CIT O4  HO4  sing N N 86  
CIT C6  O5   doub N N 87  
CIT C6  O6   sing N N 88  
CIT O6  HO6  sing N N 89  
CYS N   CA   sing N N 90  
CYS N   H    sing N N 91  
CYS N   H2   sing N N 92  
CYS CA  C    sing N N 93  
CYS CA  CB   sing N N 94  
CYS CA  HA   sing N N 95  
CYS C   O    doub N N 96  
CYS C   OXT  sing N N 97  
CYS CB  SG   sing N N 98  
CYS CB  HB2  sing N N 99  
CYS CB  HB3  sing N N 100 
CYS SG  HG   sing N N 101 
CYS OXT HXT  sing N N 102 
GLN N   CA   sing N N 103 
GLN N   H    sing N N 104 
GLN N   H2   sing N N 105 
GLN CA  C    sing N N 106 
GLN CA  CB   sing N N 107 
GLN CA  HA   sing N N 108 
GLN C   O    doub N N 109 
GLN C   OXT  sing N N 110 
GLN CB  CG   sing N N 111 
GLN CB  HB2  sing N N 112 
GLN CB  HB3  sing N N 113 
GLN CG  CD   sing N N 114 
GLN CG  HG2  sing N N 115 
GLN CG  HG3  sing N N 116 
GLN CD  OE1  doub N N 117 
GLN CD  NE2  sing N N 118 
GLN NE2 HE21 sing N N 119 
GLN NE2 HE22 sing N N 120 
GLN OXT HXT  sing N N 121 
GLU N   CA   sing N N 122 
GLU N   H    sing N N 123 
GLU N   H2   sing N N 124 
GLU CA  C    sing N N 125 
GLU CA  CB   sing N N 126 
GLU CA  HA   sing N N 127 
GLU C   O    doub N N 128 
GLU C   OXT  sing N N 129 
GLU CB  CG   sing N N 130 
GLU CB  HB2  sing N N 131 
GLU CB  HB3  sing N N 132 
GLU CG  CD   sing N N 133 
GLU CG  HG2  sing N N 134 
GLU CG  HG3  sing N N 135 
GLU CD  OE1  doub N N 136 
GLU CD  OE2  sing N N 137 
GLU OE2 HE2  sing N N 138 
GLU OXT HXT  sing N N 139 
GLY N   CA   sing N N 140 
GLY N   H    sing N N 141 
GLY N   H2   sing N N 142 
GLY CA  C    sing N N 143 
GLY CA  HA2  sing N N 144 
GLY CA  HA3  sing N N 145 
GLY C   O    doub N N 146 
GLY C   OXT  sing N N 147 
GLY OXT HXT  sing N N 148 
GOL C1  O1   sing N N 149 
GOL C1  C2   sing N N 150 
GOL C1  H11  sing N N 151 
GOL C1  H12  sing N N 152 
GOL O1  HO1  sing N N 153 
GOL C2  O2   sing N N 154 
GOL C2  C3   sing N N 155 
GOL C2  H2   sing N N 156 
GOL O2  HO2  sing N N 157 
GOL C3  O3   sing N N 158 
GOL C3  H31  sing N N 159 
GOL C3  H32  sing N N 160 
GOL O3  HO3  sing N N 161 
HIS N   CA   sing N N 162 
HIS N   H    sing N N 163 
HIS N   H2   sing N N 164 
HIS CA  C    sing N N 165 
HIS CA  CB   sing N N 166 
HIS CA  HA   sing N N 167 
HIS C   O    doub N N 168 
HIS C   OXT  sing N N 169 
HIS CB  CG   sing N N 170 
HIS CB  HB2  sing N N 171 
HIS CB  HB3  sing N N 172 
HIS CG  ND1  sing Y N 173 
HIS CG  CD2  doub Y N 174 
HIS ND1 CE1  doub Y N 175 
HIS ND1 HD1  sing N N 176 
HIS CD2 NE2  sing Y N 177 
HIS CD2 HD2  sing N N 178 
HIS CE1 NE2  sing Y N 179 
HIS CE1 HE1  sing N N 180 
HIS NE2 HE2  sing N N 181 
HIS OXT HXT  sing N N 182 
HOH O   H1   sing N N 183 
HOH O   H2   sing N N 184 
ILE N   CA   sing N N 185 
ILE N   H    sing N N 186 
ILE N   H2   sing N N 187 
ILE CA  C    sing N N 188 
ILE CA  CB   sing N N 189 
ILE CA  HA   sing N N 190 
ILE C   O    doub N N 191 
ILE C   OXT  sing N N 192 
ILE CB  CG1  sing N N 193 
ILE CB  CG2  sing N N 194 
ILE CB  HB   sing N N 195 
ILE CG1 CD1  sing N N 196 
ILE CG1 HG12 sing N N 197 
ILE CG1 HG13 sing N N 198 
ILE CG2 HG21 sing N N 199 
ILE CG2 HG22 sing N N 200 
ILE CG2 HG23 sing N N 201 
ILE CD1 HD11 sing N N 202 
ILE CD1 HD12 sing N N 203 
ILE CD1 HD13 sing N N 204 
ILE OXT HXT  sing N N 205 
LEU N   CA   sing N N 206 
LEU N   H    sing N N 207 
LEU N   H2   sing N N 208 
LEU CA  C    sing N N 209 
LEU CA  CB   sing N N 210 
LEU CA  HA   sing N N 211 
LEU C   O    doub N N 212 
LEU C   OXT  sing N N 213 
LEU CB  CG   sing N N 214 
LEU CB  HB2  sing N N 215 
LEU CB  HB3  sing N N 216 
LEU CG  CD1  sing N N 217 
LEU CG  CD2  sing N N 218 
LEU CG  HG   sing N N 219 
LEU CD1 HD11 sing N N 220 
LEU CD1 HD12 sing N N 221 
LEU CD1 HD13 sing N N 222 
LEU CD2 HD21 sing N N 223 
LEU CD2 HD22 sing N N 224 
LEU CD2 HD23 sing N N 225 
LEU OXT HXT  sing N N 226 
LYS N   CA   sing N N 227 
LYS N   H    sing N N 228 
LYS N   H2   sing N N 229 
LYS CA  C    sing N N 230 
LYS CA  CB   sing N N 231 
LYS CA  HA   sing N N 232 
LYS C   O    doub N N 233 
LYS C   OXT  sing N N 234 
LYS CB  CG   sing N N 235 
LYS CB  HB2  sing N N 236 
LYS CB  HB3  sing N N 237 
LYS CG  CD   sing N N 238 
LYS CG  HG2  sing N N 239 
LYS CG  HG3  sing N N 240 
LYS CD  CE   sing N N 241 
LYS CD  HD2  sing N N 242 
LYS CD  HD3  sing N N 243 
LYS CE  NZ   sing N N 244 
LYS CE  HE2  sing N N 245 
LYS CE  HE3  sing N N 246 
LYS NZ  HZ1  sing N N 247 
LYS NZ  HZ2  sing N N 248 
LYS NZ  HZ3  sing N N 249 
LYS OXT HXT  sing N N 250 
MET N   CA   sing N N 251 
MET N   H    sing N N 252 
MET N   H2   sing N N 253 
MET CA  C    sing N N 254 
MET CA  CB   sing N N 255 
MET CA  HA   sing N N 256 
MET C   O    doub N N 257 
MET C   OXT  sing N N 258 
MET CB  CG   sing N N 259 
MET CB  HB2  sing N N 260 
MET CB  HB3  sing N N 261 
MET CG  SD   sing N N 262 
MET CG  HG2  sing N N 263 
MET CG  HG3  sing N N 264 
MET SD  CE   sing N N 265 
MET CE  HE1  sing N N 266 
MET CE  HE2  sing N N 267 
MET CE  HE3  sing N N 268 
MET OXT HXT  sing N N 269 
PHE N   CA   sing N N 270 
PHE N   H    sing N N 271 
PHE N   H2   sing N N 272 
PHE CA  C    sing N N 273 
PHE CA  CB   sing N N 274 
PHE CA  HA   sing N N 275 
PHE C   O    doub N N 276 
PHE C   OXT  sing N N 277 
PHE CB  CG   sing N N 278 
PHE CB  HB2  sing N N 279 
PHE CB  HB3  sing N N 280 
PHE CG  CD1  doub Y N 281 
PHE CG  CD2  sing Y N 282 
PHE CD1 CE1  sing Y N 283 
PHE CD1 HD1  sing N N 284 
PHE CD2 CE2  doub Y N 285 
PHE CD2 HD2  sing N N 286 
PHE CE1 CZ   doub Y N 287 
PHE CE1 HE1  sing N N 288 
PHE CE2 CZ   sing Y N 289 
PHE CE2 HE2  sing N N 290 
PHE CZ  HZ   sing N N 291 
PHE OXT HXT  sing N N 292 
PRO N   CA   sing N N 293 
PRO N   CD   sing N N 294 
PRO N   H    sing N N 295 
PRO CA  C    sing N N 296 
PRO CA  CB   sing N N 297 
PRO CA  HA   sing N N 298 
PRO C   O    doub N N 299 
PRO C   OXT  sing N N 300 
PRO CB  CG   sing N N 301 
PRO CB  HB2  sing N N 302 
PRO CB  HB3  sing N N 303 
PRO CG  CD   sing N N 304 
PRO CG  HG2  sing N N 305 
PRO CG  HG3  sing N N 306 
PRO CD  HD2  sing N N 307 
PRO CD  HD3  sing N N 308 
PRO OXT HXT  sing N N 309 
SER N   CA   sing N N 310 
SER N   H    sing N N 311 
SER N   H2   sing N N 312 
SER CA  C    sing N N 313 
SER CA  CB   sing N N 314 
SER CA  HA   sing N N 315 
SER C   O    doub N N 316 
SER C   OXT  sing N N 317 
SER CB  OG   sing N N 318 
SER CB  HB2  sing N N 319 
SER CB  HB3  sing N N 320 
SER OG  HG   sing N N 321 
SER OXT HXT  sing N N 322 
THR N   CA   sing N N 323 
THR N   H    sing N N 324 
THR N   H2   sing N N 325 
THR CA  C    sing N N 326 
THR CA  CB   sing N N 327 
THR CA  HA   sing N N 328 
THR C   O    doub N N 329 
THR C   OXT  sing N N 330 
THR CB  OG1  sing N N 331 
THR CB  CG2  sing N N 332 
THR CB  HB   sing N N 333 
THR OG1 HG1  sing N N 334 
THR CG2 HG21 sing N N 335 
THR CG2 HG22 sing N N 336 
THR CG2 HG23 sing N N 337 
THR OXT HXT  sing N N 338 
TRP N   CA   sing N N 339 
TRP N   H    sing N N 340 
TRP N   H2   sing N N 341 
TRP CA  C    sing N N 342 
TRP CA  CB   sing N N 343 
TRP CA  HA   sing N N 344 
TRP C   O    doub N N 345 
TRP C   OXT  sing N N 346 
TRP CB  CG   sing N N 347 
TRP CB  HB2  sing N N 348 
TRP CB  HB3  sing N N 349 
TRP CG  CD1  doub Y N 350 
TRP CG  CD2  sing Y N 351 
TRP CD1 NE1  sing Y N 352 
TRP CD1 HD1  sing N N 353 
TRP CD2 CE2  doub Y N 354 
TRP CD2 CE3  sing Y N 355 
TRP NE1 CE2  sing Y N 356 
TRP NE1 HE1  sing N N 357 
TRP CE2 CZ2  sing Y N 358 
TRP CE3 CZ3  doub Y N 359 
TRP CE3 HE3  sing N N 360 
TRP CZ2 CH2  doub Y N 361 
TRP CZ2 HZ2  sing N N 362 
TRP CZ3 CH2  sing Y N 363 
TRP CZ3 HZ3  sing N N 364 
TRP CH2 HH2  sing N N 365 
TRP OXT HXT  sing N N 366 
TYR N   CA   sing N N 367 
TYR N   H    sing N N 368 
TYR N   H2   sing N N 369 
TYR CA  C    sing N N 370 
TYR CA  CB   sing N N 371 
TYR CA  HA   sing N N 372 
TYR C   O    doub N N 373 
TYR C   OXT  sing N N 374 
TYR CB  CG   sing N N 375 
TYR CB  HB2  sing N N 376 
TYR CB  HB3  sing N N 377 
TYR CG  CD1  doub Y N 378 
TYR CG  CD2  sing Y N 379 
TYR CD1 CE1  sing Y N 380 
TYR CD1 HD1  sing N N 381 
TYR CD2 CE2  doub Y N 382 
TYR CD2 HD2  sing N N 383 
TYR CE1 CZ   doub Y N 384 
TYR CE1 HE1  sing N N 385 
TYR CE2 CZ   sing Y N 386 
TYR CE2 HE2  sing N N 387 
TYR CZ  OH   sing N N 388 
TYR OH  HH   sing N N 389 
TYR OXT HXT  sing N N 390 
VAL N   CA   sing N N 391 
VAL N   H    sing N N 392 
VAL N   H2   sing N N 393 
VAL CA  C    sing N N 394 
VAL CA  CB   sing N N 395 
VAL CA  HA   sing N N 396 
VAL C   O    doub N N 397 
VAL C   OXT  sing N N 398 
VAL CB  CG1  sing N N 399 
VAL CB  CG2  sing N N 400 
VAL CB  HB   sing N N 401 
VAL CG1 HG11 sing N N 402 
VAL CG1 HG12 sing N N 403 
VAL CG1 HG13 sing N N 404 
VAL CG2 HG21 sing N N 405 
VAL CG2 HG22 sing N N 406 
VAL CG2 HG23 sing N N 407 
VAL OXT HXT  sing N N 408 
# 
_pdbx_audit_support.funding_organization   'National Natural Science Foundation of China (NSFC)' 
_pdbx_audit_support.country                China 
_pdbx_audit_support.grant_number           31971124 
_pdbx_audit_support.ordinal                1 
# 
loop_
_pdbx_entity_instance_feature.ordinal 
_pdbx_entity_instance_feature.comp_id 
_pdbx_entity_instance_feature.asym_id 
_pdbx_entity_instance_feature.seq_num 
_pdbx_entity_instance_feature.auth_comp_id 
_pdbx_entity_instance_feature.auth_asym_id 
_pdbx_entity_instance_feature.auth_seq_num 
_pdbx_entity_instance_feature.feature_type 
_pdbx_entity_instance_feature.details 
1 CIT ? ? CIT ? ? 'SUBJECT OF INVESTIGATION' ? 
2 MG  ? ? MG  ? ? 'SUBJECT OF INVESTIGATION' ? 
# 
_atom_sites.entry_id                    7D8G 
_atom_sites.Cartn_transf_matrix[1][1]   ? 
_atom_sites.Cartn_transf_matrix[1][2]   ? 
_atom_sites.Cartn_transf_matrix[1][3]   ? 
_atom_sites.Cartn_transf_matrix[2][1]   ? 
_atom_sites.Cartn_transf_matrix[2][2]   ? 
_atom_sites.Cartn_transf_matrix[2][3]   ? 
_atom_sites.Cartn_transf_matrix[3][1]   ? 
_atom_sites.Cartn_transf_matrix[3][2]   ? 
_atom_sites.Cartn_transf_matrix[3][3]   ? 
_atom_sites.Cartn_transf_vector[1]      ? 
_atom_sites.Cartn_transf_vector[2]      ? 
_atom_sites.Cartn_transf_vector[3]      ? 
_atom_sites.fract_transf_matrix[1][1]   -0.00919878 
_atom_sites.fract_transf_matrix[1][2]   -0.01781332 
_atom_sites.fract_transf_matrix[1][3]   0.00816177 
_atom_sites.fract_transf_matrix[2][1]   -0.01061898 
_atom_sites.fract_transf_matrix[2][2]   -0.00593633 
_atom_sites.fract_transf_matrix[2][3]   -0.02492443 
_atom_sites.fract_transf_matrix[3][1]   0.01194456 
_atom_sites.fract_transf_matrix[3][2]   -0.01442334 
_atom_sites.fract_transf_matrix[3][3]   -0.00165369 
_atom_sites.fract_transf_vector[1]      0.336106 
_atom_sites.fract_transf_vector[2]      0.988765 
_atom_sites.fract_transf_vector[3]      0.656968 
_atom_sites.solution_primary            ? 
_atom_sites.solution_secondary          ? 
_atom_sites.solution_hydrogens          ? 
_atom_sites.special_details             ? 
# 
loop_
_atom_type.symbol 
C  
MG 
N  
O  
S  
# 
loop_
_atom_site.group_PDB 
_atom_site.id 
_atom_site.type_symbol 
_atom_site.label_atom_id 
_atom_site.label_alt_id 
_atom_site.label_comp_id 
_atom_site.label_asym_id 
_atom_site.label_entity_id 
_atom_site.label_seq_id 
_atom_site.pdbx_PDB_ins_code 
_atom_site.Cartn_x 
_atom_site.Cartn_y 
_atom_site.Cartn_z 
_atom_site.occupancy 
_atom_site.B_iso_or_equiv 
_atom_site.pdbx_formal_charge 
_atom_site.auth_seq_id 
_atom_site.auth_comp_id 
_atom_site.auth_asym_id 
_atom_site.auth_atom_id 
_atom_site.pdbx_PDB_model_num 
ATOM   1    N  N   . SER A 1 5   ? 18.602  2.202   0.821   1.00 45.58 ? 5   SER A N   1 
ATOM   2    C  CA  . SER A 1 5   ? 17.409  2.769   0.130   1.00 46.26 ? 5   SER A CA  1 
ATOM   3    C  C   . SER A 1 5   ? 16.746  1.754   -0.821  1.00 41.22 ? 5   SER A C   1 
ATOM   4    O  O   . SER A 1 5   ? 15.646  2.066   -1.309  1.00 42.21 ? 5   SER A O   1 
ATOM   5    C  CB  . SER A 1 5   ? 17.755  4.051   -0.592  1.00 47.70 ? 5   SER A CB  1 
ATOM   6    O  OG  . SER A 1 5   ? 18.709  3.804   -1.606  1.00 52.17 ? 5   SER A OG  1 
ATOM   7    N  N   . ILE A 1 6   ? 17.380  0.618   -1.122  1.00 35.97 ? 6   ILE A N   1 
ATOM   8    C  CA  . ILE A 1 6   ? 16.721  -0.532  -1.820  1.00 32.77 ? 6   ILE A CA  1 
ATOM   9    C  C   . ILE A 1 6   ? 16.813  -1.736  -0.896  1.00 30.01 ? 6   ILE A C   1 
ATOM   10   O  O   . ILE A 1 6   ? 17.892  -2.290  -0.733  1.00 27.01 ? 6   ILE A O   1 
ATOM   11   C  CB  . ILE A 1 6   ? 17.340  -0.831  -3.200  1.00 33.49 ? 6   ILE A CB  1 
ATOM   12   C  CG1 . ILE A 1 6   ? 17.181  0.346   -4.166  1.00 35.20 ? 6   ILE A CG1 1 
ATOM   13   C  CG2 . ILE A 1 6   ? 16.761  -2.121  -3.783  0.65 32.98 ? 6   ILE A CG2 1 
ATOM   14   C  CD1 . ILE A 1 6   ? 17.940  0.181   -5.474  0.75 35.88 ? 6   ILE A CD1 1 
ATOM   15   N  N   . PRO A 1 7   ? 15.700  -2.186  -0.270  1.00 24.31 ? 7   PRO A N   1 
ATOM   16   C  CA  . PRO A 1 7   ? 15.748  -3.320  0.649   1.00 23.60 ? 7   PRO A CA  1 
ATOM   17   C  C   . PRO A 1 7   ? 16.088  -4.621  -0.092  1.00 24.88 ? 7   PRO A C   1 
ATOM   18   O  O   . PRO A 1 7   ? 15.865  -4.739  -1.277  1.00 21.74 ? 7   PRO A O   1 
ATOM   19   C  CB  . PRO A 1 7   ? 14.347  -3.350  1.279   1.00 22.89 ? 7   PRO A CB  1 
ATOM   20   C  CG  . PRO A 1 7   ? 13.458  -2.642  0.284   1.00 23.31 ? 7   PRO A CG  1 
ATOM   21   C  CD  . PRO A 1 7   ? 14.335  -1.660  -0.452  1.00 23.36 ? 7   PRO A CD  1 
ATOM   22   N  N   . LYS A 1 8   ? 16.689  -5.556  0.642   1.00 25.46 ? 8   LYS A N   1 
ATOM   23   C  CA  . LYS A 1 8   ? 17.189  -6.826  0.075   1.00 25.54 ? 8   LYS A CA  1 
ATOM   24   C  C   . LYS A 1 8   ? 16.130  -7.908  0.251   1.00 20.80 ? 8   LYS A C   1 
ATOM   25   O  O   . LYS A 1 8   ? 15.465  -7.953  1.308   1.00 19.79 ? 8   LYS A O   1 
ATOM   26   C  CB  . LYS A 1 8   ? 18.508  -7.222  0.738   1.00 27.09 ? 8   LYS A CB  1 
ATOM   27   C  CG  . LYS A 1 8   ? 19.688  -6.330  0.358   1.00 31.34 ? 8   LYS A CG  1 
ATOM   28   C  CD  . LYS A 1 8   ? 21.051  -6.939  0.663   0.78 34.01 ? 8   LYS A CD  1 
ATOM   29   C  CE  . LYS A 1 8   ? 21.354  -8.232  -0.076  0.38 35.77 ? 8   LYS A CE  1 
ATOM   30   N  NZ  . LYS A 1 8   ? 21.706  -8.012  -1.503  0.72 38.00 ? 8   LYS A NZ  1 
ATOM   31   N  N   . GLU A 1 9   ? 16.074  -8.829  -0.715  1.00 21.01 ? 9   GLU A N   1 
ATOM   32   C  CA  . GLU A 1 9   ? 15.272  -10.063 -0.613  1.00 19.71 ? 9   GLU A CA  1 
ATOM   33   C  C   . GLU A 1 9   ? 15.603  -10.760 0.708   1.00 17.68 ? 9   GLU A C   1 
ATOM   34   O  O   . GLU A 1 9   ? 16.816  -10.927 1.040   1.00 20.98 ? 9   GLU A O   1 
ATOM   35   C  CB  . GLU A 1 9   ? 15.540  -10.945 -1.839  1.00 22.99 ? 9   GLU A CB  1 
ATOM   36   C  CG  . GLU A 1 9   ? 14.653  -12.161 -1.917  1.00 27.17 ? 9   GLU A CG  1 
ATOM   37   C  CD  . GLU A 1 9   ? 14.969  -13.107 -3.066  1.00 29.82 ? 9   GLU A CD  1 
ATOM   38   O  OE1 . GLU A 1 9   ? 14.267  -14.145 -3.187  1.00 34.59 ? 9   GLU A OE1 1 
ATOM   39   O  OE2 . GLU A 1 9   ? 15.893  -12.797 -3.846  1.00 34.72 ? 9   GLU A OE2 1 
ATOM   40   N  N   . GLY A 1 10  ? 14.580  -11.121 1.459   1.00 17.16 ? 10  GLY A N   1 
ATOM   41   C  CA  . GLY A 1 10  ? 14.647  -11.828 2.746   1.00 17.39 ? 10  GLY A CA  1 
ATOM   42   C  C   . GLY A 1 10  ? 14.752  -10.897 3.944   1.00 15.64 ? 10  GLY A C   1 
ATOM   43   O  O   . GLY A 1 10  ? 14.532  -11.386 5.111   1.00 17.10 ? 10  GLY A O   1 
ATOM   44   N  N   . GLU A 1 11  ? 14.993  -9.604  3.696   1.00 17.74 ? 11  GLU A N   1 
ATOM   45   C  CA  . GLU A 1 11  ? 14.969  -8.564  4.752   1.00 18.51 ? 11  GLU A CA  1 
ATOM   46   C  C   . GLU A 1 11  ? 13.563  -8.436  5.326   1.00 18.84 ? 11  GLU A C   1 
ATOM   47   O  O   . GLU A 1 11  ? 12.606  -8.540  4.572   1.00 16.05 ? 11  GLU A O   1 
ATOM   48   C  CB  . GLU A 1 11  ? 15.372  -7.214  4.180   1.00 21.19 ? 11  GLU A CB  1 
ATOM   49   C  CG  . GLU A 1 11  ? 15.794  -6.257  5.247   1.00 27.09 ? 11  GLU A CG  1 
ATOM   50   C  CD  . GLU A 1 11  ? 16.481  -5.001  4.741   1.00 25.00 ? 11  GLU A CD  1 
ATOM   51   O  OE1 . GLU A 1 11  ? 16.911  -4.913  3.523   1.00 27.01 ? 11  GLU A OE1 1 
ATOM   52   O  OE2 . GLU A 1 11  ? 16.627  -4.129  5.578   1.00 32.92 ? 11  GLU A OE2 1 
ATOM   53   N  N   . ASN A 1 12  ? 13.471  -8.243  6.618   1.00 17.57 ? 12  ASN A N   1 
ATOM   54   C  CA  . ASN A 1 12  ? 12.236  -7.982  7.354   1.00 17.80 ? 12  ASN A CA  1 
ATOM   55   C  C   . ASN A 1 12  ? 12.248  -6.488  7.650   1.00 16.91 ? 12  ASN A C   1 
ATOM   56   O  O   . ASN A 1 12  ? 13.115  -6.025  8.393   1.00 18.90 ? 12  ASN A O   1 
ATOM   57   C  CB  . ASN A 1 12  ? 12.229  -8.813  8.614   1.00 21.25 ? 12  ASN A CB  1 
ATOM   58   C  CG  . ASN A 1 12  ? 10.860  -8.970  9.165   1.00 28.34 ? 12  ASN A CG  1 
ATOM   59   O  OD1 . ASN A 1 12  ? 10.181  -7.967  9.376   1.00 30.78 ? 12  ASN A OD1 1 
ATOM   60   N  ND2 . ASN A 1 12  ? 10.485  -10.229 9.360   1.00 33.46 ? 12  ASN A ND2 1 
ATOM   61   N  N   . ILE A 1 13  ? 11.306  -5.734  7.097   1.00 14.77 ? 13  ILE A N   1 
ATOM   62   C  CA  . ILE A 1 13  ? 11.284  -4.247  7.239   1.00 13.69 ? 13  ILE A CA  1 
ATOM   63   C  C   . ILE A 1 13  ? 9.982   -3.848  7.891   1.00 12.95 ? 13  ILE A C   1 
ATOM   64   O  O   . ILE A 1 13  ? 8.992   -4.548  7.835   1.00 12.97 ? 13  ILE A O   1 
ATOM   65   C  CB  . ILE A 1 13  ? 11.425  -3.524  5.893   1.00 14.95 ? 13  ILE A CB  1 
ATOM   66   C  CG1 . ILE A 1 13  ? 10.210  -3.760  4.982   1.00 16.13 ? 13  ILE A CG1 1 
ATOM   67   C  CG2 . ILE A 1 13  ? 12.726  -3.893  5.193   1.00 16.01 ? 13  ILE A CG2 1 
ATOM   68   C  CD1 . ILE A 1 13  ? 10.015  -2.740  3.858   1.00 17.88 ? 13  ILE A CD1 1 
ATOM   69   N  N   . LYS A 1 14  ? 10.034  -2.650  8.457   1.00 11.66 ? 14  LYS A N   1 
ATOM   70   C  CA  . LYS A 1 14  ? 8.894   -1.906  8.961   1.00 11.43 ? 14  LYS A CA  1 
ATOM   71   C  C   . LYS A 1 14  ? 8.396   -1.018  7.812   1.00 9.27  ? 14  LYS A C   1 
ATOM   72   O  O   . LYS A 1 14  ? 9.170   -0.624  6.982   1.00 9.39  ? 14  LYS A O   1 
ATOM   73   C  CB  . LYS A 1 14  ? 9.414   -1.075  10.138  1.00 13.19 ? 14  LYS A CB  1 
ATOM   74   C  CG  . LYS A 1 14  ? 8.427   -0.314  10.980  1.00 15.23 ? 14  LYS A CG  1 
ATOM   75   C  CD  . LYS A 1 14  ? 8.921   -0.208  12.436  1.00 17.17 ? 14  LYS A CD  1 
ATOM   76   C  CE  . LYS A 1 14  ? 10.263  0.457   12.496  1.00 18.15 ? 14  LYS A CE  1 
ATOM   77   N  NZ  . LYS A 1 14  ? 10.566  0.791   13.915  1.00 19.16 ? 14  LYS A NZ  1 
ATOM   78   N  N   . ILE A 1 15  ? 7.098   -0.759  7.824   1.00 8.98  ? 15  ILE A N   1 
ATOM   79   C  CA  . ILE A 1 15  ? 6.445   0.157   6.861   1.00 8.33  ? 15  ILE A CA  1 
ATOM   80   C  C   . ILE A 1 15  ? 5.808   1.219   7.736   1.00 8.03  ? 15  ILE A C   1 
ATOM   81   O  O   . ILE A 1 15  ? 4.966   0.868   8.584   1.00 8.53  ? 15  ILE A O   1 
ATOM   82   C  CB  . ILE A 1 15  ? 5.411   -0.544  5.970   1.00 8.67  ? 15  ILE A CB  1 
ATOM   83   C  CG1 . ILE A 1 15  ? 6.080   -1.594  5.078   1.00 9.43  ? 15  ILE A CG1 1 
ATOM   84   C  CG2 . ILE A 1 15  ? 4.647   0.480   5.130   1.00 8.04  ? 15  ILE A CG2 1 
ATOM   85   C  CD1 . ILE A 1 15  ? 5.096   -2.544  4.408   1.00 9.96  ? 15  ILE A CD1 1 
ATOM   86   N  N   . GLN A 1 16  ? 6.128   2.482   7.462   1.00 7.69  ? 16  GLN A N   1 
ATOM   87   C  CA  . GLN A 1 16  ? 5.599   3.616   8.234   1.00 8.06  ? 16  GLN A CA  1 
ATOM   88   C  C   . GLN A 1 16  ? 4.872   4.539   7.265   1.00 7.78  ? 16  GLN A C   1 
ATOM   89   O  O   . GLN A 1 16  ? 5.464   5.093   6.314   1.00 8.28  ? 16  GLN A O   1 
ATOM   90   C  CB  . GLN A 1 16  ? 6.715   4.362   8.971   1.00 7.82  ? 16  GLN A CB  1 
ATOM   91   C  CG  . GLN A 1 16  ? 7.470   3.505   9.979   1.00 9.58  ? 16  GLN A CG  1 
ATOM   92   C  CD  . GLN A 1 16  ? 8.638   4.141   10.687  1.00 11.04 ? 16  GLN A CD  1 
ATOM   93   O  OE1 . GLN A 1 16  ? 9.301   3.445   11.463  1.00 13.69 ? 16  GLN A OE1 1 
ATOM   94   N  NE2 . GLN A 1 16  ? 8.926   5.403   10.435  1.00 11.01 ? 16  GLN A NE2 1 
ATOM   95   N  N   . SER A 1 17  ? 3.582   4.685   7.486   1.00 7.44  ? 17  SER A N   1 
ATOM   96   C  CA  . SER A 1 17  ? 2.733   5.666   6.785   1.00 7.84  ? 17  SER A CA  1 
ATOM   97   C  C   . SER A 1 17  ? 2.524   6.903   7.653   1.00 8.18  ? 17  SER A C   1 
ATOM   98   O  O   . SER A 1 17  ? 2.324   6.771   8.866   1.00 7.73  ? 17  SER A O   1 
ATOM   99   C  CB  . SER A 1 17  ? 1.474   5.036   6.345   1.00 8.82  ? 17  SER A CB  1 
ATOM   100  O  OG  . SER A 1 17  ? 0.587   4.770   7.361   1.00 11.26 ? 17  SER A OG  1 
ATOM   101  N  N   . TYR A 1 18  ? 2.541   8.070   7.025   1.00 7.30  ? 18  TYR A N   1 
ATOM   102  C  CA  . TYR A 1 18  ? 2.414   9.386   7.686   1.00 7.10  ? 18  TYR A CA  1 
ATOM   103  C  C   . TYR A 1 18  ? 1.247   10.122  7.083   1.00 7.83  ? 18  TYR A C   1 
ATOM   104  O  O   . TYR A 1 18  ? 0.836   9.794   5.937   1.00 9.31  ? 18  TYR A O   1 
ATOM   105  C  CB  . TYR A 1 18  ? 3.690   10.176  7.406   1.00 7.32  ? 18  TYR A CB  1 
ATOM   106  C  CG  . TYR A 1 18  ? 4.964   9.601   7.947   1.00 7.17  ? 18  TYR A CG  1 
ATOM   107  C  CD1 . TYR A 1 18  ? 5.566   8.525   7.343   1.00 8.07  ? 18  TYR A CD1 1 
ATOM   108  C  CD2 . TYR A 1 18  ? 5.562   10.141  9.075   1.00 7.62  ? 18  TYR A CD2 1 
ATOM   109  C  CE1 . TYR A 1 18  ? 6.757   8.006   7.822   1.00 8.89  ? 18  TYR A CE1 1 
ATOM   110  C  CE2 . TYR A 1 18  ? 6.763   9.637   9.554   1.00 7.85  ? 18  TYR A CE2 1 
ATOM   111  C  CZ  . TYR A 1 18  ? 7.371   8.591   8.918   1.00 8.72  ? 18  TYR A CZ  1 
ATOM   112  O  OH  . TYR A 1 18  ? 8.555   8.052   9.394   1.00 10.56 ? 18  TYR A OH  1 
ATOM   113  N  N   . LYS A 1 19  ? 0.753   11.132  7.756   1.00 7.30  ? 19  LYS A N   1 
ATOM   114  C  CA  . LYS A 1 19  ? -0.124  12.118  7.108   1.00 7.32  ? 19  LYS A CA  1 
ATOM   115  C  C   . LYS A 1 19  ? 0.742   13.286  6.621   1.00 7.18  ? 19  LYS A C   1 
ATOM   116  O  O   . LYS A 1 19  ? 1.904   13.410  7.005   1.00 7.47  ? 19  LYS A O   1 
ATOM   117  C  CB  . LYS A 1 19  ? -1.272  12.551  8.013   1.00 7.65  ? 19  LYS A CB  1 
ATOM   118  C  CG  . LYS A 1 19  ? -2.077  11.399  8.608   1.00 7.86  ? 19  LYS A CG  1 
ATOM   119  C  CD  . LYS A 1 19  ? -2.777  10.496  7.585   1.00 8.02  ? 19  LYS A CD  1 
ATOM   120  C  CE  . LYS A 1 19  ? -3.820  11.210  6.745   1.00 8.61  ? 19  LYS A CE  1 
ATOM   121  N  NZ  . LYS A 1 19  ? -4.577  10.189  5.967   1.00 9.26  ? 19  LYS A NZ  1 
ATOM   122  N  N   . HIS A 1 20  ? 0.136   14.133  5.810   1.00 7.92  ? 20  HIS A N   1 
ATOM   123  C  CA  . HIS A 1 20  ? 0.827   15.287  5.192   1.00 8.56  ? 20  HIS A CA  1 
ATOM   124  C  C   . HIS A 1 20  ? 1.424   16.212  6.255   1.00 9.49  ? 20  HIS A C   1 
ATOM   125  O  O   . HIS A 1 20  ? 2.402   16.889  5.924   1.00 10.62 ? 20  HIS A O   1 
ATOM   126  C  CB  . HIS A 1 20  ? -0.238  16.027  4.379   1.00 8.92  ? 20  HIS A CB  1 
ATOM   127  C  CG  . HIS A 1 20  ? 0.274   17.193  3.619   1.00 10.07 ? 20  HIS A CG  1 
ATOM   128  N  ND1 . HIS A 1 20  ? 0.869   17.057  2.401   1.00 10.88 ? 20  HIS A ND1 1 
ATOM   129  C  CD2 . HIS A 1 20  ? 0.222   18.518  3.900   1.00 11.00 ? 20  HIS A CD2 1 
ATOM   130  C  CE1 . HIS A 1 20  ? 1.209   18.265  1.968   1.00 11.23 ? 20  HIS A CE1 1 
ATOM   131  N  NE2 . HIS A 1 20  ? 0.786   19.172  2.824   1.00 11.75 ? 20  HIS A NE2 1 
ATOM   132  N  N   . ASP A 1 21  ? 0.822   16.303  7.410   1.00 9.49  ? 21  ASP A N   1 
ATOM   133  C  CA  . ASP A 1 21  ? 1.295   17.155  8.536   1.00 10.94 ? 21  ASP A CA  1 
ATOM   134  C  C   . ASP A 1 21  ? 2.470   16.532  9.284   1.00 11.65 ? 21  ASP A C   1 
ATOM   135  O  O   . ASP A 1 21  ? 3.030   17.239  10.133  1.00 13.20 ? 21  ASP A O   1 
ATOM   136  C  CB  . ASP A 1 21  ? 0.157   17.509  9.481   1.00 13.77 ? 21  ASP A CB  1 
ATOM   137  C  CG  . ASP A 1 21  ? -0.408  16.343  10.279  1.00 15.96 ? 21  ASP A CG  1 
ATOM   138  O  OD1 . ASP A 1 21  ? 0.058   15.224  10.100  1.00 13.83 ? 21  ASP A OD1 1 
ATOM   139  O  OD2 . ASP A 1 21  ? -1.360  16.563  11.061  1.00 22.06 ? 21  ASP A OD2 1 
ATOM   140  N  N   . GLY A 1 22  ? 2.921   15.331  8.948   1.00 10.52 ? 22  GLY A N   1 
ATOM   141  C  CA  . GLY A 1 22  ? 4.123   14.691  9.506   1.00 11.10 ? 22  GLY A CA  1 
ATOM   142  C  C   . GLY A 1 22  ? 3.814   13.738  10.645  1.00 11.85 ? 22  GLY A C   1 
ATOM   143  O  O   . GLY A 1 22  ? 4.727   13.032  11.091  1.00 14.36 ? 22  GLY A O   1 
ATOM   144  N  N   . LYS A 1 23  ? 2.567   13.685  11.066  1.00 11.00 ? 23  LYS A N   1 
ATOM   145  C  CA  . LYS A 1 23  ? 2.185   12.720  12.121  1.00 12.29 ? 23  LYS A CA  1 
ATOM   146  C  C   . LYS A 1 23  ? 2.152   11.302  11.544  1.00 10.73 ? 23  LYS A C   1 
ATOM   147  O  O   . LYS A 1 23  ? 1.773   11.100  10.378  1.00 10.15 ? 23  LYS A O   1 
ATOM   148  C  CB  . LYS A 1 23  ? 0.855   13.076  12.759  1.00 14.06 ? 23  LYS A CB  1 
ATOM   149  C  CG  . LYS A 1 23  ? 0.818   14.399  13.538  1.00 17.16 ? 23  LYS A CG  1 
ATOM   150  C  CD  . LYS A 1 23  ? -0.482  14.671  14.288  0.80 19.64 ? 23  LYS A CD  1 
ATOM   151  C  CE  . LYS A 1 23  ? -1.735  14.232  13.553  0.36 18.90 ? 23  LYS A CE  1 
ATOM   152  N  NZ  . LYS A 1 23  ? -2.982  14.696  14.208  0.26 19.02 ? 23  LYS A NZ  1 
ATOM   153  N  N   . ILE A 1 24  ? 2.565   10.312  12.325  1.00 11.01 ? 24  ILE A N   1 
ATOM   154  C  CA  . ILE A 1 24  ? 2.366   8.904   11.921  1.00 10.07 ? 24  ILE A CA  1 
ATOM   155  C  C   . ILE A 1 24  ? 0.882   8.621   11.792  1.00 9.88  ? 24  ILE A C   1 
ATOM   156  O  O   . ILE A 1 24  ? 0.069   9.015   12.647  1.00 11.54 ? 24  ILE A O   1 
ATOM   157  C  CB  . ILE A 1 24  ? 3.041   7.955   12.923  1.00 10.23 ? 24  ILE A CB  1 
ATOM   158  C  CG1 . ILE A 1 24  ? 4.547   7.964   12.687  1.00 11.58 ? 24  ILE A CG1 1 
ATOM   159  C  CG2 . ILE A 1 24  ? 2.452   6.534   12.814  1.00 10.66 ? 24  ILE A CG2 1 
ATOM   160  C  CD1 . ILE A 1 24  ? 5.001   7.092   11.549  1.00 12.54 ? 24  ILE A CD1 1 
ATOM   161  N  N   . HIS A 1 25  ? 0.534   7.879   10.726  1.00 8.47  ? 25  HIS A N   1 
ATOM   162  C  CA  . HIS A 1 25  ? -0.813  7.323   10.487  1.00 8.63  ? 25  HIS A CA  1 
ATOM   163  C  C   . HIS A 1 25  ? -0.928  5.849   10.913  1.00 8.52  ? 25  HIS A C   1 
ATOM   164  O  O   . HIS A 1 25  ? -1.851  5.506   11.679  1.00 9.85  ? 25  HIS A O   1 
ATOM   165  C  CB  . HIS A 1 25  ? -1.111  7.542   9.007   1.00 9.02  ? 25  HIS A CB  1 
ATOM   166  C  CG  . HIS A 1 25  ? -2.293  6.833   8.473   1.00 9.38  ? 25  HIS A CG  1 
ATOM   167  N  ND1 . HIS A 1 25  ? -2.156  5.844   7.509   1.00 11.85 ? 25  HIS A ND1 1 
ATOM   168  C  CD2 . HIS A 1 25  ? -3.600  6.931   8.775   1.00 12.51 ? 25  HIS A CD2 1 
ATOM   169  C  CE1 . HIS A 1 25  ? -3.356  5.361   7.241   1.00 12.96 ? 25  HIS A CE1 1 
ATOM   170  N  NE2 . HIS A 1 25  ? -4.251  6.053   7.957   1.00 11.27 ? 25  HIS A NE2 1 
ATOM   171  N  N   . ARG A 1 26  ? -0.044  5.019   10.440  1.00 7.69  ? 26  ARG A N   1 
ATOM   172  C  CA  . ARG A 1 26  ? -0.148  3.561   10.661  1.00 8.28  ? 26  ARG A CA  1 
ATOM   173  C  C   . ARG A 1 26  ? 1.217   2.940   10.425  1.00 8.31  ? 26  ARG A C   1 
ATOM   174  O  O   . ARG A 1 26  ? 1.927   3.338   9.489   1.00 9.03  ? 26  ARG A O   1 
ATOM   175  C  CB  . ARG A 1 26  ? -1.282  2.967   9.812   1.00 9.30  ? 26  ARG A CB  1 
ATOM   176  C  CG  . ARG A 1 26  ? -1.542  1.497   10.095  1.00 10.32 ? 26  ARG A CG  1 
ATOM   177  C  CD  . ARG A 1 26  ? -2.827  0.977   9.475   1.00 11.77 ? 26  ARG A CD  1 
ATOM   178  N  NE  . ARG A 1 26  ? -3.956  1.518   10.200  1.00 13.80 ? 26  ARG A NE  1 
ATOM   179  C  CZ  . ARG A 1 26  ? -4.900  2.335   9.751   1.00 15.00 ? 26  ARG A CZ  1 
ATOM   180  N  NH1 . ARG A 1 26  ? -4.986  2.685   8.477   1.00 19.26 ? 26  ARG A NH1 1 
ATOM   181  N  NH2 . ARG A 1 26  ? -5.800  2.808   10.575  1.00 17.35 ? 26  ARG A NH2 1 
ATOM   182  N  N   . VAL A 1 27  ? 1.606   1.996   11.278  1.00 7.70  ? 27  VAL A N   1 
ATOM   183  C  CA  . VAL A 1 27  ? 2.907   1.310   11.149  1.00 7.80  ? 27  VAL A CA  1 
ATOM   184  C  C   . VAL A 1 27  ? 2.706   -0.200  11.130  1.00 8.67  ? 27  VAL A C   1 
ATOM   185  O  O   . VAL A 1 27  ? 2.002   -0.704  12.030  1.00 10.02 ? 27  VAL A O   1 
ATOM   186  C  CB  . VAL A 1 27  ? 3.870   1.737   12.272  1.00 8.74  ? 27  VAL A CB  1 
ATOM   187  C  CG1 . VAL A 1 27  ? 5.201   0.995   12.201  1.00 9.31  ? 27  VAL A CG1 1 
ATOM   188  C  CG2 . VAL A 1 27  ? 4.077   3.253   12.229  1.00 9.01  ? 27  VAL A CG2 1 
ATOM   189  N  N   . TRP A 1 28  ? 3.314   -0.880  10.171  1.00 8.56  ? 28  TRP A N   1 
ATOM   190  C  CA  . TRP A 1 28  ? 3.323   -2.358  10.146  1.00 9.43  ? 28  TRP A CA  1 
ATOM   191  C  C   . TRP A 1 28  ? 4.731   -2.818  10.546  1.00 9.38  ? 28  TRP A C   1 
ATOM   192  O  O   . TRP A 1 28  ? 5.664   -2.447  9.919   1.00 9.35  ? 28  TRP A O   1 
ATOM   193  C  CB  . TRP A 1 28  ? 2.957   -2.841  8.730   1.00 8.92  ? 28  TRP A CB  1 
ATOM   194  C  CG  . TRP A 1 28  ? 1.564   -2.509  8.303   1.00 8.60  ? 28  TRP A CG  1 
ATOM   195  C  CD1 . TRP A 1 28  ? 0.482   -3.364  8.314   1.00 8.70  ? 28  TRP A CD1 1 
ATOM   196  C  CD2 . TRP A 1 28  ? 1.097   -1.276  7.735   1.00 8.55  ? 28  TRP A CD2 1 
ATOM   197  N  NE1 . TRP A 1 28  ? -0.632  -2.715  7.856   1.00 9.86  ? 28  TRP A NE1 1 
ATOM   198  C  CE2 . TRP A 1 28  ? -0.276  -1.463  7.436   1.00 9.25  ? 28  TRP A CE2 1 
ATOM   199  C  CE3 . TRP A 1 28  ? 1.698   -0.058  7.427   1.00 9.46  ? 28  TRP A CE3 1 
ATOM   200  C  CZ2 . TRP A 1 28  ? -1.059  -0.471  6.850   1.00 9.65  ? 28  TRP A CZ2 1 
ATOM   201  C  CZ3 . TRP A 1 28  ? 0.928   0.921   6.824   1.00 10.02 ? 28  TRP A CZ3 1 
ATOM   202  C  CH2 . TRP A 1 28  ? -0.431  0.725   6.586   1.00 10.11 ? 28  TRP A CH2 1 
ATOM   203  N  N   . SER A 1 29  ? 4.787   -3.667  11.575  1.00 11.44 ? 29  SER A N   1 
ATOM   204  C  CA  . SER A 1 29  ? 6.075   -4.020  12.190  1.00 12.45 ? 29  SER A CA  1 
ATOM   205  C  C   . SER A 1 29  ? 6.944   -4.907  11.300  1.00 12.20 ? 29  SER A C   1 
ATOM   206  O  O   . SER A 1 29  ? 8.169   -4.700  11.251  1.00 14.43 ? 29  SER A O   1 
ATOM   207  C  CB  . SER A 1 29  ? 5.876   -4.649  13.519  1.00 13.80 ? 29  SER A CB  1 
ATOM   208  O  OG  . SER A 1 29  ? 5.341   -3.695  14.425  1.00 17.26 ? 29  SER A OG  1 
ATOM   209  N  N   . GLU A 1 30  ? 6.357   -5.861  10.558  1.00 12.97 ? 30  GLU A N   1 
ATOM   210  C  CA  . GLU A 1 30  ? 7.167   -6.903  9.896   1.00 13.98 ? 30  GLU A CA  1 
ATOM   211  C  C   . GLU A 1 30  ? 6.594   -7.277  8.532   1.00 11.33 ? 30  GLU A C   1 
ATOM   212  O  O   . GLU A 1 30  ? 5.481   -7.791  8.496   1.00 12.11 ? 30  GLU A O   1 
ATOM   213  C  CB  . GLU A 1 30  ? 7.124   -8.182  10.743  1.00 16.81 ? 30  GLU A CB  1 
ATOM   214  C  CG  . GLU A 1 30  ? 7.980   -8.110  11.985  1.00 22.60 ? 30  GLU A CG  1 
ATOM   215  C  CD  . GLU A 1 30  ? 8.163   -9.485  12.604  1.00 28.44 ? 30  GLU A CD  1 
ATOM   216  O  OE1 . GLU A 1 30  ? 7.405   -9.796  13.545  1.00 39.53 ? 30  GLU A OE1 1 
ATOM   217  O  OE2 . GLU A 1 30  ? 9.006   -10.253 12.078  1.00 34.43 ? 30  GLU A OE2 1 
ATOM   218  N  N   . THR A 1 31  ? 7.391   -7.055  7.511   1.00 10.64 ? 31  THR A N   1 
ATOM   219  C  CA  . THR A 1 31  ? 7.129   -7.409  6.099   1.00 10.79 ? 31  THR A CA  1 
ATOM   220  C  C   . THR A 1 31  ? 8.420   -7.977  5.528   1.00 11.63 ? 31  THR A C   1 
ATOM   221  O  O   . THR A 1 31  ? 9.478   -7.320  5.613   1.00 11.95 ? 31  THR A O   1 
ATOM   222  C  CB  . THR A 1 31  ? 6.646   -6.221  5.255   1.00 11.04 ? 31  THR A CB  1 
ATOM   223  O  OG1 . THR A 1 31  ? 5.410   -5.799  5.800   1.00 10.54 ? 31  THR A OG1 1 
ATOM   224  C  CG2 . THR A 1 31  ? 6.480   -6.553  3.795   1.00 12.06 ? 31  THR A CG2 1 
ATOM   225  N  N   . THR A 1 32  ? 8.339   -9.181  4.958   1.00 11.16 ? 32  THR A N   1 
ATOM   226  C  CA  . THR A 1 32  ? 9.497   -9.805  4.334   1.00 12.30 ? 32  THR A CA  1 
ATOM   227  C  C   . THR A 1 32  ? 9.619   -9.347  2.892   1.00 11.35 ? 32  THR A C   1 
ATOM   228  O  O   . THR A 1 32  ? 8.651   -9.520  2.124   1.00 12.30 ? 32  THR A O   1 
ATOM   229  C  CB  . THR A 1 32  ? 9.388   -11.335 4.416   1.00 13.11 ? 32  THR A CB  1 
ATOM   230  O  OG1 . THR A 1 32  ? 9.186   -11.694 5.785   1.00 15.63 ? 32  THR A OG1 1 
ATOM   231  C  CG2 . THR A 1 32  ? 10.622  -11.979 3.842   1.00 15.05 ? 32  THR A CG2 1 
ATOM   232  N  N   . ILE A 1 33  ? 10.754  -8.826  2.478   1.00 12.22 ? 33  ILE A N   1 
ATOM   233  C  CA  . ILE A 1 33  ? 10.975  -8.347  1.103   1.00 12.77 ? 33  ILE A CA  1 
ATOM   234  C  C   . ILE A 1 33  ? 11.137  -9.514  0.118   1.00 13.89 ? 33  ILE A C   1 
ATOM   235  O  O   . ILE A 1 33  ? 11.902  -10.466 0.411   1.00 13.94 ? 33  ILE A O   1 
ATOM   236  C  CB  . ILE A 1 33  ? 12.162  -7.403  1.082   1.00 14.89 ? 33  ILE A CB  1 
ATOM   237  C  CG1 . ILE A 1 33  ? 11.864  -6.185  1.962   1.00 14.50 ? 33  ILE A CG1 1 
ATOM   238  C  CG2 . ILE A 1 33  ? 12.532  -6.992  -0.324  1.00 14.23 ? 33  ILE A CG2 1 
ATOM   239  C  CD1 . ILE A 1 33  ? 10.590  -5.457  1.604   1.00 15.84 ? 33  ILE A CD1 1 
ATOM   240  N  N   . LEU A 1 34  ? 10.376  -9.478  -0.966  1.00 12.65 ? 34  LEU A N   1 
ATOM   241  C  CA  . LEU A 1 34  ? 10.392  -10.516 -2.031  1.00 13.37 ? 34  LEU A CA  1 
ATOM   242  C  C   . LEU A 1 34  ? 11.096  -9.965  -3.264  1.00 14.67 ? 34  LEU A C   1 
ATOM   243  O  O   . LEU A 1 34  ? 11.687  -10.756 -4.048  1.00 15.35 ? 34  LEU A O   1 
ATOM   244  C  CB  . LEU A 1 34  ? 8.941   -10.879 -2.316  1.00 13.04 ? 34  LEU A CB  1 
ATOM   245  C  CG  . LEU A 1 34  ? 8.119   -11.353 -1.125  1.00 13.92 ? 34  LEU A CG  1 
ATOM   246  C  CD1 . LEU A 1 34  ? 6.680   -11.616 -1.524  1.00 14.98 ? 34  LEU A CD1 1 
ATOM   247  C  CD2 . LEU A 1 34  ? 8.735   -12.550 -0.428  1.00 16.04 ? 34  LEU A CD2 1 
ATOM   248  N  N   . LYS A 1 35  ? 10.977  -8.664  -3.534  1.00 14.19 ? 35  LYS A N   1 
ATOM   249  C  CA  . LYS A 1 35  ? 11.613  -7.995  -4.671  1.00 15.92 ? 35  LYS A CA  1 
ATOM   250  C  C   . LYS A 1 35  ? 11.949  -6.578  -4.248  1.00 17.51 ? 35  LYS A C   1 
ATOM   251  O  O   . LYS A 1 35  ? 11.103  -5.917  -3.615  1.00 15.52 ? 35  LYS A O   1 
ATOM   252  C  CB  . LYS A 1 35  ? 10.716  -7.999  -5.896  1.00 19.74 ? 35  LYS A CB  1 
ATOM   253  C  CG  . LYS A 1 35  ? 11.278  -7.338  -7.147  1.00 22.66 ? 35  LYS A CG  1 
ATOM   254  C  CD  . LYS A 1 35  ? 10.368  -7.567  -8.334  1.00 26.23 ? 35  LYS A CD  1 
ATOM   255  C  CE  . LYS A 1 35  ? 10.923  -7.054  -9.647  0.64 28.82 ? 35  LYS A CE  1 
ATOM   256  N  NZ  . LYS A 1 35  ? 11.331  -8.194  -10.503 0.83 33.18 ? 35  LYS A NZ  1 
ATOM   257  N  N   . GLY A 1 36  ? 13.178  -6.141  -4.478  1.00 17.94 ? 36  GLY A N   1 
ATOM   258  C  CA  . GLY A 1 36  ? 13.538  -4.746  -4.223  1.00 20.19 ? 36  GLY A CA  1 
ATOM   259  C  C   . GLY A 1 36  ? 14.327  -4.217  -5.382  1.00 21.81 ? 36  GLY A C   1 
ATOM   260  O  O   . GLY A 1 36  ? 15.462  -4.722  -5.578  1.00 21.86 ? 36  GLY A O   1 
ATOM   261  N  N   . THR A 1 37  ? 13.750  -3.313  -6.161  1.00 24.24 ? 37  THR A N   1 
ATOM   262  C  CA  . THR A 1 37  ? 14.475  -2.572  -7.227  1.00 24.69 ? 37  THR A CA  1 
ATOM   263  C  C   . THR A 1 37  ? 14.349  -1.077  -6.959  1.00 26.46 ? 37  THR A C   1 
ATOM   264  O  O   . THR A 1 37  ? 13.781  -0.694  -5.897  1.00 25.49 ? 37  THR A O   1 
ATOM   265  C  CB  . THR A 1 37  ? 13.963  -2.967  -8.609  1.00 24.72 ? 37  THR A CB  1 
ATOM   266  O  OG1 . THR A 1 37  ? 12.671  -2.376  -8.780  1.00 29.15 ? 37  THR A OG1 1 
ATOM   267  C  CG2 . THR A 1 37  ? 13.874  -4.465  -8.786  1.00 25.78 ? 37  THR A CG2 1 
ATOM   268  N  N   . ASP A 1 38  ? 14.922  -0.293  -7.872  1.00 29.62 ? 38  ASP A N   1 
ATOM   269  C  CA  . ASP A 1 38  ? 14.886  1.188   -7.879  1.00 32.88 ? 38  ASP A CA  1 
ATOM   270  C  C   . ASP A 1 38  ? 13.430  1.662   -7.972  1.00 31.19 ? 38  ASP A C   1 
ATOM   271  O  O   . ASP A 1 38  ? 13.135  2.690   -7.339  1.00 37.06 ? 38  ASP A O   1 
ATOM   272  C  CB  . ASP A 1 38  ? 15.742  1.759   -9.014  1.00 34.97 ? 38  ASP A CB  1 
ATOM   273  C  CG  . ASP A 1 38  ? 17.219  1.747   -8.673  0.64 37.25 ? 38  ASP A CG  1 
ATOM   274  O  OD1 . ASP A 1 38  ? 17.624  2.539   -7.794  0.33 35.44 ? 38  ASP A OD1 1 
ATOM   275  O  OD2 . ASP A 1 38  ? 17.939  0.923   -9.260  0.46 38.61 ? 38  ASP A OD2 1 
ATOM   276  N  N   . HIS A 1 39  ? 12.552  0.964   -8.706  1.00 25.90 ? 39  HIS A N   1 
ATOM   277  C  CA  . HIS A 1 39  ? 11.156  1.437   -8.935  1.00 25.04 ? 39  HIS A CA  1 
ATOM   278  C  C   . HIS A 1 39  ? 10.111  0.694   -8.089  1.00 20.70 ? 39  HIS A C   1 
ATOM   279  O  O   . HIS A 1 39  ? 9.050   1.264   -7.892  1.00 18.00 ? 39  HIS A O   1 
ATOM   280  C  CB  . HIS A 1 39  ? 10.743  1.314   -10.401 1.00 28.27 ? 39  HIS A CB  1 
ATOM   281  C  CG  . HIS A 1 39  ? 11.499  2.231   -11.303 1.00 33.17 ? 39  HIS A CG  1 
ATOM   282  N  ND1 . HIS A 1 39  ? 11.552  2.031   -12.670 1.00 44.66 ? 39  HIS A ND1 1 
ATOM   283  C  CD2 . HIS A 1 39  ? 12.229  3.335   -11.048 1.00 37.07 ? 39  HIS A CD2 1 
ATOM   284  C  CE1 . HIS A 1 39  ? 12.301  2.966   -13.220 1.00 40.89 ? 39  HIS A CE1 1 
ATOM   285  N  NE2 . HIS A 1 39  ? 12.726  3.779   -12.248 1.00 36.43 ? 39  HIS A NE2 1 
ATOM   286  N  N   . VAL A 1 40  ? 10.362  -0.550  -7.708  1.00 18.32 ? 40  VAL A N   1 
ATOM   287  C  CA  . VAL A 1 40  ? 9.303   -1.436  -7.142  1.00 15.79 ? 40  VAL A CA  1 
ATOM   288  C  C   . VAL A 1 40  ? 9.830   -2.189  -5.934  1.00 16.22 ? 40  VAL A C   1 
ATOM   289  O  O   . VAL A 1 40  ? 10.910  -2.830  -6.005  1.00 18.46 ? 40  VAL A O   1 
ATOM   290  C  CB  . VAL A 1 40  ? 8.736   -2.392  -8.199  1.00 17.42 ? 40  VAL A CB  1 
ATOM   291  C  CG1 . VAL A 1 40  ? 7.825   -3.451  -7.589  1.00 19.53 ? 40  VAL A CG1 1 
ATOM   292  C  CG2 . VAL A 1 40  ? 8.016   -1.618  -9.273  1.00 18.49 ? 40  VAL A CG2 1 
ATOM   293  N  N   . VAL A 1 41  ? 9.045   -2.209  -4.886  1.00 12.49 ? 41  VAL A N   1 
ATOM   294  C  CA  . VAL A 1 41  ? 9.259   -3.087  -3.713  1.00 11.38 ? 41  VAL A CA  1 
ATOM   295  C  C   . VAL A 1 41  ? 8.024   -3.950  -3.550  1.00 11.64 ? 41  VAL A C   1 
ATOM   296  O  O   . VAL A 1 41  ? 6.874   -3.416  -3.511  1.00 10.89 ? 41  VAL A O   1 
ATOM   297  C  CB  . VAL A 1 41  ? 9.596   -2.287  -2.456  1.00 11.38 ? 41  VAL A CB  1 
ATOM   298  C  CG1 . VAL A 1 41  ? 9.674   -3.157  -1.237  1.00 11.74 ? 41  VAL A CG1 1 
ATOM   299  C  CG2 . VAL A 1 41  ? 10.896  -1.523  -2.682  1.00 12.42 ? 41  VAL A CG2 1 
ATOM   300  N  N   . ILE A 1 42  ? 8.249   -5.241  -3.505  1.00 9.97  ? 42  ILE A N   1 
ATOM   301  C  CA  . ILE A 1 42  ? 7.193   -6.239  -3.236  1.00 10.43 ? 42  ILE A CA  1 
ATOM   302  C  C   . ILE A 1 42  ? 7.558   -6.927  -1.929  1.00 10.93 ? 42  ILE A C   1 
ATOM   303  O  O   . ILE A 1 42  ? 8.727   -7.398  -1.762  1.00 10.20 ? 42  ILE A O   1 
ATOM   304  C  CB  . ILE A 1 42  ? 7.024   -7.238  -4.391  1.00 11.43 ? 42  ILE A CB  1 
ATOM   305  C  CG1 . ILE A 1 42  ? 6.750   -6.513  -5.711  1.00 13.78 ? 42  ILE A CG1 1 
ATOM   306  C  CG2 . ILE A 1 42  ? 5.917   -8.233  -4.067  1.00 11.16 ? 42  ILE A CG2 1 
ATOM   307  C  CD1 . ILE A 1 42  ? 6.643   -7.391  -6.930  1.00 16.47 ? 42  ILE A CD1 1 
ATOM   308  N  N   . GLY A 1 43  ? 6.623   -7.054  -1.032  1.00 9.83  ? 43  GLY A N   1 
ATOM   309  C  CA  . GLY A 1 43  ? 6.832   -7.743  0.237   1.00 10.02 ? 43  GLY A CA  1 
ATOM   310  C  C   . GLY A 1 43  ? 5.645   -8.602  0.621   1.00 9.57  ? 43  GLY A C   1 
ATOM   311  O  O   . GLY A 1 43  ? 4.559   -8.489  0.029   1.00 9.87  ? 43  GLY A O   1 
ATOM   312  N  N   . GLY A 1 44  ? 5.822   -9.440  1.619   1.00 9.85  ? 44  GLY A N   1 
ATOM   313  C  CA  . GLY A 1 44  ? 4.743   -10.251 2.185   1.00 9.54  ? 44  GLY A CA  1 
ATOM   314  C  C   . GLY A 1 44  ? 4.658   -10.041 3.679   1.00 9.83  ? 44  GLY A C   1 
ATOM   315  O  O   . GLY A 1 44  ? 5.722   -9.934  4.350   1.00 10.82 ? 44  GLY A O   1 
ATOM   316  N  N   . ASN A 1 45  ? 3.461   -9.959  4.226   1.00 10.08 ? 45  ASN A N   1 
ATOM   317  C  CA  . ASN A 1 45  ? 3.312   -9.992  5.696   1.00 10.96 ? 45  ASN A CA  1 
ATOM   318  C  C   . ASN A 1 45  ? 2.190   -10.928 6.083   1.00 11.36 ? 45  ASN A C   1 
ATOM   319  O  O   . ASN A 1 45  ? 1.353   -11.263 5.249   1.00 13.21 ? 45  ASN A O   1 
ATOM   320  C  CB  . ASN A 1 45  ? 3.172   -8.589  6.296   1.00 11.02 ? 45  ASN A CB  1 
ATOM   321  C  CG  . ASN A 1 45  ? 2.137   -7.684  5.662   1.00 10.77 ? 45  ASN A CG  1 
ATOM   322  O  OD1 . ASN A 1 45  ? 0.957   -8.004  5.602   1.00 11.32 ? 45  ASN A OD1 1 
ATOM   323  N  ND2 . ASN A 1 45  ? 2.555   -6.452  5.336   1.00 10.56 ? 45  ASN A ND2 1 
ATOM   324  N  N   . ASP A 1 46  ? 2.179   -11.344 7.343   1.00 12.29 ? 46  ASP A N   1 
ATOM   325  C  CA  . ASP A 1 46  ? 1.206   -12.314 7.874   1.00 13.64 ? 46  ASP A CA  1 
ATOM   326  C  C   . ASP A 1 46  ? 1.259   -12.245 9.395   1.00 13.66 ? 46  ASP A C   1 
ATOM   327  O  O   . ASP A 1 46  ? 2.378   -12.455 9.938   1.00 14.59 ? 46  ASP A O   1 
ATOM   328  C  CB  . ASP A 1 46  ? 1.565   -13.705 7.378   1.00 15.95 ? 46  ASP A CB  1 
ATOM   329  C  CG  . ASP A 1 46  ? 0.518   -14.759 7.689   1.00 17.41 ? 46  ASP A CG  1 
ATOM   330  O  OD1 . ASP A 1 46  ? -0.605  -14.421 8.113   1.00 18.55 ? 46  ASP A OD1 1 
ATOM   331  O  OD2 . ASP A 1 46  ? 0.852   -15.926 7.472   1.00 23.57 ? 46  ASP A OD2 1 
ATOM   332  N  N   . HIS A 1 47  ? 0.138   -11.887 10.011  1.00 15.57 ? 47  HIS A N   1 
ATOM   333  C  CA  . HIS A 1 47  ? 0.039   -11.692 11.472  1.00 16.75 ? 47  HIS A CA  1 
ATOM   334  C  C   . HIS A 1 47  ? 1.132   -10.735 11.924  1.00 16.76 ? 47  HIS A C   1 
ATOM   335  O  O   . HIS A 1 47  ? 1.862   -11.024 12.892  1.00 17.71 ? 47  HIS A O   1 
ATOM   336  C  CB  . HIS A 1 47  ? 0.117   -13.051 12.184  1.00 20.88 ? 47  HIS A CB  1 
ATOM   337  C  CG  . HIS A 1 47  ? -1.134  -13.831 11.961  1.00 26.43 ? 47  HIS A CG  1 
ATOM   338  N  ND1 . HIS A 1 47  ? -1.462  -14.369 10.729  1.00 30.16 ? 47  HIS A ND1 1 
ATOM   339  C  CD2 . HIS A 1 47  ? -2.171  -14.102 12.784  1.00 29.41 ? 47  HIS A CD2 1 
ATOM   340  C  CE1 . HIS A 1 47  ? -2.631  -14.968 10.809  1.00 32.80 ? 47  HIS A CE1 1 
ATOM   341  N  NE2 . HIS A 1 47  ? -3.079  -14.828 12.062  1.00 34.77 ? 47  HIS A NE2 1 
ATOM   342  N  N   . THR A 1 48  ? 1.282   -9.613  11.204  1.00 14.76 ? 48  THR A N   1 
ATOM   343  C  CA  . THR A 1 48  ? 2.165   -8.508  11.650  1.00 14.83 ? 48  THR A CA  1 
ATOM   344  C  C   . THR A 1 48  ? 1.402   -7.656  12.662  1.00 12.16 ? 48  THR A C   1 
ATOM   345  O  O   . THR A 1 48  ? 0.172   -7.400  12.529  1.00 12.03 ? 48  THR A O   1 
ATOM   346  C  CB  . THR A 1 48  ? 2.726   -7.664  10.493  1.00 13.08 ? 48  THR A CB  1 
ATOM   347  O  OG1 . THR A 1 48  ? 3.544   -6.631  11.057  1.00 15.90 ? 48  THR A OG1 1 
ATOM   348  C  CG2 . THR A 1 48  ? 1.706   -7.015  9.598   1.00 12.51 ? 48  THR A CG2 1 
ATOM   349  N  N   . LEU A 1 49  ? 2.169   -7.113  13.604  1.00 14.81 ? 49  LEU A N   1 
ATOM   350  C  CA  . LEU A 1 49  ? 1.619   -6.047  14.474  1.00 16.00 ? 49  LEU A CA  1 
ATOM   351  C  C   . LEU A 1 49  ? 1.417   -4.794  13.629  1.00 12.64 ? 49  LEU A C   1 
ATOM   352  O  O   . LEU A 1 49  ? 2.253   -4.548  12.718  1.00 13.80 ? 49  LEU A O   1 
ATOM   353  C  CB  . LEU A 1 49  ? 2.571   -5.734  15.614  1.00 17.99 ? 49  LEU A CB  1 
ATOM   354  C  CG  . LEU A 1 49  ? 1.908   -4.966  16.743  1.00 21.68 ? 49  LEU A CG  1 
ATOM   355  C  CD1 . LEU A 1 49  ? 0.954   -5.857  17.537  1.00 22.42 ? 49  LEU A CD1 1 
ATOM   356  C  CD2 . LEU A 1 49  ? 2.958   -4.363  17.641  1.00 25.12 ? 49  LEU A CD2 1 
ATOM   357  N  N   . VAL A 1 50  ? 0.316   -4.141  13.909  1.00 12.64 ? 50  VAL A N   1 
ATOM   358  C  CA  . VAL A 1 50  ? -0.094  -2.865  13.279  1.00 11.67 ? 50  VAL A CA  1 
ATOM   359  C  C   . VAL A 1 50  ? -0.269  -1.871  14.417  1.00 13.24 ? 50  VAL A C   1 
ATOM   360  O  O   . VAL A 1 50  ? -0.917  -2.218  15.381  1.00 14.49 ? 50  VAL A O   1 
ATOM   361  C  CB  . VAL A 1 50  ? -1.385  -3.006  12.468  1.00 12.58 ? 50  VAL A CB  1 
ATOM   362  C  CG1 . VAL A 1 50  ? -1.605  -1.702  11.710  1.00 13.32 ? 50  VAL A CG1 1 
ATOM   363  C  CG2 . VAL A 1 50  ? -1.342  -4.218  11.526  1.00 12.94 ? 50  VAL A CG2 1 
ATOM   364  N  N   . THR A 1 51  ? 0.316   -0.678  14.298  1.00 11.61 ? 51  THR A N   1 
ATOM   365  C  CA  . THR A 1 51  ? 0.203   0.388   15.298  1.00 11.44 ? 51  THR A CA  1 
ATOM   366  C  C   . THR A 1 51  ? -0.565  1.547   14.703  1.00 11.95 ? 51  THR A C   1 
ATOM   367  O  O   . THR A 1 51  ? -0.186  2.015   13.619  1.00 10.67 ? 51  THR A O   1 
ATOM   368  C  CB  . THR A 1 51  ? 1.581   0.812   15.796  1.00 11.50 ? 51  THR A CB  1 
ATOM   369  O  OG1 . THR A 1 51  ? 2.289   -0.332  16.269  1.00 13.61 ? 51  THR A OG1 1 
ATOM   370  C  CG2 . THR A 1 51  ? 1.486   1.830   16.911  1.00 11.17 ? 51  THR A CG2 1 
ATOM   371  N  N   . GLU A 1 52  ? -1.606  1.988   15.401  1.00 12.12 ? 52  GLU A N   1 
ATOM   372  C  CA  . GLU A 1 52  ? -2.466  3.122   15.049  1.00 13.41 ? 52  GLU A CA  1 
ATOM   373  C  C   . GLU A 1 52  ? -1.818  4.434   15.531  1.00 12.93 ? 52  GLU A C   1 
ATOM   374  O  O   . GLU A 1 52  ? -0.812  4.414   16.305  1.00 13.09 ? 52  GLU A O   1 
ATOM   375  C  CB  . GLU A 1 52  ? -3.861  2.919   15.642  1.00 13.92 ? 52  GLU A CB  1 
ATOM   376  C  CG  . GLU A 1 52  ? -4.547  1.663   15.138  1.00 15.27 ? 52  GLU A CG  1 
ATOM   377  C  CD  . GLU A 1 52  ? -4.812  1.726   13.652  1.00 15.75 ? 52  GLU A CD  1 
ATOM   378  O  OE1 . GLU A 1 52  ? -5.502  2.686   13.229  1.00 19.98 ? 52  GLU A OE1 1 
ATOM   379  O  OE2 . GLU A 1 52  ? -4.343  0.830   12.938  1.00 14.77 ? 52  GLU A OE2 1 
ATOM   380  N  N   . SER A 1 53  ? -2.386  5.560   15.116  1.00 14.64 ? 53  SER A N   1 
ATOM   381  C  CA  . SER A 1 53  ? -1.793  6.897   15.368  1.00 16.28 ? 53  SER A CA  1 
ATOM   382  C  C   . SER A 1 53  ? -1.835  7.211   16.860  1.00 17.14 ? 53  SER A C   1 
ATOM   383  O  O   . SER A 1 53  ? -1.009  8.016   17.268  1.00 20.78 ? 53  SER A O   1 
ATOM   384  C  CB  . SER A 1 53  ? -2.474  7.988   14.604  1.00 18.33 ? 53  SER A CB  1 
ATOM   385  O  OG  . SER A 1 53  ? -3.840  8.030   14.929  1.00 19.67 ? 53  SER A OG  1 
ATOM   386  N  N   . ASP A 1 54  ? -2.729  6.568   17.633  1.00 15.14 ? 54  ASP A N   1 
ATOM   387  C  CA  . ASP A 1 54  ? -2.826  6.759   19.111  1.00 16.69 ? 54  ASP A CA  1 
ATOM   388  C  C   . ASP A 1 54  ? -1.971  5.718   19.868  1.00 14.70 ? 54  ASP A C   1 
ATOM   389  O  O   . ASP A 1 54  ? -2.010  5.631   21.131  1.00 15.06 ? 54  ASP A O   1 
ATOM   390  C  CB  . ASP A 1 54  ? -4.291  6.768   19.552  1.00 18.05 ? 54  ASP A CB  1 
ATOM   391  C  CG  . ASP A 1 54  ? -4.945  5.408   19.455  1.00 24.02 ? 54  ASP A CG  1 
ATOM   392  O  OD1 . ASP A 1 54  ? -4.301  4.473   18.894  1.00 23.51 ? 54  ASP A OD1 1 
ATOM   393  O  OD2 . ASP A 1 54  ? -6.077  5.270   19.967  1.00 29.29 ? 54  ASP A OD2 1 
ATOM   394  N  N   . GLY A 1 55  ? -1.227  4.878   19.154  1.00 13.56 ? 55  GLY A N   1 
ATOM   395  C  CA  . GLY A 1 55  ? -0.354  3.825   19.685  1.00 13.21 ? 55  GLY A CA  1 
ATOM   396  C  C   . GLY A 1 55  ? -1.056  2.470   19.835  1.00 12.24 ? 55  GLY A C   1 
ATOM   397  O  O   . GLY A 1 55  ? -0.340  1.513   20.004  1.00 13.02 ? 55  GLY A O   1 
ATOM   398  N  N   . ARG A 1 56  ? -2.382  2.423   19.701  1.00 16.35 ? 56  ARG A N   1 
ATOM   399  C  CA  . ARG A 1 56  ? -3.123  1.144   19.886  1.00 18.22 ? 56  ARG A CA  1 
ATOM   400  C  C   . ARG A 1 56  ? -2.695  0.131   18.808  1.00 21.00 ? 56  ARG A C   1 
ATOM   401  O  O   . ARG A 1 56  ? -2.422  0.486   17.667  1.00 17.33 ? 56  ARG A O   1 
ATOM   402  C  CB  . ARG A 1 56  ? -4.624  1.387   19.866  1.00 21.93 ? 56  ARG A CB  1 
ATOM   403  C  CG  . ARG A 1 56  ? -5.134  2.163   21.065  1.00 24.29 ? 56  ARG A CG  1 
ATOM   404  C  CD  . ARG A 1 56  ? -6.607  2.485   20.880  1.00 27.68 ? 56  ARG A CD  1 
ATOM   405  N  NE  . ARG A 1 56  ? -7.087  3.421   21.871  1.00 31.46 ? 56  ARG A NE  1 
ATOM   406  C  CZ  . ARG A 1 56  ? -7.298  3.076   23.131  1.00 30.64 ? 56  ARG A CZ  1 
ATOM   407  N  NH1 . ARG A 1 56  ? -7.728  3.985   23.985  1.00 35.20 ? 56  ARG A NH1 1 
ATOM   408  N  NH2 . ARG A 1 56  ? -7.065  1.829   23.517  1.00 34.16 ? 56  ARG A NH2 1 
ATOM   409  N  N   . THR A 1 57  ? -2.745  -1.143  19.157  1.00 21.36 ? 57  THR A N   1 
ATOM   410  C  CA  . THR A 1 57  ? -2.183  -2.201  18.293  1.00 21.66 ? 57  THR A CA  1 
ATOM   411  C  C   . THR A 1 57  ? -3.238  -3.266  17.981  1.00 22.69 ? 57  THR A C   1 
ATOM   412  O  O   . THR A 1 57  ? -4.311  -3.428  18.680  1.00 21.11 ? 57  THR A O   1 
ATOM   413  C  CB  . THR A 1 57  ? -0.890  -2.778  18.874  1.00 19.73 ? 57  THR A CB  1 
ATOM   414  O  OG1 . THR A 1 57  ? -1.157  -3.293  20.190  1.00 22.20 ? 57  THR A OG1 1 
ATOM   415  C  CG2 . THR A 1 57  ? 0.235   -1.784  18.971  1.00 20.99 ? 57  THR A CG2 1 
ATOM   416  N  N   . TRP A 1 58  ? -2.962  -3.947  16.885  1.00 20.60 ? 58  TRP A N   1 
ATOM   417  C  CA  . TRP A 1 58  ? -3.747  -5.131  16.482  1.00 19.48 ? 58  TRP A CA  1 
ATOM   418  C  C   . TRP A 1 58  ? -2.848  -5.966  15.583  1.00 19.98 ? 58  TRP A C   1 
ATOM   419  O  O   . TRP A 1 58  ? -1.760  -5.499  15.235  1.00 17.86 ? 58  TRP A O   1 
ATOM   420  C  CB  . TRP A 1 58  ? -5.068  -4.734  15.843  1.00 19.73 ? 58  TRP A CB  1 
ATOM   421  C  CG  . TRP A 1 58  ? -4.937  -3.811  14.672  1.00 19.65 ? 58  TRP A CG  1 
ATOM   422  C  CD1 . TRP A 1 58  ? -4.739  -2.459  14.707  1.00 20.40 ? 58  TRP A CD1 1 
ATOM   423  C  CD2 . TRP A 1 58  ? -5.060  -4.165  13.288  1.00 18.67 ? 58  TRP A CD2 1 
ATOM   424  N  NE1 . TRP A 1 58  ? -4.702  -1.959  13.435  1.00 16.77 ? 58  TRP A NE1 1 
ATOM   425  C  CE2 . TRP A 1 58  ? -4.894  -2.983  12.543  1.00 18.02 ? 58  TRP A CE2 1 
ATOM   426  C  CE3 . TRP A 1 58  ? -5.273  -5.369  12.605  1.00 18.62 ? 58  TRP A CE3 1 
ATOM   427  C  CZ2 . TRP A 1 58  ? -4.949  -2.967  11.154  1.00 17.66 ? 58  TRP A CZ2 1 
ATOM   428  C  CZ3 . TRP A 1 58  ? -5.364  -5.337  11.228  1.00 18.95 ? 58  TRP A CZ3 1 
ATOM   429  C  CH2 . TRP A 1 58  ? -5.210  -4.152  10.519  1.00 18.14 ? 58  TRP A CH2 1 
ATOM   430  N  N   . ILE A 1 59  ? -3.235  -7.208  15.309  1.00 18.47 ? 59  ILE A N   1 
ATOM   431  C  CA  . ILE A 1 59  ? -2.354  -8.135  14.541  1.00 18.51 ? 59  ILE A CA  1 
ATOM   432  C  C   . ILE A 1 59  ? -3.141  -8.496  13.286  1.00 16.44 ? 59  ILE A C   1 
ATOM   433  O  O   . ILE A 1 59  ? -4.354  -8.781  13.397  1.00 17.49 ? 59  ILE A O   1 
ATOM   434  C  CB  . ILE A 1 59  ? -1.946  -9.360  15.384  1.00 19.67 ? 59  ILE A CB  1 
ATOM   435  C  CG1 . ILE A 1 59  ? -0.993  -8.977  16.516  1.00 22.15 ? 59  ILE A CG1 1 
ATOM   436  C  CG2 . ILE A 1 59  ? -1.360  -10.469 14.521  1.00 19.71 ? 59  ILE A CG2 1 
ATOM   437  C  CD1 . ILE A 1 59  ? -1.059  -9.934  17.665  1.00 23.24 ? 59  ILE A CD1 1 
ATOM   438  N  N   . THR A 1 60  ? -2.521  -8.422  12.102  1.00 15.57 ? 60  THR A N   1 
ATOM   439  C  CA  . THR A 1 60  ? -3.244  -8.775  10.841  1.00 15.27 ? 60  THR A CA  1 
ATOM   440  C  C   . THR A 1 60  ? -3.696  -10.235 10.905  1.00 17.39 ? 60  THR A C   1 
ATOM   441  O  O   . THR A 1 60  ? -3.012  -11.019 11.584  1.00 16.31 ? 60  THR A O   1 
ATOM   442  C  CB  . THR A 1 60  ? -2.419  -8.531  9.573   1.00 15.17 ? 60  THR A CB  1 
ATOM   443  O  OG1 . THR A 1 60  ? -1.227  -9.310  9.561   1.00 13.92 ? 60  THR A OG1 1 
ATOM   444  C  CG2 . THR A 1 60  ? -2.043  -7.077  9.453   1.00 14.96 ? 60  THR A CG2 1 
ATOM   445  N  N   . ARG A 1 61  ? -4.771  -10.538 10.183  1.00 19.37 ? 61  ARG A N   1 
ATOM   446  C  CA  . ARG A 1 61  ? -5.501  -11.832 10.328  1.00 21.15 ? 61  ARG A CA  1 
ATOM   447  C  C   . ARG A 1 61  ? -5.206  -12.779 9.166   1.00 20.39 ? 61  ARG A C   1 
ATOM   448  O  O   . ARG A 1 61  ? -5.689  -13.909 9.223   1.00 21.93 ? 61  ARG A O   1 
ATOM   449  C  CB  . ARG A 1 61  ? -6.999  -11.562 10.402  0.75 23.44 ? 61  ARG A CB  1 
ATOM   450  C  CG  . ARG A 1 61  ? -7.378  -10.730 11.616  0.83 24.99 ? 61  ARG A CG  1 
ATOM   451  C  CD  . ARG A 1 61  ? -8.880  -10.662 11.826  0.84 27.23 ? 61  ARG A CD  1 
ATOM   452  N  NE  . ARG A 1 61  ? -9.270  -9.861  12.976  0.44 27.78 ? 61  ARG A NE  1 
ATOM   453  C  CZ  . ARG A 1 61  ? -10.523 -9.688  13.374  0.15 30.12 ? 61  ARG A CZ  1 
ATOM   454  N  NH1 . ARG A 1 61  ? -11.514 -10.263 12.714  0.78 34.51 ? 61  ARG A NH1 1 
ATOM   455  N  NH2 . ARG A 1 61  ? -10.787 -8.945  14.434  0.29 29.55 ? 61  ARG A NH2 1 
ATOM   456  N  N   . GLU A 1 62  ? -4.503  -12.342 8.126   1.00 18.78 ? 62  GLU A N   1 
ATOM   457  C  CA  . GLU A 1 62  ? -4.258  -13.198 6.943   1.00 17.33 ? 62  GLU A CA  1 
ATOM   458  C  C   . GLU A 1 62  ? -2.997  -12.733 6.223   1.00 14.92 ? 62  GLU A C   1 
ATOM   459  O  O   . GLU A 1 62  ? -2.495  -11.627 6.450   1.00 14.13 ? 62  GLU A O   1 
ATOM   460  C  CB  . GLU A 1 62  ? -5.474  -13.210 6.011   1.00 19.28 ? 62  GLU A CB  1 
ATOM   461  C  CG  . GLU A 1 62  ? -5.838  -11.909 5.339   1.00 20.65 ? 62  GLU A CG  1 
ATOM   462  C  CD  . GLU A 1 62  ? -6.723  -10.953 6.124   0.76 21.67 ? 62  GLU A CD  1 
ATOM   463  O  OE1 . GLU A 1 62  ? -7.737  -11.400 6.690   0.32 19.44 ? 62  GLU A OE1 1 
ATOM   464  O  OE2 . GLU A 1 62  ? -6.362  -9.763  6.180   0.56 20.27 ? 62  GLU A OE2 1 
ATOM   465  N  N   . PRO A 1 63  ? -2.385  -13.598 5.398   1.00 13.77 ? 63  PRO A N   1 
ATOM   466  C  CA  . PRO A 1 63  ? -1.249  -13.190 4.594   1.00 13.15 ? 63  PRO A CA  1 
ATOM   467  C  C   . PRO A 1 63  ? -1.627  -12.102 3.586   1.00 12.38 ? 63  PRO A C   1 
ATOM   468  O  O   . PRO A 1 63  ? -2.769  -12.050 3.138   1.00 12.28 ? 63  PRO A O   1 
ATOM   469  C  CB  . PRO A 1 63  ? -0.814  -14.433 3.818   1.00 14.73 ? 63  PRO A CB  1 
ATOM   470  C  CG  . PRO A 1 63  ? -1.660  -15.578 4.350   1.00 15.77 ? 63  PRO A CG  1 
ATOM   471  C  CD  . PRO A 1 63  ? -2.790  -14.995 5.158   1.00 15.18 ? 63  PRO A CD  1 
ATOM   472  N  N   . ALA A 1 64  ? -0.653  -11.246 3.271   1.00 10.88 ? 64  ALA A N   1 
ATOM   473  C  CA  . ALA A 1 64  ? -0.818  -10.183 2.249   1.00 10.05 ? 64  ALA A CA  1 
ATOM   474  C  C   . ALA A 1 64  ? 0.477   -10.018 1.464   1.00 10.08 ? 64  ALA A C   1 
ATOM   475  O  O   . ALA A 1 64  ? 1.544   -10.202 2.036   1.00 10.55 ? 64  ALA A O   1 
ATOM   476  C  CB  . ALA A 1 64  ? -1.227  -8.871  2.891   1.00 10.80 ? 64  ALA A CB  1 
ATOM   477  N  N   . ILE A 1 65  ? 0.372   -9.616  0.192   1.00 8.50  ? 65  ILE A N   1 
ATOM   478  C  CA  . ILE A 1 65  ? 1.492   -9.118  -0.623  1.00 9.57  ? 65  ILE A CA  1 
ATOM   479  C  C   . ILE A 1 65  ? 1.311   -7.604  -0.719  1.00 8.63  ? 65  ILE A C   1 
ATOM   480  O  O   . ILE A 1 65  ? 0.184   -7.123  -0.966  1.00 8.45  ? 65  ILE A O   1 
ATOM   481  C  CB  . ILE A 1 65  ? 1.490   -9.807  -2.000  1.00 10.50 ? 65  ILE A CB  1 
ATOM   482  C  CG1 . ILE A 1 65  ? 1.692   -11.328 -1.881  1.00 12.52 ? 65  ILE A CG1 1 
ATOM   483  C  CG2 . ILE A 1 65  ? 2.494   -9.150  -2.919  1.00 11.31 ? 65  ILE A CG2 1 
ATOM   484  C  CD1 . ILE A 1 65  ? 3.025   -11.736 -1.348  1.00 14.23 ? 65  ILE A CD1 1 
ATOM   485  N  N   . VAL A 1 66  ? 2.388   -6.860  -0.491  1.00 7.85  ? 66  VAL A N   1 
ATOM   486  C  CA  . VAL A 1 66  ? 2.374   -5.390  -0.623  1.00 8.13  ? 66  VAL A CA  1 
ATOM   487  C  C   . VAL A 1 66  ? 3.186   -4.971  -1.830  1.00 7.47  ? 66  VAL A C   1 
ATOM   488  O  O   . VAL A 1 66  ? 4.239   -5.563  -2.110  1.00 8.37  ? 66  VAL A O   1 
ATOM   489  C  CB  . VAL A 1 66  ? 2.845   -4.713  0.667   1.00 8.72  ? 66  VAL A CB  1 
ATOM   490  C  CG1 . VAL A 1 66  ? 1.881   -5.099  1.765   1.00 9.92  ? 66  VAL A CG1 1 
ATOM   491  C  CG2 . VAL A 1 66  ? 4.268   -5.078  1.051   1.00 9.12  ? 66  VAL A CG2 1 
ATOM   492  N  N   . TYR A 1 67  ? 2.710   -3.979  -2.510  1.00 7.10  ? 67  TYR A N   1 
ATOM   493  C  CA  . TYR A 1 67  ? 3.285   -3.459  -3.759  1.00 6.96  ? 67  TYR A CA  1 
ATOM   494  C  C   . TYR A 1 67  ? 3.468   -1.959  -3.642  1.00 7.19  ? 67  TYR A C   1 
ATOM   495  O  O   . TYR A 1 67  ? 2.498   -1.207  -3.406  1.00 7.13  ? 67  TYR A O   1 
ATOM   496  C  CB  . TYR A 1 67  ? 2.366   -3.799  -4.927  1.00 8.08  ? 67  TYR A CB  1 
ATOM   497  C  CG  . TYR A 1 67  ? 2.786   -3.224  -6.259  1.00 8.77  ? 67  TYR A CG  1 
ATOM   498  C  CD1 . TYR A 1 67  ? 2.409   -1.967  -6.676  1.00 8.45  ? 67  TYR A CD1 1 
ATOM   499  C  CD2 . TYR A 1 67  ? 3.526   -3.991  -7.136  1.00 10.09 ? 67  TYR A CD2 1 
ATOM   500  C  CE1 . TYR A 1 67  ? 2.799   -1.469  -7.912  1.00 9.95  ? 67  TYR A CE1 1 
ATOM   501  C  CE2 . TYR A 1 67  ? 3.911   -3.526  -8.376  1.00 9.73  ? 67  TYR A CE2 1 
ATOM   502  C  CZ  . TYR A 1 67  ? 3.530   -2.263  -8.772  1.00 10.12 ? 67  TYR A CZ  1 
ATOM   503  O  OH  . TYR A 1 67  ? 3.880   -1.750  -10.024 1.00 11.62 ? 67  TYR A OH  1 
ATOM   504  N  N   . PHE A 1 68  ? 4.717   -1.486  -3.764  1.00 7.75  ? 68  PHE A N   1 
ATOM   505  C  CA  . PHE A 1 68  ? 5.107   -0.079  -3.697  1.00 8.73  ? 68  PHE A CA  1 
ATOM   506  C  C   . PHE A 1 68  ? 5.853   0.323   -4.958  1.00 9.76  ? 68  PHE A C   1 
ATOM   507  O  O   . PHE A 1 68  ? 6.681   -0.480  -5.433  1.00 10.13 ? 68  PHE A O   1 
ATOM   508  C  CB  . PHE A 1 68  ? 5.999   0.180   -2.480  1.00 8.38  ? 68  PHE A CB  1 
ATOM   509  C  CG  . PHE A 1 68  ? 5.279   -0.066  -1.175  1.00 8.03  ? 68  PHE A CG  1 
ATOM   510  C  CD1 . PHE A 1 68  ? 4.555   0.941   -0.574  1.00 8.31  ? 68  PHE A CD1 1 
ATOM   511  C  CD2 . PHE A 1 68  ? 5.316   -1.298  -0.561  1.00 9.63  ? 68  PHE A CD2 1 
ATOM   512  C  CE1 . PHE A 1 68  ? 3.857   0.712   0.601   1.00 8.72  ? 68  PHE A CE1 1 
ATOM   513  C  CE2 . PHE A 1 68  ? 4.680   -1.490  0.654   1.00 9.24  ? 68  PHE A CE2 1 
ATOM   514  C  CZ  . PHE A 1 68  ? 3.931   -0.496  1.218   1.00 9.10  ? 68  PHE A CZ  1 
ATOM   515  N  N   . HIS A 1 69  ? 5.580   1.531   -5.436  1.00 10.96 ? 69  HIS A N   1 
ATOM   516  C  CA  . HIS A 1 69  ? 6.167   2.063   -6.685  1.00 13.32 ? 69  HIS A CA  1 
ATOM   517  C  C   . HIS A 1 69  ? 6.788   3.446   -6.444  1.00 14.01 ? 69  HIS A C   1 
ATOM   518  O  O   . HIS A 1 69  ? 6.211   4.283   -5.702  1.00 16.19 ? 69  HIS A O   1 
ATOM   519  C  CB  . HIS A 1 69  ? 5.093   2.082   -7.764  1.00 15.46 ? 69  HIS A CB  1 
ATOM   520  C  CG  . HIS A 1 69  ? 5.688   2.064   -9.118  1.00 17.18 ? 69  HIS A CG  1 
ATOM   521  N  ND1 . HIS A 1 69  ? 6.363   3.173   -9.660  1.00 16.96 ? 69  HIS A ND1 1 
ATOM   522  C  CD2 . HIS A 1 69  ? 5.733   1.095   -10.046 1.00 18.21 ? 69  HIS A CD2 1 
ATOM   523  C  CE1 . HIS A 1 69  ? 6.757   2.852   -10.863 1.00 18.03 ? 69  HIS A CE1 1 
ATOM   524  N  NE2 . HIS A 1 69  ? 6.407   1.612   -11.127 1.00 20.05 ? 69  HIS A NE2 1 
ATOM   525  N  N   . SER A 1 70  ? 7.979   3.703   -7.015  1.00 14.23 ? 70  SER A N   1 
ATOM   526  C  CA  . SER A 1 70  ? 8.685   4.987   -6.837  1.00 16.28 ? 70  SER A CA  1 
ATOM   527  C  C   . SER A 1 70  ? 8.089   6.092   -7.727  1.00 15.55 ? 70  SER A C   1 
ATOM   528  O  O   . SER A 1 70  ? 8.437   7.272   -7.479  1.00 18.11 ? 70  SER A O   1 
ATOM   529  C  CB  . SER A 1 70  ? 10.193  4.820   -7.097  1.00 17.23 ? 70  SER A CB  1 
ATOM   530  O  OG  . SER A 1 70  ? 10.374  4.565   -8.470  1.00 20.67 ? 70  SER A OG  1 
ATOM   531  N  N   . GLU A 1 71  ? 7.272   5.786   -8.729  1.00 15.79 ? 71  GLU A N   1 
ATOM   532  C  CA  . GLU A 1 71  ? 6.777   6.798   -9.707  1.00 16.81 ? 71  GLU A CA  1 
ATOM   533  C  C   . GLU A 1 71  ? 5.252   6.869   -9.772  1.00 18.06 ? 71  GLU A C   1 
ATOM   534  O  O   . GLU A 1 71  ? 4.739   7.527   -10.708 1.00 21.15 ? 71  GLU A O   1 
ATOM   535  C  CB  . GLU A 1 71  ? 7.199   6.455   -11.133 1.00 20.47 ? 71  GLU A CB  1 
ATOM   536  C  CG  . GLU A 1 71  ? 8.687   6.163   -11.312 1.00 25.22 ? 71  GLU A CG  1 
ATOM   537  C  CD  . GLU A 1 71  ? 8.990   5.632   -12.710 1.00 28.58 ? 71  GLU A CD  1 
ATOM   538  O  OE1 . GLU A 1 71  ? 8.186   4.844   -13.265 1.00 35.69 ? 71  GLU A OE1 1 
ATOM   539  O  OE2 . GLU A 1 71  ? 10.026  6.013   -13.246 1.00 35.76 ? 71  GLU A OE2 1 
ATOM   540  N  N   . TYR A 1 72  ? 4.530   6.152   -8.921  1.00 11.56 ? 72  TYR A N   1 
ATOM   541  C  CA  . TYR A 1 72  ? 3.059   6.282   -8.894  1.00 11.01 ? 72  TYR A CA  1 
ATOM   542  C  C   . TYR A 1 72  ? 2.687   6.649   -7.467  1.00 10.44 ? 72  TYR A C   1 
ATOM   543  O  O   . TYR A 1 72  ? 3.366   6.229   -6.540  1.00 11.95 ? 72  TYR A O   1 
ATOM   544  C  CB  . TYR A 1 72  ? 2.321   5.008   -9.373  1.00 10.97 ? 72  TYR A CB  1 
ATOM   545  C  CG  . TYR A 1 72  ? 2.441   4.818   -10.858 1.00 11.58 ? 72  TYR A CG  1 
ATOM   546  C  CD1 . TYR A 1 72  ? 1.610   5.484   -11.735 1.00 11.05 ? 72  TYR A CD1 1 
ATOM   547  C  CD2 . TYR A 1 72  ? 3.412   3.981   -11.376 1.00 12.03 ? 72  TYR A CD2 1 
ATOM   548  C  CE1 . TYR A 1 72  ? 1.740   5.364   -13.102 1.00 12.09 ? 72  TYR A CE1 1 
ATOM   549  C  CE2 . TYR A 1 72  ? 3.544   3.834   -12.752 1.00 13.67 ? 72  TYR A CE2 1 
ATOM   550  C  CZ  . TYR A 1 72  ? 2.718   4.535   -13.612 1.00 12.66 ? 72  TYR A CZ  1 
ATOM   551  O  OH  . TYR A 1 72  ? 2.853   4.447   -14.992 1.00 15.51 ? 72  TYR A OH  1 
ATOM   552  N  N   . TRP A 1 73  ? 1.638   7.443   -7.385  1.00 8.74  ? 73  TRP A N   1 
ATOM   553  C  CA  . TRP A 1 73  ? 1.132   7.977   -6.103  1.00 7.68  ? 73  TRP A CA  1 
ATOM   554  C  C   . TRP A 1 73  ? 0.067   7.029   -5.551  1.00 7.17  ? 73  TRP A C   1 
ATOM   555  O  O   . TRP A 1 73  ? -1.038  7.435   -5.158  1.00 6.77  ? 73  TRP A O   1 
ATOM   556  C  CB  . TRP A 1 73  ? 0.654   9.413   -6.274  1.00 7.94  ? 73  TRP A CB  1 
ATOM   557  C  CG  . TRP A 1 73  ? 1.785   10.394  -6.365  1.00 8.25  ? 73  TRP A CG  1 
ATOM   558  C  CD1 . TRP A 1 73  ? 2.800   10.447  -7.285  1.00 9.49  ? 73  TRP A CD1 1 
ATOM   559  C  CD2 . TRP A 1 73  ? 1.998   11.494  -5.462  1.00 8.45  ? 73  TRP A CD2 1 
ATOM   560  N  NE1 . TRP A 1 73  ? 3.610   11.513  -7.001  1.00 9.20  ? 73  TRP A NE1 1 
ATOM   561  C  CE2 . TRP A 1 73  ? 3.153   12.180  -5.902  1.00 9.38  ? 73  TRP A CE2 1 
ATOM   562  C  CE3 . TRP A 1 73  ? 1.282   11.995  -4.363  1.00 8.41  ? 73  TRP A CE3 1 
ATOM   563  C  CZ2 . TRP A 1 73  ? 3.631   13.315  -5.235  1.00 10.33 ? 73  TRP A CZ2 1 
ATOM   564  C  CZ3 . TRP A 1 73  ? 1.758   13.105  -3.709  1.00 9.06  ? 73  TRP A CZ3 1 
ATOM   565  C  CH2 . TRP A 1 73  ? 2.897   13.776  -4.163  1.00 9.93  ? 73  TRP A CH2 1 
ATOM   566  N  N   . PHE A 1 74  ? 0.429   5.763   -5.451  1.00 7.35  ? 74  PHE A N   1 
ATOM   567  C  CA  . PHE A 1 74  ? -0.409  4.759   -4.771  1.00 7.32  ? 74  PHE A CA  1 
ATOM   568  C  C   . PHE A 1 74  ? 0.436   3.572   -4.393  1.00 7.74  ? 74  PHE A C   1 
ATOM   569  O  O   . PHE A 1 74  ? 1.475   3.315   -4.960  1.00 8.47  ? 74  PHE A O   1 
ATOM   570  C  CB  . PHE A 1 74  ? -1.582  4.309   -5.650  1.00 8.20  ? 74  PHE A CB  1 
ATOM   571  C  CG  . PHE A 1 74  ? -1.250  3.816   -7.039  1.00 9.31  ? 74  PHE A CG  1 
ATOM   572  C  CD1 . PHE A 1 74  ? -0.807  2.529   -7.248  1.00 10.16 ? 74  PHE A CD1 1 
ATOM   573  C  CD2 . PHE A 1 74  ? -1.500  4.626   -8.144  1.00 9.50  ? 74  PHE A CD2 1 
ATOM   574  C  CE1 . PHE A 1 74  ? -0.565  2.082   -8.545  1.00 11.68 ? 74  PHE A CE1 1 
ATOM   575  C  CE2 . PHE A 1 74  ? -1.263  4.171   -9.438  1.00 10.97 ? 74  PHE A CE2 1 
ATOM   576  C  CZ  . PHE A 1 74  ? -0.750  2.928   -9.625  1.00 10.20 ? 74  PHE A CZ  1 
ATOM   577  N  N   . ASN A 1 75  ? -0.109  2.801   -3.458  1.00 6.93  ? 75  ASN A N   1 
ATOM   578  C  CA  . ASN A 1 75  ? 0.492   1.486   -3.119  1.00 7.05  ? 75  ASN A CA  1 
ATOM   579  C  C   . ASN A 1 75  ? -0.665  0.528   -2.874  1.00 6.98  ? 75  ASN A C   1 
ATOM   580  O  O   . ASN A 1 75  ? -1.808  0.975   -2.735  1.00 7.11  ? 75  ASN A O   1 
ATOM   581  C  CB  . ASN A 1 75  ? 1.480   1.583   -1.957  1.00 6.99  ? 75  ASN A CB  1 
ATOM   582  C  CG  . ASN A 1 75  ? 0.879   2.179   -0.693  1.00 7.54  ? 75  ASN A CG  1 
ATOM   583  O  OD1 . ASN A 1 75  ? -0.069  1.623   -0.136  1.00 9.17  ? 75  ASN A OD1 1 
ATOM   584  N  ND2 . ASN A 1 75  ? 1.423   3.299   -0.236  1.00 8.23  ? 75  ASN A ND2 1 
ATOM   585  N  N   . VAL A 1 76  ? -0.378  -0.753  -2.915  1.00 6.86  ? 76  VAL A N   1 
ATOM   586  C  CA  . VAL A 1 76  ? -1.452  -1.761  -2.981  1.00 7.28  ? 76  VAL A CA  1 
ATOM   587  C  C   . VAL A 1 76  ? -1.152  -2.875  -2.004  1.00 8.40  ? 76  VAL A C   1 
ATOM   588  O  O   . VAL A 1 76  ? -0.047  -3.410  -2.005  1.00 8.52  ? 76  VAL A O   1 
ATOM   589  C  CB  . VAL A 1 76  ? -1.610  -2.303  -4.403  1.00 7.63  ? 76  VAL A CB  1 
ATOM   590  C  CG1 . VAL A 1 76  ? -2.667  -3.384  -4.452  1.00 8.65  ? 76  VAL A CG1 1 
ATOM   591  C  CG2 . VAL A 1 76  ? -1.980  -1.169  -5.360  1.00 7.97  ? 76  VAL A CG2 1 
ATOM   592  N  N   . ILE A 1 77  ? -2.161  -3.290  -1.259  1.00 7.46  ? 77  ILE A N   1 
ATOM   593  C  CA  . ILE A 1 77  ? -2.128  -4.464  -0.349  1.00 9.24  ? 77  ILE A CA  1 
ATOM   594  C  C   . ILE A 1 77  ? -3.056  -5.538  -0.931  1.00 9.13  ? 77  ILE A C   1 
ATOM   595  O  O   . ILE A 1 77  ? -4.196  -5.228  -1.246  1.00 9.10  ? 77  ILE A O   1 
ATOM   596  C  CB  . ILE A 1 77  ? -2.559  -4.071  1.078   1.00 10.43 ? 77  ILE A CB  1 
ATOM   597  C  CG1 . ILE A 1 77  ? -1.782  -2.855  1.607   1.00 12.64 ? 77  ILE A CG1 1 
ATOM   598  C  CG2 . ILE A 1 77  ? -2.443  -5.259  2.021   1.00 11.37 ? 77  ILE A CG2 1 
ATOM   599  C  CD1 . ILE A 1 77  ? -2.231  -2.386  2.981   1.00 16.01 ? 77  ILE A CD1 1 
ATOM   600  N  N   . CYS A 1 78  ? -2.540  -6.724  -1.128  1.00 8.34  ? 78  CYS A N   1 
ATOM   601  C  CA  . CYS A 1 78  ? -3.264  -7.847  -1.753  1.00 9.02  ? 78  CYS A CA  1 
ATOM   602  C  C   . CYS A 1 78  ? -3.492  -8.880  -0.655  1.00 9.72  ? 78  CYS A C   1 
ATOM   603  O  O   . CYS A 1 78  ? -2.526  -9.509  -0.221  1.00 9.32  ? 78  CYS A O   1 
ATOM   604  C  CB  . CYS A 1 78  ? -2.449  -8.440  -2.891  1.00 9.10  ? 78  CYS A CB  1 
ATOM   605  S  SG  . CYS A 1 78  ? -1.570  -7.249  -3.939  1.00 10.75 ? 78  CYS A SG  1 
ATOM   606  N  N   . MET A 1 79  ? -4.724  -8.976  -0.134  1.00 10.75 ? 79  MET A N   1 
ATOM   607  C  CA  . MET A 1 79  ? -5.070  -9.789  1.057   1.00 11.92 ? 79  MET A CA  1 
ATOM   608  C  C   . MET A 1 79  ? -5.716  -11.112 0.624   1.00 12.85 ? 79  MET A C   1 
ATOM   609  O  O   . MET A 1 79  ? -6.678  -11.119 -0.154  1.00 11.79 ? 79  MET A O   1 
ATOM   610  C  CB  . MET A 1 79  ? -6.043  -9.017  1.950   1.00 14.26 ? 79  MET A CB  1 
ATOM   611  C  CG  . MET A 1 79  ? -5.345  -7.866  2.610   1.00 18.22 ? 79  MET A CG  1 
ATOM   612  S  SD  . MET A 1 79  ? -6.505  -6.670  3.291   0.68 20.28 ? 79  MET A SD  1 
ATOM   613  C  CE  . MET A 1 79  ? -7.291  -5.925  1.862   1.00 25.39 ? 79  MET A CE  1 
ATOM   614  N  N   . PHE A 1 80  ? -5.180  -12.207 1.141   1.00 12.88 ? 80  PHE A N   1 
ATOM   615  C  CA  . PHE A 1 80  ? -5.618  -13.576 0.818   1.00 13.96 ? 80  PHE A CA  1 
ATOM   616  C  C   . PHE A 1 80  ? -6.658  -14.014 1.852   1.00 15.24 ? 80  PHE A C   1 
ATOM   617  O  O   . PHE A 1 80  ? -6.310  -14.447 2.963   1.00 15.12 ? 80  PHE A O   1 
ATOM   618  C  CB  . PHE A 1 80  ? -4.412  -14.515 0.798   1.00 14.79 ? 80  PHE A CB  1 
ATOM   619  C  CG  . PHE A 1 80  ? -3.428  -14.191 -0.281  1.00 17.36 ? 80  PHE A CG  1 
ATOM   620  C  CD1 . PHE A 1 80  ? -3.685  -14.550 -1.587  1.00 21.83 ? 80  PHE A CD1 1 
ATOM   621  C  CD2 . PHE A 1 80  ? -2.303  -13.442 -0.023  1.00 21.29 ? 80  PHE A CD2 1 
ATOM   622  C  CE1 . PHE A 1 80  ? -2.800  -14.200 -2.598  1.00 24.35 ? 80  PHE A CE1 1 
ATOM   623  C  CE2 . PHE A 1 80  ? -1.434  -13.079 -1.035  1.00 21.82 ? 80  PHE A CE2 1 
ATOM   624  C  CZ  . PHE A 1 80  ? -1.711  -13.402 -2.324  1.00 22.62 ? 80  PHE A CZ  1 
ATOM   625  N  N   . ARG A 1 81  ? -7.934  -13.912 1.480   1.00 16.34 ? 81  ARG A N   1 
ATOM   626  C  CA  . ARG A 1 81  ? -9.079  -14.316 2.345   1.00 18.58 ? 81  ARG A CA  1 
ATOM   627  C  C   . ARG A 1 81  ? -9.722  -15.585 1.784   1.00 18.25 ? 81  ARG A C   1 
ATOM   628  O  O   . ARG A 1 81  ? -9.339  -16.065 0.695   1.00 20.49 ? 81  ARG A O   1 
ATOM   629  C  CB  . ARG A 1 81  ? -10.040 -13.131 2.479   1.00 19.87 ? 81  ARG A CB  1 
ATOM   630  C  CG  . ARG A 1 81  ? -9.392  -11.928 3.133   1.00 24.15 ? 81  ARG A CG  1 
ATOM   631  C  CD  . ARG A 1 81  ? -10.385 -10.881 3.559   1.00 28.59 ? 81  ARG A CD  1 
ATOM   632  N  NE  . ARG A 1 81  ? -9.633  -9.837  4.217   1.00 34.10 ? 81  ARG A NE  1 
ATOM   633  C  CZ  . ARG A 1 81  ? -10.039 -8.592  4.410   0.56 36.81 ? 81  ARG A CZ  1 
ATOM   634  N  NH1 . ARG A 1 81  ? -11.229 -8.193  3.995   1.00 43.26 ? 81  ARG A NH1 1 
ATOM   635  N  NH2 . ARG A 1 81  ? -9.232  -7.748  5.029   0.93 40.51 ? 81  ARG A NH2 1 
ATOM   636  N  N   . GLU A 1 82  ? -10.629 -16.165 2.593   1.00 24.28 ? 82  GLU A N   1 
ATOM   637  C  CA  . GLU A 1 82  ? -11.300 -17.464 2.324   1.00 26.15 ? 82  GLU A CA  1 
ATOM   638  C  C   . GLU A 1 82  ? -11.988 -17.425 0.961   1.00 25.34 ? 82  GLU A C   1 
ATOM   639  O  O   . GLU A 1 82  ? -11.910 -18.440 0.208   1.00 25.91 ? 82  GLU A O   1 
ATOM   640  C  CB  . GLU A 1 82  ? -12.306 -17.756 3.446   0.99 31.48 ? 82  GLU A CB  1 
ATOM   641  C  CG  . GLU A 1 82  ? -13.367 -18.765 3.055   0.95 35.34 ? 82  GLU A CG  1 
ATOM   642  C  CD  . GLU A 1 82  ? -13.877 -19.637 4.183   0.28 35.92 ? 82  GLU A CD  1 
ATOM   643  O  OE1 . GLU A 1 82  ? -14.271 -19.084 5.232   0.61 38.15 ? 82  GLU A OE1 1 
ATOM   644  O  OE2 . GLU A 1 82  ? -13.865 -20.867 4.000   0.84 39.10 ? 82  GLU A OE2 1 
ATOM   645  N  N   . ASP A 1 83  ? -12.627 -16.298 0.602   1.00 23.24 ? 83  ASP A N   1 
ATOM   646  C  CA  . ASP A 1 83  ? -13.403 -16.261 -0.666  1.00 20.79 ? 83  ASP A CA  1 
ATOM   647  C  C   . ASP A 1 83  ? -12.661 -15.464 -1.737  1.00 21.48 ? 83  ASP A C   1 
ATOM   648  O  O   . ASP A 1 83  ? -13.307 -15.023 -2.698  1.00 21.59 ? 83  ASP A O   1 
ATOM   649  C  CB  . ASP A 1 83  ? -14.825 -15.708 -0.504  1.00 23.78 ? 83  ASP A CB  1 
ATOM   650  C  CG  . ASP A 1 83  ? -14.929 -14.298 0.051   1.00 24.71 ? 83  ASP A CG  1 
ATOM   651  O  OD1 . ASP A 1 83  ? -13.908 -13.759 0.553   1.00 22.52 ? 83  ASP A OD1 1 
ATOM   652  O  OD2 . ASP A 1 83  ? -16.045 -13.769 0.073   1.00 24.77 ? 83  ASP A OD2 1 
ATOM   653  N  N   . GLY A 1 84  ? -11.331 -15.281 -1.599  1.00 18.33 ? 84  GLY A N   1 
ATOM   654  C  CA  . GLY A 1 84  ? -10.525 -14.771 -2.693  1.00 15.65 ? 84  GLY A CA  1 
ATOM   655  C  C   . GLY A 1 84  ? -9.591  -13.650 -2.281  1.00 12.71 ? 84  GLY A C   1 
ATOM   656  O  O   . GLY A 1 84  ? -9.364  -13.401 -1.076  1.00 13.95 ? 84  GLY A O   1 
ATOM   657  N  N   . ILE A 1 85  ? -9.067  -13.009 -3.307  1.00 14.86 ? 85  ILE A N   1 
ATOM   658  C  CA  . ILE A 1 85  ? -8.060  -11.940 -3.186  1.00 14.75 ? 85  ILE A CA  1 
ATOM   659  C  C   . ILE A 1 85  ? -8.796  -10.602 -3.118  1.00 13.00 ? 85  ILE A C   1 
ATOM   660  O  O   . ILE A 1 85  ? -9.532  -10.251 -4.056  1.00 13.86 ? 85  ILE A O   1 
ATOM   661  C  CB  . ILE A 1 85  ? -7.025  -12.032 -4.337  1.00 20.41 ? 85  ILE A CB  1 
ATOM   662  C  CG1 . ILE A 1 85  ? -6.354  -13.409 -4.370  1.00 24.92 ? 85  ILE A CG1 1 
ATOM   663  C  CG2 . ILE A 1 85  ? -5.995  -10.920 -4.230  1.00 20.42 ? 85  ILE A CG2 1 
ATOM   664  C  CD1 . ILE A 1 85  ? -6.248  -14.008 -5.748  1.00 30.58 ? 85  ILE A CD1 1 
ATOM   665  N  N   . TYR A 1 86  ? -8.548  -9.857  -2.056  1.00 11.45 ? 86  TYR A N   1 
ATOM   666  C  CA  . TYR A 1 86  ? -9.045  -8.490  -1.839  1.00 10.72 ? 86  TYR A CA  1 
ATOM   667  C  C   . TYR A 1 86  ? -7.859  -7.571  -2.076  1.00 11.64 ? 86  TYR A C   1 
ATOM   668  O  O   . TYR A 1 86  ? -6.738  -7.901  -1.657  1.00 15.69 ? 86  TYR A O   1 
ATOM   669  C  CB  . TYR A 1 86  ? -9.606  -8.294  -0.429  1.00 11.17 ? 86  TYR A CB  1 
ATOM   670  C  CG  . TYR A 1 86  ? -10.888 -9.034  -0.163  1.00 11.89 ? 86  TYR A CG  1 
ATOM   671  C  CD1 . TYR A 1 86  ? -10.899 -10.416 -0.107  1.00 13.39 ? 86  TYR A CD1 1 
ATOM   672  C  CD2 . TYR A 1 86  ? -12.066 -8.351  0.055   1.00 13.89 ? 86  TYR A CD2 1 
ATOM   673  C  CE1 . TYR A 1 86  ? -12.060 -11.119 0.133   1.00 13.34 ? 86  TYR A CE1 1 
ATOM   674  C  CE2 . TYR A 1 86  ? -13.245 -9.041  0.324   1.00 14.07 ? 86  TYR A CE2 1 
ATOM   675  C  CZ  . TYR A 1 86  ? -13.223 -10.419 0.382   1.00 14.40 ? 86  TYR A CZ  1 
ATOM   676  O  OH  . TYR A 1 86  ? -14.377 -11.121 0.659   1.00 16.42 ? 86  TYR A OH  1 
ATOM   677  N  N   . TYR A 1 87  ? -8.090  -6.446  -2.708  1.00 8.45  ? 87  TYR A N   1 
ATOM   678  C  CA  . TYR A 1 87  ? -7.024  -5.428  -2.796  1.00 8.56  ? 87  TYR A CA  1 
ATOM   679  C  C   . TYR A 1 87  ? -7.455  -4.212  -2.018  1.00 8.49  ? 87  TYR A C   1 
ATOM   680  O  O   . TYR A 1 87  ? -8.617  -3.758  -2.103  1.00 8.81  ? 87  TYR A O   1 
ATOM   681  C  CB  . TYR A 1 87  ? -6.786  -5.038  -4.232  1.00 7.63  ? 87  TYR A CB  1 
ATOM   682  C  CG  . TYR A 1 87  ? -6.201  -6.105  -5.100  1.00 7.93  ? 87  TYR A CG  1 
ATOM   683  C  CD1 . TYR A 1 87  ? -4.845  -6.334  -5.181  1.00 7.92  ? 87  TYR A CD1 1 
ATOM   684  C  CD2 . TYR A 1 87  ? -7.033  -6.899  -5.869  1.00 7.87  ? 87  TYR A CD2 1 
ATOM   685  C  CE1 . TYR A 1 87  ? -4.315  -7.303  -6.007  1.00 7.47  ? 87  TYR A CE1 1 
ATOM   686  C  CE2 . TYR A 1 87  ? -6.520  -7.863  -6.703  1.00 8.08  ? 87  TYR A CE2 1 
ATOM   687  C  CZ  . TYR A 1 87  ? -5.153  -8.092  -6.780  1.00 8.30  ? 87  TYR A CZ  1 
ATOM   688  O  OH  . TYR A 1 87  ? -4.664  -9.016  -7.663  1.00 9.57  ? 87  TYR A OH  1 
ATOM   689  N  N   . TYR A 1 88  ? -6.506  -3.589  -1.346  1.00 7.82  ? 88  TYR A N   1 
ATOM   690  C  CA  . TYR A 1 88  ? -6.744  -2.300  -0.662  1.00 8.67  ? 88  TYR A CA  1 
ATOM   691  C  C   . TYR A 1 88  ? -5.667  -1.356  -1.147  1.00 8.32  ? 88  TYR A C   1 
ATOM   692  O  O   . TYR A 1 88  ? -4.499  -1.653  -0.969  1.00 8.77  ? 88  TYR A O   1 
ATOM   693  C  CB  . TYR A 1 88  ? -6.783  -2.435  0.842   0.88 8.63  ? 88  TYR A CB  1 
ATOM   694  C  CG  . TYR A 1 88  ? -7.168  -1.127  1.472   0.68 9.11  ? 88  TYR A CG  1 
ATOM   695  C  CD1 . TYR A 1 88  ? -8.456  -0.605  1.420   0.86 10.82 ? 88  TYR A CD1 1 
ATOM   696  C  CD2 . TYR A 1 88  ? -6.186  -0.358  2.067   0.66 10.64 ? 88  TYR A CD2 1 
ATOM   697  C  CE1 . TYR A 1 88  ? -8.779  0.586   2.052   0.76 10.74 ? 88  TYR A CE1 1 
ATOM   698  C  CE2 . TYR A 1 88  ? -6.497  0.842   2.685   0.74 10.76 ? 88  TYR A CE2 1 
ATOM   699  C  CZ  . TYR A 1 88  ? -7.790  1.322   2.679   0.80 11.49 ? 88  TYR A CZ  1 
ATOM   700  O  OH  . TYR A 1 88  ? -8.104  2.508   3.276   0.85 13.49 ? 88  TYR A OH  1 
ATOM   701  N  N   . CYS A 1 89  ? -6.072  -0.291  -1.782  1.00 7.18  ? 89  CYS A N   1 
ATOM   702  C  CA  . CYS A 1 89  ? -5.151  0.599   -2.520  1.00 7.96  ? 89  CYS A CA  1 
ATOM   703  C  C   . CYS A 1 89  ? -5.153  1.968   -1.900  1.00 7.91  ? 89  CYS A C   1 
ATOM   704  O  O   . CYS A 1 89  ? -6.199  2.574   -1.835  1.00 9.34  ? 89  CYS A O   1 
ATOM   705  C  CB  . CYS A 1 89  ? -5.543  0.727   -3.968  1.00 8.31  ? 89  CYS A CB  1 
ATOM   706  S  SG  . CYS A 1 89  ? -5.916  -0.836  -4.823  1.00 9.85  ? 89  CYS A SG  1 
ATOM   707  N  N   . ASN A 1 90  ? -4.016  2.409   -1.394  1.00 6.31  ? 90  ASN A N   1 
ATOM   708  C  CA  . ASN A 1 90  ? -3.866  3.720   -0.763  1.00 6.95  ? 90  ASN A CA  1 
ATOM   709  C  C   . ASN A 1 90  ? -3.335  4.717   -1.792  1.00 6.86  ? 90  ASN A C   1 
ATOM   710  O  O   . ASN A 1 90  ? -2.219  4.560   -2.227  1.00 8.61  ? 90  ASN A O   1 
ATOM   711  C  CB  . ASN A 1 90  ? -2.878  3.663   0.404   1.00 7.30  ? 90  ASN A CB  1 
ATOM   712  C  CG  . ASN A 1 90  ? -3.338  2.794   1.532   1.00 8.70  ? 90  ASN A CG  1 
ATOM   713  O  OD1 . ASN A 1 90  ? -4.366  3.140   2.119   1.00 10.35 ? 90  ASN A OD1 1 
ATOM   714  N  ND2 . ASN A 1 90  ? -2.611  1.696   1.758   1.00 10.66 ? 90  ASN A ND2 1 
ATOM   715  N  N   . LEU A 1 91  ? -4.044  5.799   -2.047  1.00 6.37  ? 91  LEU A N   1 
ATOM   716  C  CA  . LEU A 1 91  ? -3.416  6.960   -2.705  1.00 6.49  ? 91  LEU A CA  1 
ATOM   717  C  C   . LEU A 1 91  ? -2.403  7.533   -1.733  1.00 6.74  ? 91  LEU A C   1 
ATOM   718  O  O   . LEU A 1 91  ? -2.722  7.685   -0.522  1.00 6.87  ? 91  LEU A O   1 
ATOM   719  C  CB  . LEU A 1 91  ? -4.462  8.001   -3.089  1.00 6.37  ? 91  LEU A CB  1 
ATOM   720  C  CG  . LEU A 1 91  ? -5.265  7.715   -4.365  1.00 6.74  ? 91  LEU A CG  1 
ATOM   721  C  CD1 . LEU A 1 91  ? -4.393  7.786   -5.623  1.00 7.83  ? 91  LEU A CD1 1 
ATOM   722  C  CD2 . LEU A 1 91  ? -6.040  6.403   -4.335  1.00 6.73  ? 91  LEU A CD2 1 
ATOM   723  N  N   . SER A 1 92  ? -1.217  7.865   -2.219  1.00 7.03  ? 92  SER A N   1 
ATOM   724  C  CA  . SER A 1 92  ? -0.041  8.047   -1.349  1.00 7.36  ? 92  SER A CA  1 
ATOM   725  C  C   . SER A 1 92  ? 1.024   8.783   -2.112  1.00 7.33  ? 92  SER A C   1 
ATOM   726  O  O   . SER A 1 92  ? 0.989   8.743   -3.335  1.00 7.86  ? 92  SER A O   1 
ATOM   727  C  CB  . SER A 1 92  ? 0.514   6.732   -0.912  1.00 8.15  ? 92  SER A CB  1 
ATOM   728  O  OG  . SER A 1 92  ? 0.874   5.977   -2.049  1.00 11.53 ? 92  SER A OG  1 
ATOM   729  N  N   . SER A 1 93  ? 1.945   9.398   -1.402  1.00 6.96  ? 93  SER A N   1 
ATOM   730  C  CA  . SER A 1 93  ? 3.225   9.740   -2.048  1.00 6.94  ? 93  SER A CA  1 
ATOM   731  C  C   . SER A 1 93  ? 3.864   8.437   -2.516  1.00 7.72  ? 93  SER A C   1 
ATOM   732  O  O   . SER A 1 93  ? 3.633   7.341   -1.974  1.00 8.42  ? 93  SER A O   1 
ATOM   733  C  CB  . SER A 1 93  ? 4.143   10.445  -1.133  1.00 7.33  ? 93  SER A CB  1 
ATOM   734  O  OG  . SER A 1 93  ? 4.687   9.553   -0.182  1.00 7.75  ? 93  SER A OG  1 
ATOM   735  N  N   . PRO A 1 94  ? 4.781   8.507   -3.486  1.00 9.29  ? 94  PRO A N   1 
ATOM   736  C  CA  . PRO A 1 94  ? 5.645   7.379   -3.717  1.00 9.69  ? 94  PRO A CA  1 
ATOM   737  C  C   . PRO A 1 94  ? 6.470   7.136   -2.436  1.00 10.38 ? 94  PRO A C   1 
ATOM   738  O  O   . PRO A 1 94  ? 6.548   7.980   -1.558  1.00 10.92 ? 94  PRO A O   1 
ATOM   739  C  CB  . PRO A 1 94  ? 6.491   7.854   -4.908  1.00 11.31 ? 94  PRO A CB  1 
ATOM   740  C  CG  . PRO A 1 94  ? 5.739   8.987   -5.539  1.00 10.85 ? 94  PRO A CG  1 
ATOM   741  C  CD  . PRO A 1 94  ? 5.014   9.649   -4.380  1.00 10.09 ? 94  PRO A CD  1 
ATOM   742  N  N   . PHE A 1 95  ? 7.069   5.968   -2.356  1.00 10.04 ? 95  PHE A N   1 
ATOM   743  C  CA  . PHE A 1 95  ? 7.765   5.532   -1.119  1.00 11.44 ? 95  PHE A CA  1 
ATOM   744  C  C   . PHE A 1 95  ? 9.223   5.991   -1.141  1.00 11.51 ? 95  PHE A C   1 
ATOM   745  O  O   . PHE A 1 95  ? 9.799   6.265   -2.210  1.00 13.20 ? 95  PHE A O   1 
ATOM   746  C  CB  . PHE A 1 95  ? 7.750   4.009   -0.959  1.00 11.88 ? 95  PHE A CB  1 
ATOM   747  C  CG  . PHE A 1 95  ? 8.667   3.284   -1.908  1.00 11.59 ? 95  PHE A CG  1 
ATOM   748  C  CD1 . PHE A 1 95  ? 8.253   2.894   -3.182  1.00 12.92 ? 95  PHE A CD1 1 
ATOM   749  C  CD2 . PHE A 1 95  ? 9.952   2.946   -1.493  1.00 12.89 ? 95  PHE A CD2 1 
ATOM   750  C  CE1 . PHE A 1 95  ? 9.091   2.193   -4.030  1.00 14.55 ? 95  PHE A CE1 1 
ATOM   751  C  CE2 . PHE A 1 95  ? 10.798  2.287   -2.363  1.00 14.54 ? 95  PHE A CE2 1 
ATOM   752  C  CZ  . PHE A 1 95  ? 10.367  1.920   -3.629  1.00 14.22 ? 95  PHE A CZ  1 
ATOM   753  N  N   . VAL A 1 96  ? 9.801   6.052   0.049   1.00 13.47 ? 96  VAL A N   1 
ATOM   754  C  CA  . VAL A 1 96  ? 11.287  6.093   0.229   1.00 13.31 ? 96  VAL A CA  1 
ATOM   755  C  C   . VAL A 1 96  ? 11.633  5.024   1.254   1.00 14.28 ? 96  VAL A C   1 
ATOM   756  O  O   . VAL A 1 96  ? 10.840  4.768   2.151   1.00 16.19 ? 96  VAL A O   1 
ATOM   757  C  CB  . VAL A 1 96  ? 11.772  7.482   0.646   1.00 15.97 ? 96  VAL A CB  1 
ATOM   758  C  CG1 . VAL A 1 96  ? 11.411  8.520   -0.393  1.00 18.35 ? 96  VAL A CG1 1 
ATOM   759  C  CG2 . VAL A 1 96  ? 11.231  7.894   1.973   1.00 16.74 ? 96  VAL A CG2 1 
ATOM   760  N  N   . CYS A 1 97  ? 12.796  4.409   1.140   1.00 14.12 ? 97  CYS A N   1 
ATOM   761  C  CA  A CYS A 1 97  ? 13.273  3.378   2.086   0.50 15.50 ? 97  CYS A CA  1 
ATOM   762  C  CA  B CYS A 1 97  ? 13.243  3.373   2.087   0.50 14.55 ? 97  CYS A CA  1 
ATOM   763  C  C   . CYS A 1 97  ? 14.586  3.799   2.694   1.00 14.75 ? 97  CYS A C   1 
ATOM   764  O  O   . CYS A 1 97  ? 15.428  4.341   1.963   1.00 16.51 ? 97  CYS A O   1 
ATOM   765  C  CB  A CYS A 1 97  ? 13.619  2.052   1.442   0.50 17.58 ? 97  CYS A CB  1 
ATOM   766  C  CB  B CYS A 1 97  ? 13.266  2.020   1.383   0.50 15.02 ? 97  CYS A CB  1 
ATOM   767  S  SG  A CYS A 1 97  ? 12.195  1.288   0.660   0.50 19.69 ? 97  CYS A SG  1 
ATOM   768  S  SG  B CYS A 1 97  ? 13.285  0.577   2.479   0.50 15.13 ? 97  CYS A SG  1 
ATOM   769  N  N   . ASP A 1 98  ? 14.699  3.581   3.977   1.00 13.95 ? 98  ASP A N   1 
ATOM   770  C  CA  . ASP A 1 98  ? 16.001  3.736   4.659   1.00 13.31 ? 98  ASP A CA  1 
ATOM   771  C  C   . ASP A 1 98  ? 16.100  2.646   5.719   1.00 14.54 ? 98  ASP A C   1 
ATOM   772  O  O   . ASP A 1 98  ? 15.230  1.798   5.825   1.00 14.70 ? 98  ASP A O   1 
ATOM   773  C  CB  . ASP A 1 98  ? 16.102  5.162   5.167   1.00 13.69 ? 98  ASP A CB  1 
ATOM   774  C  CG  . ASP A 1 98  ? 15.041  5.561   6.170   1.00 13.15 ? 98  ASP A CG  1 
ATOM   775  O  OD1 . ASP A 1 98  ? 14.581  4.707   6.942   1.00 14.11 ? 98  ASP A OD1 1 
ATOM   776  O  OD2 . ASP A 1 98  ? 14.697  6.765   6.201   1.00 13.41 ? 98  ASP A OD2 1 
ATOM   777  N  N   . GLU A 1 99  ? 17.144  2.675   6.540   1.00 16.41 ? 99  GLU A N   1 
ATOM   778  C  CA  . GLU A 1 99  ? 17.365  1.602   7.540   1.00 18.30 ? 99  GLU A CA  1 
ATOM   779  C  C   . GLU A 1 99  ? 16.246  1.529   8.575   1.00 17.85 ? 99  GLU A C   1 
ATOM   780  O  O   . GLU A 1 99  ? 16.124  0.462   9.195   1.00 20.55 ? 99  GLU A O   1 
ATOM   781  C  CB  . GLU A 1 99  ? 18.711  1.749   8.244   1.00 21.04 ? 99  GLU A CB  1 
ATOM   782  C  CG  . GLU A 1 99  ? 18.772  2.912   9.203   1.00 25.65 ? 99  GLU A CG  1 
ATOM   783  C  CD  . GLU A 1 99  ? 20.166  3.209   9.744   1.00 28.90 ? 99  GLU A CD  1 
ATOM   784  O  OE1 . GLU A 1 99  ? 20.389  4.342   10.232  1.00 30.38 ? 99  GLU A OE1 1 
ATOM   785  O  OE2 . GLU A 1 99  ? 21.031  2.330   9.629   1.00 28.92 ? 99  GLU A OE2 1 
ATOM   786  N  N   . GLU A 1 100 ? 15.448  2.598   8.783   1.00 13.23 ? 100 GLU A N   1 
ATOM   787  C  CA  . GLU A 1 100 ? 14.362  2.560   9.763   1.00 12.36 ? 100 GLU A CA  1 
ATOM   788  C  C   . GLU A 1 100 ? 13.178  1.808   9.146   1.00 11.43 ? 100 GLU A C   1 
ATOM   789  O  O   . GLU A 1 100 ? 12.604  0.991   9.829   1.00 13.83 ? 100 GLU A O   1 
ATOM   790  C  CB  . GLU A 1 100 ? 13.893  3.943   10.200  1.00 13.04 ? 100 GLU A CB  1 
ATOM   791  C  CG  . GLU A 1 100 ? 14.931  4.627   11.068  1.00 13.99 ? 100 GLU A CG  1 
ATOM   792  C  CD  . GLU A 1 100 ? 14.551  6.020   11.498  1.00 16.19 ? 100 GLU A CD  1 
ATOM   793  O  OE1 . GLU A 1 100 ? 13.781  6.696   10.769  1.00 14.80 ? 100 GLU A OE1 1 
ATOM   794  O  OE2 . GLU A 1 100 ? 15.067  6.449   12.563  1.00 17.31 ? 100 GLU A OE2 1 
ATOM   795  N  N   . ALA A 1 101 ? 12.789  2.169   7.936   1.00 10.81 ? 101 ALA A N   1 
ATOM   796  C  CA  . ALA A 1 101 ? 11.510  1.680   7.357   1.00 10.72 ? 101 ALA A CA  1 
ATOM   797  C  C   . ALA A 1 101 ? 11.376  2.071   5.899   1.00 9.94  ? 101 ALA A C   1 
ATOM   798  O  O   . ALA A 1 101 ? 12.050  2.975   5.416   1.00 10.11 ? 101 ALA A O   1 
ATOM   799  C  CB  . ALA A 1 101 ? 10.328  2.247   8.119   1.00 11.06 ? 101 ALA A CB  1 
ATOM   800  N  N   . LEU A 1 102 ? 10.418  1.420   5.209   1.00 8.97  ? 102 LEU A N   1 
ATOM   801  C  CA  . LEU A 1 102 ? 9.813   1.973   3.981   1.00 8.81  ? 102 LEU A CA  1 
ATOM   802  C  C   . LEU A 1 102 ? 8.711   2.929   4.421   1.00 8.24  ? 102 LEU A C   1 
ATOM   803  O  O   . LEU A 1 102 ? 7.940   2.594   5.304   1.00 8.19  ? 102 LEU A O   1 
ATOM   804  C  CB  . LEU A 1 102 ? 9.256   0.838   3.135   1.00 9.12  ? 102 LEU A CB  1 
ATOM   805  C  CG  . LEU A 1 102 ? 8.647   1.256   1.801   1.00 9.09  ? 102 LEU A CG  1 
ATOM   806  C  CD1 . LEU A 1 102 ? 8.793   0.130   0.808   1.00 10.26 ? 102 LEU A CD1 1 
ATOM   807  C  CD2 . LEU A 1 102 ? 7.179   1.639   1.914   1.00 8.87  ? 102 LEU A CD2 1 
ATOM   808  N  N   . LYS A 1 103 ? 8.747   4.127   3.858   1.00 7.92  ? 103 LYS A N   1 
ATOM   809  C  CA  . LYS A 1 103 ? 7.919   5.249   4.336   1.00 7.42  ? 103 LYS A CA  1 
ATOM   810  C  C   . LYS A 1 103 ? 7.162   5.872   3.174   1.00 7.34  ? 103 LYS A C   1 
ATOM   811  O  O   . LYS A 1 103 ? 7.676   6.045   2.071   1.00 7.78  ? 103 LYS A O   1 
ATOM   812  C  CB  . LYS A 1 103 ? 8.829   6.288   4.975   1.00 7.88  ? 103 LYS A CB  1 
ATOM   813  C  CG  . LYS A 1 103 ? 9.715   5.746   6.080   1.00 8.65  ? 103 LYS A CG  1 
ATOM   814  C  CD  . LYS A 1 103 ? 10.790  6.716   6.562   1.00 9.10  ? 103 LYS A CD  1 
ATOM   815  C  CE  . LYS A 1 103 ? 11.638  6.129   7.687   1.00 10.47 ? 103 LYS A CE  1 
ATOM   816  N  NZ  . LYS A 1 103 ? 12.692  7.070   8.147   1.00 11.83 ? 103 LYS A NZ  1 
ATOM   817  N  N   . TYR A 1 104 ? 5.941   6.295   3.476   1.00 6.68  ? 104 TYR A N   1 
ATOM   818  C  CA  . TYR A 1 104 ? 5.144   7.039   2.488   1.00 6.01  ? 104 TYR A CA  1 
ATOM   819  C  C   . TYR A 1 104 ? 4.143   7.922   3.239   1.00 6.20  ? 104 TYR A C   1 
ATOM   820  O  O   . TYR A 1 104 ? 3.826   7.701   4.462   1.00 6.26  ? 104 TYR A O   1 
ATOM   821  C  CB  . TYR A 1 104 ? 4.405   6.115   1.516   1.00 5.93  ? 104 TYR A CB  1 
ATOM   822  C  CG  . TYR A 1 104 ? 3.354   5.247   2.134   1.00 5.93  ? 104 TYR A CG  1 
ATOM   823  C  CD1 . TYR A 1 104 ? 3.662   3.983   2.625   1.00 5.93  ? 104 TYR A CD1 1 
ATOM   824  C  CD2 . TYR A 1 104 ? 2.052   5.678   2.243   1.00 6.13  ? 104 TYR A CD2 1 
ATOM   825  C  CE1 . TYR A 1 104 ? 2.672   3.174   3.172   1.00 6.23  ? 104 TYR A CE1 1 
ATOM   826  C  CE2 . TYR A 1 104 ? 1.058   4.887   2.787   1.00 5.62  ? 104 TYR A CE2 1 
ATOM   827  C  CZ  . TYR A 1 104 ? 1.369   3.616   3.264   1.00 6.37  ? 104 TYR A CZ  1 
ATOM   828  O  OH  . TYR A 1 104 ? 0.405   2.812   3.814   1.00 7.17  ? 104 TYR A OH  1 
ATOM   829  N  N   . ILE A 1 105 ? 3.622   8.889   2.529   1.00 6.72  ? 105 ILE A N   1 
ATOM   830  C  CA  . ILE A 1 105 ? 2.515   9.750   3.010   1.00 6.81  ? 105 ILE A CA  1 
ATOM   831  C  C   . ILE A 1 105 ? 1.190   9.202   2.497   1.00 6.54  ? 105 ILE A C   1 
ATOM   832  O  O   . ILE A 1 105 ? 1.039   9.012   1.289   1.00 6.26  ? 105 ILE A O   1 
ATOM   833  C  CB  . ILE A 1 105 ? 2.693   11.217  2.571   1.00 7.58  ? 105 ILE A CB  1 
ATOM   834  C  CG1 . ILE A 1 105 ? 4.062   11.732  2.997   1.00 8.95  ? 105 ILE A CG1 1 
ATOM   835  C  CG2 . ILE A 1 105 ? 1.573   12.070  3.126   1.00 7.85  ? 105 ILE A CG2 1 
ATOM   836  C  CD1 . ILE A 1 105 ? 4.422   13.112  2.520   1.00 10.78 ? 105 ILE A CD1 1 
ATOM   837  N  N   . ASP A 1 106 ? 0.247   8.937   3.431   1.00 6.40  ? 106 ASP A N   1 
ATOM   838  C  CA  . ASP A 1 106 ? -1.123  8.497   3.097   1.00 6.45  ? 106 ASP A CA  1 
ATOM   839  C  C   . ASP A 1 106 ? -1.981  9.717   2.769   1.00 6.45  ? 106 ASP A C   1 
ATOM   840  O  O   . ASP A 1 106 ? -2.059  10.602  3.594   1.00 7.14  ? 106 ASP A O   1 
ATOM   841  C  CB  . ASP A 1 106 ? -1.666  7.729   4.281   1.00 6.69  ? 106 ASP A CB  1 
ATOM   842  C  CG  . ASP A 1 106 ? -3.088  7.258   4.058   1.00 7.04  ? 106 ASP A CG  1 
ATOM   843  O  OD1 . ASP A 1 106 ? -3.999  8.123   4.142   1.00 7.23  ? 106 ASP A OD1 1 
ATOM   844  O  OD2 . ASP A 1 106 ? -3.258  6.039   3.841   1.00 8.36  ? 106 ASP A OD2 1 
ATOM   845  N  N   . TYR A 1 107 ? -2.617  9.735   1.609   1.00 6.25  ? 107 TYR A N   1 
ATOM   846  C  CA  . TYR A 1 107 ? -3.434  10.871  1.120   1.00 6.32  ? 107 TYR A CA  1 
ATOM   847  C  C   . TYR A 1 107 ? -4.924  10.514  1.051   1.00 6.36  ? 107 TYR A C   1 
ATOM   848  O  O   . TYR A 1 107 ? -5.607  11.016  0.162   1.00 6.87  ? 107 TYR A O   1 
ATOM   849  C  CB  . TYR A 1 107 ? -2.829  11.386  -0.197  1.00 6.41  ? 107 TYR A CB  1 
ATOM   850  C  CG  . TYR A 1 107 ? -1.688  12.340  0.018   1.00 6.50  ? 107 TYR A CG  1 
ATOM   851  C  CD1 . TYR A 1 107 ? -1.896  13.566  0.615   1.00 6.69  ? 107 TYR A CD1 1 
ATOM   852  C  CD2 . TYR A 1 107 ? -0.399  12.009  -0.325  1.00 6.95  ? 107 TYR A CD2 1 
ATOM   853  C  CE1 . TYR A 1 107 ? -0.880  14.473  0.844   1.00 7.38  ? 107 TYR A CE1 1 
ATOM   854  C  CE2 . TYR A 1 107 ? 0.635   12.922  -0.125  1.00 7.22  ? 107 TYR A CE2 1 
ATOM   855  C  CZ  . TYR A 1 107 ? 0.410   14.136  0.495   1.00 7.74  ? 107 TYR A CZ  1 
ATOM   856  O  OH  . TYR A 1 107 ? 1.469   14.988  0.725   1.00 9.34  ? 107 TYR A OH  1 
ATOM   857  N  N   . ASP A 1 108 ? -5.410  9.736   2.032   1.00 6.10  ? 108 ASP A N   1 
ATOM   858  C  CA  . ASP A 1 108 ? -6.850  9.633   2.395   1.00 7.09  ? 108 ASP A CA  1 
ATOM   859  C  C   . ASP A 1 108 ? -7.649  8.772   1.418   1.00 7.35  ? 108 ASP A C   1 
ATOM   860  O  O   . ASP A 1 108 ? -8.322  7.831   1.883   1.00 9.03  ? 108 ASP A O   1 
ATOM   861  C  CB  . ASP A 1 108 ? -7.504  11.019  2.485   1.00 7.71  ? 108 ASP A CB  1 
ATOM   862  C  CG  . ASP A 1 108 ? -6.736  12.022  3.324   1.00 7.83  ? 108 ASP A CG  1 
ATOM   863  O  OD1 . ASP A 1 108 ? -6.417  11.673  4.509   1.00 8.67  ? 108 ASP A OD1 1 
ATOM   864  O  OD2 . ASP A 1 108 ? -6.424  13.107  2.812   1.00 9.24  ? 108 ASP A OD2 1 
ATOM   865  N  N   . LEU A 1 109 ? -7.640  9.132   0.146   1.00 7.93  ? 109 LEU A N   1 
ATOM   866  C  CA  . LEU A 1 109 ? -8.386  8.373   -0.873  1.00 8.17  ? 109 LEU A CA  1 
ATOM   867  C  C   . LEU A 1 109 ? -7.907  6.934   -0.923  1.00 8.22  ? 109 LEU A C   1 
ATOM   868  O  O   . LEU A 1 109 ? -6.698  6.688   -0.883  1.00 7.58  ? 109 LEU A O   1 
ATOM   869  C  CB  . LEU A 1 109 ? -8.212  9.037   -2.225  1.00 8.75  ? 109 LEU A CB  1 
ATOM   870  C  CG  . LEU A 1 109 ? -8.747  10.451  -2.344  1.00 9.60  ? 109 LEU A CG  1 
ATOM   871  C  CD1 . LEU A 1 109 ? -8.191  11.140  -3.558  1.00 11.00 ? 109 LEU A CD1 1 
ATOM   872  C  CD2 . LEU A 1 109 ? -10.256 10.456  -2.374  1.00 10.04 ? 109 LEU A CD2 1 
ATOM   873  N  N   . ASP A 1 110 ? -8.825  5.982   -1.006  1.00 8.74  ? 110 ASP A N   1 
ATOM   874  C  CA  . ASP A 1 110 ? -8.429  4.566   -1.120  1.00 9.21  ? 110 ASP A CA  1 
ATOM   875  C  C   . ASP A 1 110 ? -9.411  3.870   -2.027  1.00 8.58  ? 110 ASP A C   1 
ATOM   876  O  O   . ASP A 1 110 ? -10.528 4.302   -2.190  1.00 9.81  ? 110 ASP A O   1 
ATOM   877  C  CB  . ASP A 1 110 ? -8.303  3.848   0.221   1.00 11.81 ? 110 ASP A CB  1 
ATOM   878  C  CG  . ASP A 1 110 ? -8.790  4.637   1.384   1.00 14.90 ? 110 ASP A CG  1 
ATOM   879  O  OD1 . ASP A 1 110 ? -10.023 4.809   1.416   1.00 18.08 ? 110 ASP A OD1 1 
ATOM   880  O  OD2 . ASP A 1 110 ? -7.895  5.081   2.204   1.00 14.59 ? 110 ASP A OD2 1 
ATOM   881  N  N   . ILE A 1 111 ? -8.971  2.775   -2.569  1.00 8.12  ? 111 ILE A N   1 
ATOM   882  C  CA  . ILE A 1 111 ? -9.836  1.936   -3.436  1.00 8.09  ? 111 ILE A CA  1 
ATOM   883  C  C   . ILE A 1 111 ? -9.839  0.564   -2.839  1.00 8.66  ? 111 ILE A C   1 
ATOM   884  O  O   . ILE A 1 111 ? -8.756  -0.037  -2.670  1.00 9.09  ? 111 ILE A O   1 
ATOM   885  C  CB  . ILE A 1 111 ? -9.387  1.963   -4.901  1.00 8.40  ? 111 ILE A CB  1 
ATOM   886  C  CG1 . ILE A 1 111 ? -9.450  3.410   -5.386  1.00 9.51  ? 111 ILE A CG1 1 
ATOM   887  C  CG2 . ILE A 1 111 ? -10.260 0.973   -5.717  1.00 8.83  ? 111 ILE A CG2 1 
ATOM   888  C  CD1 . ILE A 1 111 ? -9.189  3.620   -6.866  1.00 10.49 ? 111 ILE A CD1 1 
ATOM   889  N  N   . LYS A 1 112 ? -11.000 -0.041  -2.662  1.00 8.83  ? 112 LYS A N   1 
ATOM   890  C  CA  . LYS A 1 112 ? -11.104 -1.465  -2.285  1.00 9.26  ? 112 LYS A CA  1 
ATOM   891  C  C   . LYS A 1 112 ? -11.561 -2.243  -3.514  1.00 7.88  ? 112 LYS A C   1 
ATOM   892  O  O   . LYS A 1 112 ? -12.547 -1.822  -4.148  1.00 9.31  ? 112 LYS A O   1 
ATOM   893  C  CB  . LYS A 1 112 ? -12.102 -1.665  -1.135  1.00 11.74 ? 112 LYS A CB  1 
ATOM   894  C  CG  . LYS A 1 112 ? -12.158 -3.084  -0.589  1.00 16.27 ? 112 LYS A CG  1 
ATOM   895  C  CD  . LYS A 1 112 ? -12.776 -3.214  0.796   1.00 23.45 ? 112 LYS A CD  1 
ATOM   896  C  CE  . LYS A 1 112 ? -12.444 -4.533  1.452   1.00 26.90 ? 112 LYS A CE  1 
ATOM   897  N  NZ  . LYS A 1 112 ? -12.782 -4.483  2.896   1.00 32.31 ? 112 LYS A NZ  1 
ATOM   898  N  N   . VAL A 1 113 ? -10.891 -3.343  -3.779  1.00 7.07  ? 113 VAL A N   1 
ATOM   899  C  CA  . VAL A 1 113 ? -11.267 -4.258  -4.875  1.00 7.89  ? 113 VAL A CA  1 
ATOM   900  C  C   . VAL A 1 113 ? -11.647 -5.577  -4.234  1.00 7.91  ? 113 VAL A C   1 
ATOM   901  O  O   . VAL A 1 113 ? -10.883 -6.166  -3.480  1.00 7.69  ? 113 VAL A O   1 
ATOM   902  C  CB  . VAL A 1 113 ? -10.115 -4.413  -5.862  1.00 7.86  ? 113 VAL A CB  1 
ATOM   903  C  CG1 . VAL A 1 113 ? -10.577 -5.181  -7.098  1.00 8.09  ? 113 VAL A CG1 1 
ATOM   904  C  CG2 . VAL A 1 113 ? -9.548  -3.062  -6.202  1.00 7.80  ? 113 VAL A CG2 1 
ATOM   905  N  N   . TYR A 1 114 ? -12.846 -6.050  -4.535  1.00 8.09  ? 114 TYR A N   1 
ATOM   906  C  CA  . TYR A 1 114 ? -13.380 -7.341  -4.084  1.00 8.48  ? 114 TYR A CA  1 
ATOM   907  C  C   . TYR A 1 114 ? -12.925 -8.456  -5.006  1.00 8.71  ? 114 TYR A C   1 
ATOM   908  O  O   . TYR A 1 114 ? -12.453 -8.223  -6.139  1.00 8.81  ? 114 TYR A O   1 
ATOM   909  C  CB  . TYR A 1 114 ? -14.911 -7.246  -3.955  1.00 9.91  ? 114 TYR A CB  1 
ATOM   910  C  CG  . TYR A 1 114 ? -15.325 -6.299  -2.878  1.00 10.70 ? 114 TYR A CG  1 
ATOM   911  C  CD1 . TYR A 1 114 ? -15.644 -4.973  -3.106  1.00 13.15 ? 114 TYR A CD1 1 
ATOM   912  C  CD2 . TYR A 1 114 ? -15.334 -6.727  -1.564  1.00 13.93 ? 114 TYR A CD2 1 
ATOM   913  C  CE1 . TYR A 1 114 ? -15.997 -4.121  -2.060  1.00 15.99 ? 114 TYR A CE1 1 
ATOM   914  C  CE2 . TYR A 1 114 ? -15.684 -5.894  -0.527  1.00 14.77 ? 114 TYR A CE2 1 
ATOM   915  C  CZ  . TYR A 1 114 ? -16.045 -4.594  -0.757  1.00 14.68 ? 114 TYR A CZ  1 
ATOM   916  O  OH  . TYR A 1 114 ? -16.413 -3.782  0.311   1.00 17.32 ? 114 TYR A OH  1 
ATOM   917  N  N   . PRO A 1 115 ? -12.981 -9.717  -4.540  1.00 9.34  ? 115 PRO A N   1 
ATOM   918  C  CA  . PRO A 1 115 ? -12.568 -10.829 -5.399  1.00 9.53  ? 115 PRO A CA  1 
ATOM   919  C  C   . PRO A 1 115 ? -13.248 -10.947 -6.760  1.00 10.13 ? 115 PRO A C   1 
ATOM   920  O  O   . PRO A 1 115 ? -12.653 -11.428 -7.676  1.00 12.98 ? 115 PRO A O   1 
ATOM   921  C  CB  . PRO A 1 115 ? -12.917 -12.060 -4.552  1.00 10.89 ? 115 PRO A CB  1 
ATOM   922  C  CG  . PRO A 1 115 ? -12.802 -11.576 -3.136  1.00 11.24 ? 115 PRO A CG  1 
ATOM   923  C  CD  . PRO A 1 115 ? -13.275 -10.128 -3.154  1.00 9.97  ? 115 PRO A CD  1 
ATOM   924  N  N   . ASN A 1 116 ? -14.452 -10.392 -6.863  1.00 10.79 ? 116 ASN A N   1 
ATOM   925  C  CA  . ASN A 1 116 ? -15.227 -10.416 -8.127  1.00 12.49 ? 116 ASN A CA  1 
ATOM   926  C  C   . ASN A 1 116 ? -14.756 -9.310  -9.076  1.00 12.81 ? 116 ASN A C   1 
ATOM   927  O  O   . ASN A 1 116 ? -15.248 -9.257  -10.203 1.00 12.96 ? 116 ASN A O   1 
ATOM   928  C  CB  . ASN A 1 116 ? -16.724 -10.362 -7.847  1.00 12.78 ? 116 ASN A CB  1 
ATOM   929  C  CG  . ASN A 1 116 ? -17.215 -9.031  -7.315  1.00 13.27 ? 116 ASN A CG  1 
ATOM   930  O  OD1 . ASN A 1 116 ? -16.433 -8.122  -7.039  1.00 14.01 ? 116 ASN A OD1 1 
ATOM   931  N  ND2 . ASN A 1 116 ? -18.506 -8.908  -7.134  1.00 17.93 ? 116 ASN A ND2 1 
ATOM   932  N  N   . GLY A 1 117 ? -13.822 -8.448  -8.671  1.00 11.08 ? 117 GLY A N   1 
ATOM   933  C  CA  . GLY A 1 117 ? -13.259 -7.389  -9.509  1.00 10.82 ? 117 GLY A CA  1 
ATOM   934  C  C   . GLY A 1 117 ? -13.870 -6.037  -9.200  1.00 9.74  ? 117 GLY A C   1 
ATOM   935  O  O   . GLY A 1 117 ? -13.330 -5.017  -9.575  1.00 9.78  ? 117 GLY A O   1 
ATOM   936  N  N   . LYS A 1 118 ? -15.076 -5.994  -8.661  1.00 9.75  ? 118 LYS A N   1 
ATOM   937  C  CA  . LYS A 1 118 ? -15.722 -4.702  -8.372  1.00 9.52  ? 118 LYS A CA  1 
ATOM   938  C  C   . LYS A 1 118 ? -14.829 -3.905  -7.439  1.00 9.27  ? 118 LYS A C   1 
ATOM   939  O  O   . LYS A 1 118 ? -14.394 -4.416  -6.391  1.00 9.66  ? 118 LYS A O   1 
ATOM   940  C  CB  . LYS A 1 118 ? -17.080 -4.894  -7.718  1.00 9.86  ? 118 LYS A CB  1 
ATOM   941  C  CG  . LYS A 1 118 ? -17.800 -3.621  -7.364  1.00 11.86 ? 118 LYS A CG  1 
ATOM   942  C  CD  . LYS A 1 118 ? -18.172 -2.726  -8.509  1.00 13.08 ? 118 LYS A CD  1 
ATOM   943  C  CE  . LYS A 1 118 ? -18.873 -1.522  -7.933  1.00 15.09 ? 118 LYS A CE  1 
ATOM   944  N  NZ  . LYS A 1 118 ? -19.215 -0.524  -8.959  1.00 17.58 ? 118 LYS A NZ  1 
ATOM   945  N  N   . TYR A 1 119 ? -14.643 -2.659  -7.777  1.00 9.59  ? 119 TYR A N   1 
ATOM   946  C  CA  . TYR A 1 119 ? -13.882 -1.734  -6.930  1.00 9.45  ? 119 TYR A CA  1 
ATOM   947  C  C   . TYR A 1 119 ? -14.785 -0.583  -6.503  1.00 9.80  ? 119 TYR A C   1 
ATOM   948  O  O   . TYR A 1 119 ? -15.726 -0.172  -7.191  1.00 10.21 ? 119 TYR A O   1 
ATOM   949  C  CB  . TYR A 1 119 ? -12.636 -1.228  -7.667  1.00 9.57  ? 119 TYR A CB  1 
ATOM   950  C  CG  . TYR A 1 119 ? -12.861 -0.369  -8.856  1.00 11.31 ? 119 TYR A CG  1 
ATOM   951  C  CD1 . TYR A 1 119 ? -13.122 0.986   -8.726  1.00 12.06 ? 119 TYR A CD1 1 
ATOM   952  C  CD2 . TYR A 1 119 ? -12.820 -0.920  -10.120 1.00 12.29 ? 119 TYR A CD2 1 
ATOM   953  C  CE1 . TYR A 1 119 ? -13.345 1.771   -9.829  1.00 13.89 ? 119 TYR A CE1 1 
ATOM   954  C  CE2 . TYR A 1 119 ? -13.026 -0.137  -11.239 1.00 13.91 ? 119 TYR A CE2 1 
ATOM   955  C  CZ  . TYR A 1 119 ? -13.240 1.220   -11.085 1.00 14.26 ? 119 TYR A CZ  1 
ATOM   956  O  OH  . TYR A 1 119 ? -13.466 1.992   -12.201 1.00 20.89 ? 119 TYR A OH  1 
ATOM   957  N  N   . HIS A 1 120 ? -14.431 0.016   -5.363  1.00 10.17 ? 120 HIS A N   1 
ATOM   958  C  CA  . HIS A 1 120 ? -15.111 1.206   -4.830  1.00 10.50 ? 120 HIS A CA  1 
ATOM   959  C  C   . HIS A 1 120 ? -14.070 2.239   -4.432  1.00 10.30 ? 120 HIS A C   1 
ATOM   960  O  O   . HIS A 1 120 ? -13.144 1.889   -3.645  1.00 8.81  ? 120 HIS A O   1 
ATOM   961  C  CB  . HIS A 1 120 ? -16.009 0.868   -3.612  1.00 13.55 ? 120 HIS A CB  1 
ATOM   962  C  CG  . HIS A 1 120 ? -17.227 0.066   -3.905  1.00 16.89 ? 120 HIS A CG  1 
ATOM   963  N  ND1 . HIS A 1 120 ? -18.353 0.650   -4.409  1.00 23.70 ? 120 HIS A ND1 1 
ATOM   964  C  CD2 . HIS A 1 120 ? -17.499 -1.245  -3.758  1.00 24.29 ? 120 HIS A CD2 1 
ATOM   965  C  CE1 . HIS A 1 120 ? -19.277 -0.282  -4.559  1.00 23.26 ? 120 HIS A CE1 1 
ATOM   966  N  NE2 . HIS A 1 120 ? -18.787 -1.434  -4.163  1.00 23.35 ? 120 HIS A NE2 1 
ATOM   967  N  N   . LEU A 1 121 ? -14.210 3.452   -4.932  1.00 10.93 ? 121 LEU A N   1 
ATOM   968  C  CA  . LEU A 1 121 ? -13.422 4.602   -4.457  1.00 11.92 ? 121 LEU A CA  1 
ATOM   969  C  C   . LEU A 1 121 ? -13.990 5.051   -3.127  1.00 11.77 ? 121 LEU A C   1 
ATOM   970  O  O   . LEU A 1 121 ? -15.215 5.353   -3.043  1.00 13.33 ? 121 LEU A O   1 
ATOM   971  C  CB  . LEU A 1 121 ? -13.430 5.734   -5.479  1.00 13.30 ? 121 LEU A CB  1 
ATOM   972  C  CG  . LEU A 1 121 ? -12.672 6.996   -5.066  1.00 14.34 ? 121 LEU A CG  1 
ATOM   973  C  CD1 . LEU A 1 121 ? -11.176 6.749   -4.875  1.00 14.37 ? 121 LEU A CD1 1 
ATOM   974  C  CD2 . LEU A 1 121 ? -12.891 8.115   -6.091  1.00 18.85 ? 121 LEU A CD2 1 
ATOM   975  N  N   . LEU A 1 122 ? -13.152 5.070   -2.107  1.00 11.37 ? 122 LEU A N   1 
ATOM   976  C  CA  . LEU A 1 122 ? -13.559 5.382   -0.727  1.00 11.86 ? 122 LEU A CA  1 
ATOM   977  C  C   . LEU A 1 122 ? -12.902 6.675   -0.272  1.00 13.13 ? 122 LEU A C   1 
ATOM   978  O  O   . LEU A 1 122 ? -11.886 7.101   -0.849  1.00 10.66 ? 122 LEU A O   1 
ATOM   979  C  CB  . LEU A 1 122 ? -13.198 4.219   0.190   1.00 11.68 ? 122 LEU A CB  1 
ATOM   980  C  CG  . LEU A 1 122 ? -13.769 2.859   -0.210  1.00 13.55 ? 122 LEU A CG  1 
ATOM   981  C  CD1 . LEU A 1 122 ? -13.096 1.726   0.572   1.00 13.81 ? 122 LEU A CD1 1 
ATOM   982  C  CD2 . LEU A 1 122 ? -15.273 2.796   -0.020  1.00 16.50 ? 122 LEU A CD2 1 
ATOM   983  N  N   . ASP A 1 123 ? -13.512 7.321   0.718   1.00 13.29 ? 123 ASP A N   1 
ATOM   984  C  CA  . ASP A 1 123 ? -12.868 8.387   1.526   1.00 13.71 ? 123 ASP A CA  1 
ATOM   985  C  C   . ASP A 1 123 ? -12.787 9.711   0.778   1.00 13.89 ? 123 ASP A C   1 
ATOM   986  O  O   . ASP A 1 123 ? -11.892 10.530  1.110   1.00 14.46 ? 123 ASP A O   1 
ATOM   987  C  CB  . ASP A 1 123 ? -11.517 7.909   2.063   1.00 14.78 ? 123 ASP A CB  1 
ATOM   988  C  CG  . ASP A 1 123 ? -11.723 6.949   3.207   1.00 16.79 ? 123 ASP A CG  1 
ATOM   989  O  OD1 . ASP A 1 123 ? -12.822 6.998   3.792   1.00 22.30 ? 123 ASP A OD1 1 
ATOM   990  O  OD2 . ASP A 1 123 ? -10.888 6.067   3.386   1.00 15.67 ? 123 ASP A OD2 1 
ATOM   991  N  N   . GLU A 1 124 ? -13.674 9.986   -0.168  1.00 14.99 ? 124 GLU A N   1 
ATOM   992  C  CA  . GLU A 1 124 ? -13.747 11.318  -0.767  1.00 16.14 ? 124 GLU A CA  1 
ATOM   993  C  C   . GLU A 1 124 ? -14.076 12.352  0.317   1.00 14.58 ? 124 GLU A C   1 
ATOM   994  O  O   . GLU A 1 124 ? -13.478 13.436  0.247   1.00 14.56 ? 124 GLU A O   1 
ATOM   995  C  CB  . GLU A 1 124 ? -14.745 11.303  -1.910  1.00 19.07 ? 124 GLU A CB  1 
ATOM   996  C  CG  . GLU A 1 124 ? -14.098 10.894  -3.230  1.00 23.76 ? 124 GLU A CG  1 
ATOM   997  C  CD  . GLU A 1 124 ? -15.047 10.652  -4.396  1.00 26.99 ? 124 GLU A CD  1 
ATOM   998  O  OE1 . GLU A 1 124 ? -15.070 11.495  -5.345  1.00 32.39 ? 124 GLU A OE1 1 
ATOM   999  O  OE2 . GLU A 1 124 ? -15.708 9.601   -4.393  1.00 27.89 ? 124 GLU A OE2 1 
ATOM   1000 N  N   . ASP A 1 125 ? -14.897 12.026  1.323   1.00 14.23 ? 125 ASP A N   1 
ATOM   1001 C  CA  . ASP A 1 125 ? -15.208 12.994  2.395   1.00 14.50 ? 125 ASP A CA  1 
ATOM   1002 C  C   . ASP A 1 125 ? -13.978 13.258  3.269   1.00 13.86 ? 125 ASP A C   1 
ATOM   1003 O  O   . ASP A 1 125 ? -13.667 14.400  3.582   1.00 14.19 ? 125 ASP A O   1 
ATOM   1004 C  CB  . ASP A 1 125 ? -16.439 12.565  3.217   1.00 17.24 ? 125 ASP A CB  1 
ATOM   1005 C  CG  . ASP A 1 125 ? -16.893 13.573  4.250   0.84 21.36 ? 125 ASP A CG  1 
ATOM   1006 O  OD1 . ASP A 1 125 ? -16.286 13.632  5.331   0.56 21.43 ? 125 ASP A OD1 1 
ATOM   1007 O  OD2 . ASP A 1 125 ? -17.873 14.284  3.958   0.45 24.65 ? 125 ASP A OD2 1 
ATOM   1008 N  N   . GLU A 1 126 ? -13.295 12.177  3.656   1.00 12.25 ? 126 GLU A N   1 
ATOM   1009 C  CA  . GLU A 1 126 ? -12.074 12.274  4.501   1.00 11.40 ? 126 GLU A CA  1 
ATOM   1010 C  C   . GLU A 1 126 ? -11.022 13.106  3.760   1.00 9.56  ? 126 GLU A C   1 
ATOM   1011 O  O   . GLU A 1 126 ? -10.359 13.938  4.411   1.00 10.92 ? 126 GLU A O   1 
ATOM   1012 C  CB  . GLU A 1 126 ? -11.540 10.880  4.832   1.00 12.54 ? 126 GLU A CB  1 
ATOM   1013 C  CG  . GLU A 1 126 ? -10.205 10.900  5.552   1.00 13.25 ? 126 GLU A CG  1 
ATOM   1014 C  CD  . GLU A 1 126 ? -9.587  9.531   5.777   1.00 16.35 ? 126 GLU A CD  1 
ATOM   1015 O  OE1 . GLU A 1 126 ? -9.058  8.955   4.807   1.00 16.27 ? 126 GLU A OE1 1 
ATOM   1016 O  OE2 . GLU A 1 126 ? -9.637  9.044   6.924   1.00 23.24 ? 126 GLU A OE2 1 
ATOM   1017 N  N   . TYR A 1 127 ? -10.884 12.881  2.450   1.00 9.70  ? 127 TYR A N   1 
ATOM   1018 C  CA  . TYR A 1 127 ? -9.907  13.627  1.618   1.00 9.28  ? 127 TYR A CA  1 
ATOM   1019 C  C   . TYR A 1 127 ? -10.244 15.132  1.598   1.00 9.80  ? 127 TYR A C   1 
ATOM   1020 O  O   . TYR A 1 127 ? -9.384  15.968  1.815   1.00 9.81  ? 127 TYR A O   1 
ATOM   1021 C  CB  . TYR A 1 127 ? -9.898  13.076  0.201   1.00 9.29  ? 127 TYR A CB  1 
ATOM   1022 C  CG  . TYR A 1 127 ? -9.010  13.805  -0.761  1.00 9.00  ? 127 TYR A CG  1 
ATOM   1023 C  CD1 . TYR A 1 127 ? -7.647  13.815  -0.540  1.00 9.43  ? 127 TYR A CD1 1 
ATOM   1024 C  CD2 . TYR A 1 127 ? -9.526  14.569  -1.783  1.00 9.67  ? 127 TYR A CD2 1 
ATOM   1025 C  CE1 . TYR A 1 127 ? -6.798  14.526  -1.363  1.00 9.66  ? 127 TYR A CE1 1 
ATOM   1026 C  CE2 . TYR A 1 127 ? -8.687  15.306  -2.608  1.00 10.33 ? 127 TYR A CE2 1 
ATOM   1027 C  CZ  . TYR A 1 127 ? -7.324  15.267  -2.397  1.00 10.69 ? 127 TYR A CZ  1 
ATOM   1028 O  OH  . TYR A 1 127 ? -6.468  15.967  -3.199  1.00 11.73 ? 127 TYR A OH  1 
ATOM   1029 N  N   . GLU A 1 128 ? -11.518 15.443  1.358   1.00 11.91 ? 128 GLU A N   1 
ATOM   1030 C  CA  . GLU A 1 128 ? -11.932 16.865  1.301   1.00 13.54 ? 128 GLU A CA  1 
ATOM   1031 C  C   . GLU A 1 128 ? -11.634 17.560  2.626   1.00 15.24 ? 128 GLU A C   1 
ATOM   1032 O  O   . GLU A 1 128 ? -11.064 18.681  2.613   1.00 15.73 ? 128 GLU A O   1 
ATOM   1033 C  CB  . GLU A 1 128 ? -13.398 16.916  0.901   1.00 14.52 ? 128 GLU A CB  1 
ATOM   1034 C  CG  . GLU A 1 128 ? -13.584 16.517  -0.548  0.53 17.53 ? 128 GLU A CG  1 
ATOM   1035 C  CD  . GLU A 1 128 ? -14.997 16.669  -1.083  0.39 20.10 ? 128 GLU A CD  1 
ATOM   1036 O  OE1 . GLU A 1 128 ? -15.347 15.955  -2.034  0.44 24.90 ? 128 GLU A OE1 1 
ATOM   1037 O  OE2 . GLU A 1 128 ? -15.733 17.512  -0.559  0.55 25.36 ? 128 GLU A OE2 1 
ATOM   1038 N  N   . GLN A 1 129 ? -11.941 16.926  3.752   1.00 14.12 ? 129 GLN A N   1 
ATOM   1039 C  CA  . GLN A 1 129 ? -11.680 17.507  5.098   1.00 15.67 ? 129 GLN A CA  1 
ATOM   1040 C  C   . GLN A 1 129 ? -10.194 17.714  5.310   1.00 14.06 ? 129 GLN A C   1 
ATOM   1041 O  O   . GLN A 1 129 ? -9.768  18.819  5.668   1.00 14.55 ? 129 GLN A O   1 
ATOM   1042 C  CB  . GLN A 1 129 ? -12.246 16.637  6.207   1.00 19.12 ? 129 GLN A CB  1 
ATOM   1043 C  CG  . GLN A 1 129 ? -13.755 16.656  6.200   1.00 21.64 ? 129 GLN A CG  1 
ATOM   1044 C  CD  . GLN A 1 129 ? -14.313 16.313  7.553   0.63 21.78 ? 129 GLN A CD  1 
ATOM   1045 O  OE1 . GLN A 1 129 ? -14.035 16.994  8.539   0.39 23.49 ? 129 GLN A OE1 1 
ATOM   1046 N  NE2 . GLN A 1 129 ? -15.095 15.249  7.597   0.42 23.00 ? 129 GLN A NE2 1 
ATOM   1047 N  N   . HIS A 1 130 ? -9.393  16.681  5.094   1.00 11.64 ? 130 HIS A N   1 
ATOM   1048 C  CA  . HIS A 1 130 ? -7.948  16.765  5.347   1.00 11.98 ? 130 HIS A CA  1 
ATOM   1049 C  C   . HIS A 1 130 ? -7.271  17.739  4.375   1.00 11.48 ? 130 HIS A C   1 
ATOM   1050 O  O   . HIS A 1 130 ? -6.279  18.370  4.780   1.00 12.00 ? 130 HIS A O   1 
ATOM   1051 C  CB  . HIS A 1 130 ? -7.342  15.365  5.234   1.00 12.54 ? 130 HIS A CB  1 
ATOM   1052 C  CG  . HIS A 1 130 ? -7.659  14.526  6.420   1.00 12.66 ? 130 HIS A CG  1 
ATOM   1053 N  ND1 . HIS A 1 130 ? -7.363  13.177  6.460   1.00 11.82 ? 130 HIS A ND1 1 
ATOM   1054 C  CD2 . HIS A 1 130 ? -8.266  14.811  7.605   1.00 14.26 ? 130 HIS A CD2 1 
ATOM   1055 C  CE1 . HIS A 1 130 ? -7.700  12.679  7.639   1.00 12.63 ? 130 HIS A CE1 1 
ATOM   1056 N  NE2 . HIS A 1 130 ? -8.285  13.666  8.355   1.00 13.84 ? 130 HIS A NE2 1 
ATOM   1057 N  N   . MET A 1 131 ? -7.719  17.767  3.126   1.00 11.91 ? 131 MET A N   1 
ATOM   1058 C  CA  . MET A 1 131 ? -7.110  18.667  2.120   1.00 13.14 ? 131 MET A CA  1 
ATOM   1059 C  C   . MET A 1 131 ? -7.293  20.122  2.597   1.00 13.51 ? 131 MET A C   1 
ATOM   1060 O  O   . MET A 1 131 ? -6.349  20.892  2.452   1.00 14.01 ? 131 MET A O   1 
ATOM   1061 C  CB  . MET A 1 131 ? -7.698  18.492  0.723   1.00 15.19 ? 131 MET A CB  1 
ATOM   1062 C  CG  . MET A 1 131 ? -7.266  19.608  -0.212  1.00 17.79 ? 131 MET A CG  1 
ATOM   1063 S  SD  . MET A 1 131 ? -7.477  19.088  -1.899  1.00 22.06 ? 131 MET A SD  1 
ATOM   1064 C  CE  . MET A 1 131 ? -9.233  18.755  -1.961  1.00 25.29 ? 131 MET A CE  1 
ATOM   1065 N  N   . ASN A 1 132 ? -8.426  20.444  3.197   1.00 15.90 ? 132 ASN A N   1 
ATOM   1066 C  CA  . ASN A 1 132 ? -8.662  21.808  3.755   1.00 18.72 ? 132 ASN A CA  1 
ATOM   1067 C  C   . ASN A 1 132 ? -7.902  21.977  5.085   1.00 17.63 ? 132 ASN A C   1 
ATOM   1068 O  O   . ASN A 1 132 ? -7.180  22.962  5.247   1.00 18.09 ? 132 ASN A O   1 
ATOM   1069 C  CB  . ASN A 1 132 ? -10.164 22.079  3.856   1.00 21.91 ? 132 ASN A CB  1 
ATOM   1070 C  CG  . ASN A 1 132 ? -10.796 22.278  2.490   1.00 29.80 ? 132 ASN A CG  1 
ATOM   1071 O  OD1 . ASN A 1 132 ? -10.192 22.879  1.592   1.00 35.79 ? 132 ASN A OD1 1 
ATOM   1072 N  ND2 . ASN A 1 132 ? -12.012 21.778  2.307   1.00 37.68 ? 132 ASN A ND2 1 
ATOM   1073 N  N   . GLN A 1 133 ? -7.957  21.014  6.001   1.00 15.76 ? 133 GLN A N   1 
ATOM   1074 C  CA  . GLN A 1 133 ? -7.310  21.124  7.322   1.00 16.88 ? 133 GLN A CA  1 
ATOM   1075 C  C   . GLN A 1 133 ? -5.794  21.230  7.194   1.00 15.60 ? 133 GLN A C   1 
ATOM   1076 O  O   . GLN A 1 133 ? -5.194  22.000  7.911   1.00 19.23 ? 133 GLN A O   1 
ATOM   1077 C  CB  . GLN A 1 133 ? -7.642  19.933  8.210   1.00 19.53 ? 133 GLN A CB  1 
ATOM   1078 C  CG  . GLN A 1 133 ? -9.036  20.055  8.789   1.00 25.86 ? 133 GLN A CG  1 
ATOM   1079 C  CD  . GLN A 1 133 ? -9.639  18.728  9.166   1.00 28.77 ? 133 GLN A CD  1 
ATOM   1080 O  OE1 . GLN A 1 133 ? -8.915  17.807  9.554   1.00 30.54 ? 133 GLN A OE1 1 
ATOM   1081 N  NE2 . GLN A 1 133 ? -10.960 18.645  9.039   1.00 29.45 ? 133 GLN A NE2 1 
ATOM   1082 N  N   . MET A 1 134 ? -5.172  20.404  6.339   1.00 13.67 ? 134 MET A N   1 
ATOM   1083 C  CA  . MET A 1 134 ? -3.713  20.286  6.207   1.00 12.54 ? 134 MET A CA  1 
ATOM   1084 C  C   . MET A 1 134 ? -3.213  21.047  4.972   1.00 11.80 ? 134 MET A C   1 
ATOM   1085 O  O   . MET A 1 134 ? -2.014  21.029  4.760   1.00 13.72 ? 134 MET A O   1 
ATOM   1086 C  CB  . MET A 1 134 ? -3.275  18.816  6.176   1.00 12.86 ? 134 MET A CB  1 
ATOM   1087 C  CG  . MET A 1 134 ? -3.487  18.110  7.516   1.00 13.43 ? 134 MET A CG  1 
ATOM   1088 S  SD  . MET A 1 134 ? -2.911  16.417  7.448   1.00 15.77 ? 134 MET A SD  1 
ATOM   1089 C  CE  . MET A 1 134 ? -4.366  15.661  6.785   1.00 18.50 ? 134 MET A CE  1 
ATOM   1090 N  N   . ASN A 1 135 ? -4.095  21.737  4.254   1.00 12.03 ? 135 ASN A N   1 
ATOM   1091 C  CA  . ASN A 1 135 ? -3.735  22.656  3.137   1.00 14.80 ? 135 ASN A CA  1 
ATOM   1092 C  C   . ASN A 1 135 ? -2.873  21.919  2.130   1.00 12.82 ? 135 ASN A C   1 
ATOM   1093 O  O   . ASN A 1 135 ? -1.767  22.376  1.781   1.00 13.71 ? 135 ASN A O   1 
ATOM   1094 C  CB  . ASN A 1 135 ? -3.025  23.894  3.663   1.00 17.61 ? 135 ASN A CB  1 
ATOM   1095 C  CG  . ASN A 1 135 ? -3.915  24.643  4.620   1.00 24.00 ? 135 ASN A CG  1 
ATOM   1096 O  OD1 . ASN A 1 135 ? -3.496  24.889  5.761   1.00 32.43 ? 135 ASN A OD1 1 
ATOM   1097 N  ND2 . ASN A 1 135 ? -5.125  24.961  4.174   1.00 27.26 ? 135 ASN A ND2 1 
ATOM   1098 N  N   . TYR A 1 136 ? -3.409  20.854  1.557   1.00 10.23 ? 136 TYR A N   1 
ATOM   1099 C  CA  . TYR A 1 136 ? -2.714  20.167  0.453   1.00 10.21 ? 136 TYR A CA  1 
ATOM   1100 C  C   . TYR A 1 136 ? -2.583  21.120  -0.731  1.00 10.30 ? 136 TYR A C   1 
ATOM   1101 O  O   . TYR A 1 136 ? -3.539  21.804  -1.110  1.00 10.38 ? 136 TYR A O   1 
ATOM   1102 C  CB  . TYR A 1 136 ? -3.446  18.935  -0.081  1.00 9.37  ? 136 TYR A CB  1 
ATOM   1103 C  CG  . TYR A 1 136 ? -3.760  17.836  0.910   1.00 8.93  ? 136 TYR A CG  1 
ATOM   1104 C  CD1 . TYR A 1 136 ? -3.134  17.734  2.132   1.00 8.84  ? 136 TYR A CD1 1 
ATOM   1105 C  CD2 . TYR A 1 136 ? -4.638  16.814  0.577   1.00 8.14  ? 136 TYR A CD2 1 
ATOM   1106 C  CE1 . TYR A 1 136 ? -3.387  16.710  3.020   1.00 8.19  ? 136 TYR A CE1 1 
ATOM   1107 C  CE2 . TYR A 1 136 ? -4.889  15.762  1.443   1.00 8.25  ? 136 TYR A CE2 1 
ATOM   1108 C  CZ  . TYR A 1 136 ? -4.264  15.711  2.683   1.00 8.19  ? 136 TYR A CZ  1 
ATOM   1109 O  OH  . TYR A 1 136 ? -4.540  14.670  3.537   1.00 8.28  ? 136 TYR A OH  1 
ATOM   1110 N  N   . PRO A 1 137 ? -1.363  21.233  -1.288  1.00 9.85  ? 137 PRO A N   1 
ATOM   1111 C  CA  . PRO A 1 137 ? -1.216  22.114  -2.436  1.00 11.14 ? 137 PRO A CA  1 
ATOM   1112 C  C   . PRO A 1 137 ? -2.002  21.639  -3.650  1.00 10.62 ? 137 PRO A C   1 
ATOM   1113 O  O   . PRO A 1 137 ? -2.273  20.427  -3.812  1.00 9.15  ? 137 PRO A O   1 
ATOM   1114 C  CB  . PRO A 1 137 ? 0.260   22.032  -2.812  1.00 12.53 ? 137 PRO A CB  1 
ATOM   1115 C  CG  . PRO A 1 137 ? 0.921   21.172  -1.820  1.00 13.18 ? 137 PRO A CG  1 
ATOM   1116 C  CD  . PRO A 1 137 ? -0.117  20.600  -0.861  1.00 11.17 ? 137 PRO A CD  1 
ATOM   1117 N  N   . HIS A 1 138 ? -2.266  22.573  -4.566  1.00 10.18 ? 138 HIS A N   1 
ATOM   1118 C  CA  . HIS A 1 138 ? -3.075  22.278  -5.752  1.00 11.27 ? 138 HIS A CA  1 
ATOM   1119 C  C   . HIS A 1 138 ? -2.432  21.176  -6.586  1.00 9.30  ? 138 HIS A C   1 
ATOM   1120 O  O   . HIS A 1 138 ? -3.151  20.332  -7.158  1.00 9.58  ? 138 HIS A O   1 
ATOM   1121 C  CB  . HIS A 1 138 ? -3.287  23.506  -6.612  1.00 12.54 ? 138 HIS A CB  1 
ATOM   1122 C  CG  . HIS A 1 138 ? -4.385  24.348  -6.085  1.00 15.48 ? 138 HIS A CG  1 
ATOM   1123 N  ND1 . HIS A 1 138 ? -4.181  25.616  -5.610  1.00 19.40 ? 138 HIS A ND1 1 
ATOM   1124 C  CD2 . HIS A 1 138 ? -5.712  24.076  -5.957  1.00 18.61 ? 138 HIS A CD2 1 
ATOM   1125 C  CE1 . HIS A 1 138 ? -5.340  26.100  -5.200  1.00 16.22 ? 138 HIS A CE1 1 
ATOM   1126 N  NE2 . HIS A 1 138 ? -6.283  25.195  -5.427  1.00 19.91 ? 138 HIS A NE2 1 
ATOM   1127 N  N   . ASP A 1 139 ? -1.116  21.160  -6.690  1.00 8.80  ? 139 ASP A N   1 
ATOM   1128 C  CA  . ASP A 1 139 ? -0.462  20.159  -7.578  1.00 9.27  ? 139 ASP A CA  1 
ATOM   1129 C  C   . ASP A 1 139 ? -0.597  18.768  -6.978  1.00 9.88  ? 139 ASP A C   1 
ATOM   1130 O  O   . ASP A 1 139 ? -0.746  17.845  -7.757  1.00 9.09  ? 139 ASP A O   1 
ATOM   1131 C  CB  . ASP A 1 139 ? 0.978   20.446  -7.971  1.00 10.23 ? 139 ASP A CB  1 
ATOM   1132 C  CG  . ASP A 1 139 ? 1.136   21.545  -9.011  1.00 11.38 ? 139 ASP A CG  1 
ATOM   1133 O  OD1 . ASP A 1 139 ? 0.094   22.034  -9.495  1.00 12.78 ? 139 ASP A OD1 1 
ATOM   1134 O  OD2 . ASP A 1 139 ? 2.310   21.934  -9.202  1.00 11.16 ? 139 ASP A OD2 1 
ATOM   1135 N  N   . ILE A 1 140 ? -0.608  18.649  -5.647  1.00 9.15  ? 140 ILE A N   1 
ATOM   1136 C  CA  . ILE A 1 140 ? -0.857  17.313  -5.035  1.00 9.63  ? 140 ILE A CA  1 
ATOM   1137 C  C   . ILE A 1 140 ? -2.298  16.892  -5.315  1.00 9.68  ? 140 ILE A C   1 
ATOM   1138 O  O   . ILE A 1 140 ? -2.517  15.741  -5.658  1.00 8.65  ? 140 ILE A O   1 
ATOM   1139 C  CB  . ILE A 1 140 ? -0.460  17.340  -3.554  1.00 11.30 ? 140 ILE A CB  1 
ATOM   1140 C  CG1 . ILE A 1 140 ? 1.064   17.327  -3.464  1.00 13.04 ? 140 ILE A CG1 1 
ATOM   1141 C  CG2 . ILE A 1 140 ? -1.058  16.141  -2.858  1.00 11.37 ? 140 ILE A CG2 1 
ATOM   1142 C  CD1 . ILE A 1 140 ? 1.680   17.327  -2.065  1.00 14.64 ? 140 ILE A CD1 1 
ATOM   1143 N  N   . ASP A 1 141 ? -3.241  17.804  -5.237  1.00 8.99  ? 141 ASP A N   1 
ATOM   1144 C  CA  . ASP A 1 141 ? -4.652  17.484  -5.547  1.00 8.91  ? 141 ASP A CA  1 
ATOM   1145 C  C   . ASP A 1 141 ? -4.748  16.971  -6.988  1.00 8.35  ? 141 ASP A C   1 
ATOM   1146 O  O   . ASP A 1 141 ? -5.405  15.976  -7.238  1.00 9.29  ? 141 ASP A O   1 
ATOM   1147 C  CB  . ASP A 1 141 ? -5.543  18.685  -5.296  1.00 10.22 ? 141 ASP A CB  1 
ATOM   1148 C  CG  . ASP A 1 141 ? -6.985  18.460  -5.577  1.00 12.44 ? 141 ASP A CG  1 
ATOM   1149 O  OD1 . ASP A 1 141 ? -7.582  17.475  -5.080  1.00 13.72 ? 141 ASP A OD1 1 
ATOM   1150 O  OD2 . ASP A 1 141 ? -7.522  19.253  -6.346  1.00 18.39 ? 141 ASP A OD2 1 
ATOM   1151 N  N   . ILE A 1 142 ? -4.103  17.655  -7.936  1.00 8.43  ? 142 ILE A N   1 
ATOM   1152 C  CA  . ILE A 1 142 ? -4.131  17.216  -9.351  1.00 8.86  ? 142 ILE A CA  1 
ATOM   1153 C  C   . ILE A 1 142 ? -3.506  15.836  -9.467  1.00 8.10  ? 142 ILE A C   1 
ATOM   1154 O  O   . ILE A 1 142 ? -4.047  14.955  -10.146 1.00 9.00  ? 142 ILE A O   1 
ATOM   1155 C  CB  . ILE A 1 142 ? -3.377  18.221  -10.237 1.00 9.17  ? 142 ILE A CB  1 
ATOM   1156 C  CG1 . ILE A 1 142 ? -4.091  19.558  -10.268 1.00 10.10 ? 142 ILE A CG1 1 
ATOM   1157 C  CG2 . ILE A 1 142 ? -3.167  17.642  -11.633 1.00 9.07  ? 142 ILE A CG2 1 
ATOM   1158 C  CD1 . ILE A 1 142 ? -3.268  20.663  -10.873 1.00 10.87 ? 142 ILE A CD1 1 
ATOM   1159 N  N   . ILE A 1 143 ? -2.337  15.643  -8.874  1.00 7.07  ? 143 ILE A N   1 
ATOM   1160 C  CA  . ILE A 1 143 ? -1.611  14.350  -8.967  1.00 7.12  ? 143 ILE A CA  1 
ATOM   1161 C  C   . ILE A 1 143 ? -2.500  13.249  -8.386  1.00 7.65  ? 143 ILE A C   1 
ATOM   1162 O  O   . ILE A 1 143 ? -2.586  12.152  -8.970  1.00 7.74  ? 143 ILE A O   1 
ATOM   1163 C  CB  . ILE A 1 143 ? -0.239  14.462  -8.285  1.00 7.90  ? 143 ILE A CB  1 
ATOM   1164 C  CG1 . ILE A 1 143 ? 0.699   15.353  -9.108  1.00 8.71  ? 143 ILE A CG1 1 
ATOM   1165 C  CG2 . ILE A 1 143 ? 0.343   13.069  -8.103  1.00 8.84  ? 143 ILE A CG2 1 
ATOM   1166 C  CD1 . ILE A 1 143 ? 1.926   15.765  -8.370  1.00 9.60  ? 143 ILE A CD1 1 
ATOM   1167 N  N   . LEU A 1 144 ? -3.073  13.481  -7.225  1.00 7.68  ? 144 LEU A N   1 
ATOM   1168 C  CA  . LEU A 1 144 ? -3.863  12.420  -6.564  1.00 7.91  ? 144 LEU A CA  1 
ATOM   1169 C  C   . LEU A 1 144 ? -5.073  12.075  -7.422  1.00 8.67  ? 144 LEU A C   1 
ATOM   1170 O  O   . LEU A 1 144 ? -5.330  10.875  -7.622  1.00 8.41  ? 144 LEU A O   1 
ATOM   1171 C  CB  . LEU A 1 144 ? -4.268  12.850  -5.152  1.00 7.64  ? 144 LEU A CB  1 
ATOM   1172 C  CG  . LEU A 1 144 ? -3.128  12.959  -4.151  1.00 7.06  ? 144 LEU A CG  1 
ATOM   1173 C  CD1 . LEU A 1 144 ? -3.627  13.646  -2.888  1.00 8.35  ? 144 LEU A CD1 1 
ATOM   1174 C  CD2 . LEU A 1 144 ? -2.508  11.605  -3.830  1.00 7.61  ? 144 LEU A CD2 1 
ATOM   1175 N  N   . ARG A 1 145 ? -5.794  13.079  -7.938  1.00 8.96  ? 145 ARG A N   1 
ATOM   1176 C  CA  . ARG A 1 145 ? -6.976  12.771  -8.765  1.00 10.33 ? 145 ARG A CA  1 
ATOM   1177 C  C   . ARG A 1 145 ? -6.560  12.031  -10.027 1.00 9.03  ? 145 ARG A C   1 
ATOM   1178 O  O   . ARG A 1 145 ? -7.265  11.090  -10.469 1.00 9.85  ? 145 ARG A O   1 
ATOM   1179 C  CB  . ARG A 1 145 ? -7.784  14.034  -9.040  1.00 12.92 ? 145 ARG A CB  1 
ATOM   1180 C  CG  . ARG A 1 145 ? -8.466  14.573  -7.798  1.00 18.39 ? 145 ARG A CG  1 
ATOM   1181 C  CD  . ARG A 1 145 ? -8.981  15.967  -8.090  1.00 25.33 ? 145 ARG A CD  1 
ATOM   1182 N  NE  . ARG A 1 145 ? -9.262  16.786  -6.915  1.00 34.37 ? 145 ARG A NE  1 
ATOM   1183 C  CZ  . ARG A 1 145 ? -10.387 16.810  -6.205  1.00 40.11 ? 145 ARG A CZ  1 
ATOM   1184 N  NH1 . ARG A 1 145 ? -10.480 17.651  -5.187  1.00 40.86 ? 145 ARG A NH1 1 
ATOM   1185 N  NH2 . ARG A 1 145 ? -11.410 16.024  -6.517  1.00 46.56 ? 145 ARG A NH2 1 
ATOM   1186 N  N   . ARG A 1 146 ? -5.399  12.395  -10.582 1.00 8.98  ? 146 ARG A N   1 
ATOM   1187 C  CA  . ARG A 1 146 ? -4.887  11.744  -11.819 1.00 9.26  ? 146 ARG A CA  1 
ATOM   1188 C  C   . ARG A 1 146 ? -4.476  10.295  -11.523 1.00 9.02  ? 146 ARG A C   1 
ATOM   1189 O  O   . ARG A 1 146 ? -4.608  9.448   -12.429 1.00 10.63 ? 146 ARG A O   1 
ATOM   1190 C  CB  . ARG A 1 146 ? -3.711  12.540  -12.394 1.00 10.07 ? 146 ARG A CB  1 
ATOM   1191 C  CG  . ARG A 1 146 ? -3.125  11.952  -13.668 1.00 11.96 ? 146 ARG A CG  1 
ATOM   1192 C  CD  . ARG A 1 146 ? -1.660  12.302  -13.850 1.00 12.09 ? 146 ARG A CD  1 
ATOM   1193 N  NE  . ARG A 1 146 ? -1.445  13.736  -13.982 1.00 12.15 ? 146 ARG A NE  1 
ATOM   1194 C  CZ  . ARG A 1 146 ? -0.509  14.420  -13.335 1.00 13.37 ? 146 ARG A CZ  1 
ATOM   1195 N  NH1 . ARG A 1 146 ? 0.309   13.797  -12.503 1.00 16.29 ? 146 ARG A NH1 1 
ATOM   1196 N  NH2 . ARG A 1 146 ? -0.393  15.722  -13.522 1.00 15.45 ? 146 ARG A NH2 1 
ATOM   1197 N  N   . ASN A 1 147 ? -3.998  10.029  -10.302 1.00 7.66  ? 147 ASN A N   1 
ATOM   1198 C  CA  . ASN A 1 147 ? -3.552  8.690   -9.889  1.00 7.42  ? 147 ASN A CA  1 
ATOM   1199 C  C   . ASN A 1 147 ? -4.773  7.821   -9.482  1.00 7.24  ? 147 ASN A C   1 
ATOM   1200 O  O   . ASN A 1 147 ? -4.669  6.603   -9.623  1.00 6.83  ? 147 ASN A O   1 
ATOM   1201 C  CB  . ASN A 1 147 ? -2.460  8.733   -8.830  1.00 6.79  ? 147 ASN A CB  1 
ATOM   1202 C  CG  . ASN A 1 147 ? -1.092  8.884   -9.464  1.00 6.80  ? 147 ASN A CG  1 
ATOM   1203 O  OD1 . ASN A 1 147 ? -0.325  7.922   -9.555  1.00 7.79  ? 147 ASN A OD1 1 
ATOM   1204 N  ND2 . ASN A 1 147 ? -0.785  10.116  -9.839  1.00 7.98  ? 147 ASN A ND2 1 
ATOM   1205 N  N   . VAL A 1 148 ? -5.877  8.412   -9.003  1.00 7.70  ? 148 VAL A N   1 
ATOM   1206 C  CA  . VAL A 1 148 ? -7.134  7.635   -8.848  1.00 8.38  ? 148 VAL A CA  1 
ATOM   1207 C  C   . VAL A 1 148 ? -7.522  7.067   -10.218 1.00 8.62  ? 148 VAL A C   1 
ATOM   1208 O  O   . VAL A 1 148 ? -7.817  5.876   -10.318 1.00 9.89  ? 148 VAL A O   1 
ATOM   1209 C  CB  . VAL A 1 148 ? -8.254  8.499   -8.260  1.00 9.05  ? 148 VAL A CB  1 
ATOM   1210 C  CG1 . VAL A 1 148 ? -9.602  7.799   -8.428  1.00 9.77  ? 148 VAL A CG1 1 
ATOM   1211 C  CG2 . VAL A 1 148 ? -8.014  8.839   -6.798  1.00 8.61  ? 148 VAL A CG2 1 
ATOM   1212 N  N   . ASP A 1 149 ? -7.473  7.888   -11.250 1.00 9.26  ? 149 ASP A N   1 
ATOM   1213 C  CA  . ASP A 1 149 ? -7.894  7.389   -12.580 1.00 10.27 ? 149 ASP A CA  1 
ATOM   1214 C  C   . ASP A 1 149 ? -6.911  6.340   -13.085 1.00 10.17 ? 149 ASP A C   1 
ATOM   1215 O  O   . ASP A 1 149 ? -7.311  5.334   -13.657 1.00 9.91  ? 149 ASP A O   1 
ATOM   1216 C  CB  . ASP A 1 149 ? -7.981  8.533   -13.580 1.00 12.65 ? 149 ASP A CB  1 
ATOM   1217 C  CG  . ASP A 1 149 ? -9.145  9.474   -13.338 1.00 18.77 ? 149 ASP A CG  1 
ATOM   1218 O  OD1 . ASP A 1 149 ? -10.060 9.105   -12.589 0.59 18.65 ? 149 ASP A OD1 1 
ATOM   1219 O  OD2 . ASP A 1 149 ? -9.067  10.603  -13.875 1.00 27.14 ? 149 ASP A OD2 1 
ATOM   1220 N  N   . ILE A 1 150 ? -5.615  6.517   -12.904 1.00 9.04  ? 150 ILE A N   1 
ATOM   1221 C  CA  . ILE A 1 150 ? -4.604  5.518   -13.342 1.00 8.81  ? 150 ILE A CA  1 
ATOM   1222 C  C   . ILE A 1 150 ? -4.874  4.214   -12.592 1.00 9.41  ? 150 ILE A C   1 
ATOM   1223 O  O   . ILE A 1 150 ? -4.866  3.154   -13.189 1.00 8.50  ? 150 ILE A O   1 
ATOM   1224 C  CB  . ILE A 1 150 ? -3.172  6.029   -13.049 1.00 10.33 ? 150 ILE A CB  1 
ATOM   1225 C  CG1 . ILE A 1 150 ? -2.855  7.244   -13.935 1.00 10.91 ? 150 ILE A CG1 1 
ATOM   1226 C  CG2 . ILE A 1 150 ? -2.152  4.916   -13.197 1.00 10.45 ? 150 ILE A CG2 1 
ATOM   1227 C  CD1 . ILE A 1 150 ? -1.614  8.000   -13.492 1.00 12.33 ? 150 ILE A CD1 1 
ATOM   1228 N  N   . LEU A 1 151 ? -5.047  4.265   -11.274 1.00 8.80  ? 151 LEU A N   1 
ATOM   1229 C  CA  . LEU A 1 151 ? -5.292  3.044   -10.488 1.00 9.13  ? 151 LEU A CA  1 
ATOM   1230 C  C   . LEU A 1 151 ? -6.557  2.326   -10.967 1.00 8.60  ? 151 LEU A C   1 
ATOM   1231 O  O   . LEU A 1 151 ? -6.522  1.129   -11.089 1.00 8.08  ? 151 LEU A O   1 
ATOM   1232 C  CB  . LEU A 1 151 ? -5.417  3.518   -9.053  1.00 10.55 ? 151 LEU A CB  1 
ATOM   1233 C  CG  . LEU A 1 151 ? -5.626  2.484   -7.992  1.00 11.04 ? 151 LEU A CG  1 
ATOM   1234 C  CD1 . LEU A 1 151 ? -4.535  1.410   -8.067  1.00 11.46 ? 151 LEU A CD1 1 
ATOM   1235 C  CD2 . LEU A 1 151 ? -5.580  3.168   -6.628  1.00 11.40 ? 151 LEU A CD2 1 
ATOM   1236 N  N   . GLN A 1 152 ? -7.644  3.060   -11.219 1.00 8.93  ? 152 GLN A N   1 
ATOM   1237 C  CA  . GLN A 1 152 ? -8.867  2.405   -11.757 1.00 9.41  ? 152 GLN A CA  1 
ATOM   1238 C  C   . GLN A 1 152 ? -8.533  1.711   -13.076 1.00 10.04 ? 152 GLN A C   1 
ATOM   1239 O  O   . GLN A 1 152 ? -9.007  0.592   -13.299 1.00 10.28 ? 152 GLN A O   1 
ATOM   1240 C  CB  . GLN A 1 152 ? -9.996  3.401   -11.887 1.00 11.21 ? 152 GLN A CB  1 
ATOM   1241 C  CG  . GLN A 1 152 ? -10.535 3.774   -10.515 1.00 13.89 ? 152 GLN A CG  1 
ATOM   1242 C  CD  . GLN A 1 152 ? -11.547 4.886   -10.498 1.00 18.02 ? 152 GLN A CD  1 
ATOM   1243 O  OE1 . GLN A 1 152 ? -11.782 5.526   -11.509 1.00 24.68 ? 152 GLN A OE1 1 
ATOM   1244 N  NE2 . GLN A 1 152 ? -12.081 5.165   -9.314  1.00 17.85 ? 152 GLN A NE2 1 
ATOM   1245 N  N   . GLN A 1 153 ? -7.745  2.359   -13.945 1.00 9.66  ? 153 GLN A N   1 
ATOM   1246 C  CA  . GLN A 1 153 ? -7.377  1.728   -15.224 1.00 11.17 ? 153 GLN A CA  1 
ATOM   1247 C  C   . GLN A 1 153 ? -6.530  0.486   -14.973 1.00 10.95 ? 153 GLN A C   1 
ATOM   1248 O  O   . GLN A 1 153 ? -6.737  -0.529  -15.633 1.00 10.79 ? 153 GLN A O   1 
ATOM   1249 C  CB  . GLN A 1 153 ? -6.616  2.732   -16.086 1.00 14.26 ? 153 GLN A CB  1 
ATOM   1250 C  CG  . GLN A 1 153 ? -7.488  3.855   -16.596 1.00 18.87 ? 153 GLN A CG  1 
ATOM   1251 C  CD  . GLN A 1 153 ? -7.043  4.019   -18.029 1.00 27.98 ? 153 GLN A CD  1 
ATOM   1252 O  OE1 . GLN A 1 153 ? -5.844  4.194   -18.279 1.00 35.53 ? 153 GLN A OE1 1 
ATOM   1253 N  NE2 . GLN A 1 153 ? -7.966  3.886   -18.981 1.00 31.41 ? 153 GLN A NE2 1 
ATOM   1254 N  N   . TRP A 1 154 ? -5.599  0.537   -14.020 1.00 9.25  ? 154 TRP A N   1 
ATOM   1255 C  CA  . TRP A 1 154 ? -4.763  -0.655  -13.742 1.00 9.11  ? 154 TRP A CA  1 
ATOM   1256 C  C   . TRP A 1 154 ? -5.646  -1.821  -13.279 1.00 9.03  ? 154 TRP A C   1 
ATOM   1257 O  O   . TRP A 1 154 ? -5.355  -2.977  -13.645 1.00 10.04 ? 154 TRP A O   1 
ATOM   1258 C  CB  . TRP A 1 154 ? -3.696  -0.404  -12.666 1.00 9.55  ? 154 TRP A CB  1 
ATOM   1259 C  CG  . TRP A 1 154 ? -2.472  0.341   -13.111 1.00 9.58  ? 154 TRP A CG  1 
ATOM   1260 C  CD1 . TRP A 1 154 ? -2.381  1.328   -14.036 1.00 10.17 ? 154 TRP A CD1 1 
ATOM   1261 C  CD2 . TRP A 1 154 ? -1.178  0.189   -12.534 1.00 9.30  ? 154 TRP A CD2 1 
ATOM   1262 N  NE1 . TRP A 1 154 ? -1.079  1.751   -14.124 1.00 11.36 ? 154 TRP A NE1 1 
ATOM   1263 C  CE2 . TRP A 1 154 ? -0.321  1.076   -13.210 1.00 10.71 ? 154 TRP A CE2 1 
ATOM   1264 C  CE3 . TRP A 1 154 ? -0.659  -0.638  -11.534 1.00 10.84 ? 154 TRP A CE3 1 
ATOM   1265 C  CZ2 . TRP A 1 154 ? 1.024   1.183   -12.884 1.00 11.38 ? 154 TRP A CZ2 1 
ATOM   1266 C  CZ3 . TRP A 1 154 ? 0.679   -0.541  -11.217 1.00 11.02 ? 154 TRP A CZ3 1 
ATOM   1267 C  CH2 . TRP A 1 154 ? 1.506   0.353   -11.899 1.00 11.79 ? 154 TRP A CH2 1 
ATOM   1268 N  N   . ILE A 1 155 ? -6.633  -1.540  -12.429 1.00 7.74  ? 155 ILE A N   1 
ATOM   1269 C  CA  . ILE A 1 155 ? -7.551  -2.579  -11.917 1.00 8.52  ? 155 ILE A CA  1 
ATOM   1270 C  C   . ILE A 1 155 ? -8.315  -3.145  -13.121 1.00 9.99  ? 155 ILE A C   1 
ATOM   1271 O  O   . ILE A 1 155 ? -8.363  -4.383  -13.242 1.00 11.15 ? 155 ILE A O   1 
ATOM   1272 C  CB  . ILE A 1 155 ? -8.478  -1.995  -10.840 1.00 8.34  ? 155 ILE A CB  1 
ATOM   1273 C  CG1 . ILE A 1 155 ? -7.693  -1.571  -9.591  1.00 7.91  ? 155 ILE A CG1 1 
ATOM   1274 C  CG2 . ILE A 1 155 ? -9.594  -2.981  -10.557 1.00 8.88  ? 155 ILE A CG2 1 
ATOM   1275 C  CD1 . ILE A 1 155 ? -8.431  -0.601  -8.725  1.00 8.56  ? 155 ILE A CD1 1 
ATOM   1276 N  N   . GLU A 1 156 ? -8.867  -2.277  -13.962 1.00 10.45 ? 156 GLU A N   1 
ATOM   1277 C  CA  . GLU A 1 156 ? -9.666  -2.746  -15.134 1.00 13.16 ? 156 GLU A CA  1 
ATOM   1278 C  C   . GLU A 1 156 ? -8.756  -3.543  -16.092 1.00 12.54 ? 156 GLU A C   1 
ATOM   1279 O  O   . GLU A 1 156 ? -9.273  -4.508  -16.692 1.00 15.42 ? 156 GLU A O   1 
ATOM   1280 C  CB  . GLU A 1 156 ? -10.326 -1.532  -15.785 1.00 13.84 ? 156 GLU A CB  1 
ATOM   1281 C  CG  . GLU A 1 156 ? -11.425 -0.877  -14.958 1.00 16.74 ? 156 GLU A CG  1 
ATOM   1282 C  CD  . GLU A 1 156 ? -11.540 0.621   -15.211 1.00 20.72 ? 156 GLU A CD  1 
ATOM   1283 O  OE1 . GLU A 1 156 ? -12.221 1.327   -14.426 1.00 21.69 ? 156 GLU A OE1 1 
ATOM   1284 O  OE2 . GLU A 1 156 ? -10.830 1.130   -16.148 1.00 25.38 ? 156 GLU A OE2 1 
ATOM   1285 N  N   . GLN A 1 157 ? -7.478  -3.198  -16.292 1.00 12.18 ? 157 GLN A N   1 
ATOM   1286 C  CA  . GLN A 1 157 ? -6.514  -3.844  -17.219 1.00 13.50 ? 157 GLN A CA  1 
ATOM   1287 C  C   . GLN A 1 157 ? -5.921  -5.117  -16.588 1.00 15.22 ? 157 GLN A C   1 
ATOM   1288 O  O   . GLN A 1 157 ? -5.222  -5.854  -17.299 1.00 18.15 ? 157 GLN A O   1 
ATOM   1289 C  CB  . GLN A 1 157 ? -5.451  -2.833  -17.661 1.00 14.76 ? 157 GLN A CB  1 
ATOM   1290 C  CG  . GLN A 1 157 ? -6.047  -1.650  -18.439 1.00 16.05 ? 157 GLN A CG  1 
ATOM   1291 C  CD  . GLN A 1 157 ? -5.116  -0.463  -18.577 1.00 19.53 ? 157 GLN A CD  1 
ATOM   1292 O  OE1 . GLN A 1 157 ? -4.041  -0.421  -17.984 1.00 26.47 ? 157 GLN A OE1 1 
ATOM   1293 N  NE2 . GLN A 1 157 ? -5.505  0.513   -19.373 1.00 20.18 ? 157 GLN A NE2 1 
ATOM   1294 N  N   . LYS A 1 158 ? -6.073  -5.300  -15.275 1.00 14.48 ? 158 LYS A N   1 
ATOM   1295 C  CA  . LYS A 1 158 ? -5.380  -6.373  -14.514 1.00 14.17 ? 158 LYS A CA  1 
ATOM   1296 C  C   . LYS A 1 158 ? -3.866  -6.174  -14.708 1.00 13.99 ? 158 LYS A C   1 
ATOM   1297 O  O   . LYS A 1 158 ? -3.117  -7.145  -14.941 1.00 17.96 ? 158 LYS A O   1 
ATOM   1298 C  CB  . LYS A 1 158 ? -5.960  -7.749  -14.872 1.00 18.33 ? 158 LYS A CB  1 
ATOM   1299 C  CG  . LYS A 1 158 ? -7.387  -7.907  -14.399 1.00 18.01 ? 158 LYS A CG  1 
ATOM   1300 C  CD  . LYS A 1 158 ? -7.965  -9.280  -14.519 1.00 22.83 ? 158 LYS A CD  1 
ATOM   1301 C  CE  . LYS A 1 158 ? -9.207  -9.429  -13.670 1.00 24.44 ? 158 LYS A CE  1 
ATOM   1302 N  NZ  . LYS A 1 158 ? -10.102 -8.259  -13.768 1.00 25.49 ? 158 LYS A NZ  1 
ATOM   1303 N  N   . LYS A 1 159 ? -3.389  -4.957  -14.475 1.00 13.60 ? 159 LYS A N   1 
ATOM   1304 C  CA  . LYS A 1 159 ? -1.988  -4.519  -14.613 1.00 14.87 ? 159 LYS A CA  1 
ATOM   1305 C  C   . LYS A 1 159 ? -1.281  -4.596  -13.249 1.00 13.86 ? 159 LYS A C   1 
ATOM   1306 O  O   . LYS A 1 159 ? -1.936  -4.397  -12.205 1.00 11.50 ? 159 LYS A O   1 
ATOM   1307 C  CB  . LYS A 1 159 ? -2.008  -3.106  -15.183 1.00 16.76 ? 159 LYS A CB  1 
ATOM   1308 C  CG  . LYS A 1 159 ? -0.651  -2.530  -15.462 1.00 19.48 ? 159 LYS A CG  1 
ATOM   1309 C  CD  . LYS A 1 159 ? -0.749  -1.336  -16.372 1.00 19.68 ? 159 LYS A CD  1 
ATOM   1310 C  CE  . LYS A 1 159 ? 0.602   -0.737  -16.686 0.86 21.44 ? 159 LYS A CE  1 
ATOM   1311 N  NZ  . LYS A 1 159 ? 0.446   0.394   -17.627 0.58 22.08 ? 159 LYS A NZ  1 
ATOM   1312 N  N   . GLY A 1 160 ? 0.036   -4.776  -13.225 1.00 14.83 ? 160 GLY A N   1 
ATOM   1313 C  CA  . GLY A 1 160 ? 0.796   -4.744  -11.978 1.00 13.86 ? 160 GLY A CA  1 
ATOM   1314 C  C   . GLY A 1 160 ? 0.264   -5.758  -10.978 1.00 11.63 ? 160 GLY A C   1 
ATOM   1315 O  O   . GLY A 1 160 ? 0.096   -6.940  -11.294 1.00 12.17 ? 160 GLY A O   1 
ATOM   1316 N  N   . PRO A 1 161 ? -0.041  -5.346  -9.722  1.00 10.32 ? 161 PRO A N   1 
ATOM   1317 C  CA  . PRO A 1 161 ? -0.455  -6.306  -8.707  1.00 9.40  ? 161 PRO A CA  1 
ATOM   1318 C  C   . PRO A 1 161 ? -1.840  -6.889  -8.969  1.00 9.11  ? 161 PRO A C   1 
ATOM   1319 O  O   . PRO A 1 161 ? -2.250  -7.845  -8.362  1.00 9.01  ? 161 PRO A O   1 
ATOM   1320 C  CB  . PRO A 1 161 ? -0.426  -5.480  -7.403  1.00 10.47 ? 161 PRO A CB  1 
ATOM   1321 C  CG  . PRO A 1 161 ? -0.688  -4.057  -7.851  1.00 11.03 ? 161 PRO A CG  1 
ATOM   1322 C  CD  . PRO A 1 161 ? -0.042  -3.954  -9.219  1.00 10.69 ? 161 PRO A CD  1 
ATOM   1323 N  N   . PHE A 1 162 ? -2.573  -6.305  -9.907  1.00 7.94  ? 162 PHE A N   1 
ATOM   1324 C  CA  . PHE A 1 162 ? -3.936  -6.758  -10.259 1.00 8.52  ? 162 PHE A CA  1 
ATOM   1325 C  C   . PHE A 1 162 ? -3.893  -7.918  -11.286 1.00 8.84  ? 162 PHE A C   1 
ATOM   1326 O  O   . PHE A 1 162 ? -4.972  -8.463  -11.573 1.00 11.49 ? 162 PHE A O   1 
ATOM   1327 C  CB  . PHE A 1 162 ? -4.780  -5.579  -10.762 1.00 8.39  ? 162 PHE A CB  1 
ATOM   1328 C  CG  . PHE A 1 162 ? -4.789  -4.415  -9.804  1.00 7.55  ? 162 PHE A CG  1 
ATOM   1329 C  CD1 . PHE A 1 162 ? -5.347  -4.543  -8.547  1.00 8.21  ? 162 PHE A CD1 1 
ATOM   1330 C  CD2 . PHE A 1 162 ? -4.116  -3.256  -10.126 1.00 7.55  ? 162 PHE A CD2 1 
ATOM   1331 C  CE1 . PHE A 1 162 ? -5.270  -3.512  -7.627  1.00 8.52  ? 162 PHE A CE1 1 
ATOM   1332 C  CE2 . PHE A 1 162 ? -3.992  -2.235  -9.211  1.00 8.04  ? 162 PHE A CE2 1 
ATOM   1333 C  CZ  . PHE A 1 162 ? -4.593  -2.364  -7.963  1.00 7.54  ? 162 PHE A CZ  1 
ATOM   1334 N  N   . ALA A 1 163 ? -2.717  -8.271  -11.762 1.00 9.15  ? 163 ALA A N   1 
ATOM   1335 C  CA  . ALA A 1 163 ? -2.534  -9.404  -12.718 1.00 10.45 ? 163 ALA A CA  1 
ATOM   1336 C  C   . ALA A 1 163 ? -2.697  -10.719 -11.955 1.00 11.87 ? 163 ALA A C   1 
ATOM   1337 O  O   . ALA A 1 163 ? -2.011  -10.922 -10.956 1.00 11.85 ? 163 ALA A O   1 
ATOM   1338 C  CB  . ALA A 1 163 ? -1.186  -9.283  -13.359 1.00 10.98 ? 163 ALA A CB  1 
ATOM   1339 N  N   . PRO A 1 164 ? -3.569  -11.673 -12.358 1.00 13.61 ? 164 PRO A N   1 
ATOM   1340 C  CA  . PRO A 1 164 ? -3.608  -12.990 -11.714 1.00 13.68 ? 164 PRO A CA  1 
ATOM   1341 C  C   . PRO A 1 164 ? -2.242  -13.688 -11.642 1.00 14.21 ? 164 PRO A C   1 
ATOM   1342 O  O   . PRO A 1 164 ? -1.984  -14.314 -10.638 1.00 12.93 ? 164 PRO A O   1 
ATOM   1343 C  CB  . PRO A 1 164 ? -4.582  -13.757 -12.631 1.00 15.50 ? 164 PRO A CB  1 
ATOM   1344 C  CG  . PRO A 1 164 ? -5.571  -12.700 -13.001 1.00 16.70 ? 164 PRO A CG  1 
ATOM   1345 C  CD  . PRO A 1 164 ? -4.654  -11.530 -13.345 1.00 14.46 ? 164 PRO A CD  1 
ATOM   1346 N  N   . ASP A 1 165 ? -1.391  -13.513 -12.632 1.00 14.00 ? 165 ASP A N   1 
ATOM   1347 C  CA  . ASP A 1 165 ? -0.050  -14.167 -12.622 1.00 16.38 ? 165 ASP A CA  1 
ATOM   1348 C  C   . ASP A 1 165 ? 0.837   -13.507 -11.564 1.00 15.39 ? 165 ASP A C   1 
ATOM   1349 O  O   . ASP A 1 165 ? 1.695   -14.171 -10.971 1.00 13.87 ? 165 ASP A O   1 
ATOM   1350 C  CB  . ASP A 1 165 ? 0.568   -14.187 -14.023 1.00 20.30 ? 165 ASP A CB  1 
ATOM   1351 C  CG  . ASP A 1 165 ? -0.124  -15.207 -14.934 1.00 22.90 ? 165 ASP A CG  1 
ATOM   1352 O  OD1 . ASP A 1 165 ? -0.994  -15.974 -14.451 1.00 29.36 ? 165 ASP A OD1 1 
ATOM   1353 O  OD2 . ASP A 1 165 ? 0.239   -15.251 -16.087 1.00 31.28 ? 165 ASP A OD2 1 
ATOM   1354 N  N   . PHE A 1 166 ? 0.677   -12.209 -11.343 1.00 12.79 ? 166 PHE A N   1 
ATOM   1355 C  CA  . PHE A 1 166 ? 1.433   -11.523 -10.268 1.00 11.66 ? 166 PHE A CA  1 
ATOM   1356 C  C   . PHE A 1 166 ? 1.098   -12.225 -8.955  1.00 11.47 ? 166 PHE A C   1 
ATOM   1357 O  O   . PHE A 1 166 ? 1.995   -12.547 -8.151  1.00 11.01 ? 166 PHE A O   1 
ATOM   1358 C  CB  . PHE A 1 166 ? 1.030   -10.054 -10.225 1.00 11.65 ? 166 PHE A CB  1 
ATOM   1359 C  CG  . PHE A 1 166 ? 1.590   -9.280  -9.044  1.00 10.81 ? 166 PHE A CG  1 
ATOM   1360 C  CD1 . PHE A 1 166 ? 1.003   -9.365  -7.790  1.00 12.69 ? 166 PHE A CD1 1 
ATOM   1361 C  CD2 . PHE A 1 166 ? 2.673   -8.437  -9.228  1.00 11.85 ? 166 PHE A CD2 1 
ATOM   1362 C  CE1 . PHE A 1 166 ? 1.514   -8.637  -6.727  1.00 12.68 ? 166 PHE A CE1 1 
ATOM   1363 C  CE2 . PHE A 1 166 ? 3.212   -7.745  -8.154  1.00 12.18 ? 166 PHE A CE2 1 
ATOM   1364 C  CZ  . PHE A 1 166 ? 2.616   -7.833  -6.913  1.00 12.42 ? 166 PHE A CZ  1 
ATOM   1365 N  N   . ILE A 1 167 ? -0.181  -12.425 -8.680  1.00 11.29 ? 167 ILE A N   1 
ATOM   1366 C  CA  . ILE A 1 167 ? -0.645  -13.081 -7.435  1.00 12.00 ? 167 ILE A CA  1 
ATOM   1367 C  C   . ILE A 1 167 ? -0.043  -14.482 -7.345  1.00 13.79 ? 167 ILE A C   1 
ATOM   1368 O  O   . ILE A 1 167 ? 0.460   -14.837 -6.277  1.00 13.51 ? 167 ILE A O   1 
ATOM   1369 C  CB  . ILE A 1 167 ? -2.177  -13.078 -7.351  1.00 13.67 ? 167 ILE A CB  1 
ATOM   1370 C  CG1 . ILE A 1 167 ? -2.730  -11.650 -7.182  1.00 13.85 ? 167 ILE A CG1 1 
ATOM   1371 C  CG2 . ILE A 1 167 ? -2.616  -14.007 -6.225  1.00 15.36 ? 167 ILE A CG2 1 
ATOM   1372 C  CD1 . ILE A 1 167 ? -2.303  -10.927 -5.930  1.00 14.06 ? 167 ILE A CD1 1 
ATOM   1373 N  N   . LYS A 1 168 ? -0.131  -15.248 -8.418  1.00 13.53 ? 168 LYS A N   1 
ATOM   1374 C  CA  . LYS A 1 168 ? 0.353   -16.650 -8.343  1.00 13.91 ? 168 LYS A CA  1 
ATOM   1375 C  C   . LYS A 1 168 ? 1.832   -16.635 -8.004  1.00 14.49 ? 168 LYS A C   1 
ATOM   1376 O  O   . LYS A 1 168 ? 2.262   -17.414 -7.111  1.00 15.94 ? 168 LYS A O   1 
ATOM   1377 C  CB  . LYS A 1 168 ? 0.109   -17.353 -9.672  1.00 15.35 ? 168 LYS A CB  1 
ATOM   1378 C  CG  . LYS A 1 168 ? -1.347  -17.696 -9.903  1.00 18.03 ? 168 LYS A CG  1 
ATOM   1379 C  CD  . LYS A 1 168 ? -1.626  -18.180 -11.298 1.00 23.00 ? 168 LYS A CD  1 
ATOM   1380 C  CE  . LYS A 1 168 ? -3.106  -18.380 -11.530 1.00 27.11 ? 168 LYS A CE  1 
ATOM   1381 N  NZ  . LYS A 1 168 ? -3.352  -18.869 -12.904 1.00 32.33 ? 168 LYS A NZ  1 
ATOM   1382 N  N   . VAL A 1 169 ? 2.610   -15.821 -8.680  1.00 12.19 ? 169 VAL A N   1 
ATOM   1383 C  CA  . VAL A 1 169 ? 4.085   -15.838 -8.499  1.00 13.50 ? 169 VAL A CA  1 
ATOM   1384 C  C   . VAL A 1 169 ? 4.410   -15.406 -7.066  1.00 13.09 ? 169 VAL A C   1 
ATOM   1385 O  O   . VAL A 1 169 ? 5.134   -16.117 -6.327  1.00 13.93 ? 169 VAL A O   1 
ATOM   1386 C  CB  . VAL A 1 169 ? 4.803   -14.983 -9.537  1.00 14.20 ? 169 VAL A CB  1 
ATOM   1387 C  CG1 . VAL A 1 169 ? 6.264   -14.747 -9.140  1.00 14.85 ? 169 VAL A CG1 1 
ATOM   1388 C  CG2 . VAL A 1 169 ? 4.673   -15.624 -10.917 1.00 14.82 ? 169 VAL A CG2 1 
ATOM   1389 N  N   . TRP A 1 170 ? 3.895   -14.262 -6.637  1.00 12.81 ? 170 TRP A N   1 
ATOM   1390 C  CA  . TRP A 1 170 ? 4.375   -13.695 -5.349  1.00 12.93 ? 170 TRP A CA  1 
ATOM   1391 C  C   . TRP A 1 170 ? 3.721   -14.394 -4.157  1.00 13.11 ? 170 TRP A C   1 
ATOM   1392 O  O   . TRP A 1 170 ? 4.427   -14.534 -3.113  1.00 13.69 ? 170 TRP A O   1 
ATOM   1393 C  CB  . TRP A 1 170 ? 4.230   -12.155 -5.352  1.00 11.93 ? 170 TRP A CB  1 
ATOM   1394 C  CG  . TRP A 1 170 ? 5.054   -11.504 -6.408  1.00 12.48 ? 170 TRP A CG  1 
ATOM   1395 C  CD1 . TRP A 1 170 ? 4.621   -10.802 -7.509  1.00 13.84 ? 170 TRP A CD1 1 
ATOM   1396 C  CD2 . TRP A 1 170 ? 6.485   -11.505 -6.486  1.00 13.79 ? 170 TRP A CD2 1 
ATOM   1397 N  NE1 . TRP A 1 170 ? 5.692   -10.420 -8.282  1.00 15.55 ? 170 TRP A NE1 1 
ATOM   1398 C  CE2 . TRP A 1 170 ? 6.853   -10.840 -7.677  1.00 15.00 ? 170 TRP A CE2 1 
ATOM   1399 C  CE3 . TRP A 1 170 ? 7.480   -12.032 -5.660  1.00 15.54 ? 170 TRP A CE3 1 
ATOM   1400 C  CZ2 . TRP A 1 170 ? 8.181   -10.672 -8.054  1.00 15.68 ? 170 TRP A CZ2 1 
ATOM   1401 C  CZ3 . TRP A 1 170 ? 8.797   -11.865 -6.033  1.00 16.52 ? 170 TRP A CZ3 1 
ATOM   1402 C  CH2 . TRP A 1 170 ? 9.138   -11.190 -7.206  1.00 16.27 ? 170 TRP A CH2 1 
ATOM   1403 N  N   . LYS A 1 171 ? 2.493   -14.875 -4.263  1.00 14.10 ? 171 LYS A N   1 
ATOM   1404 C  CA  . LYS A 1 171 ? 1.832   -15.702 -3.210  1.00 15.32 ? 171 LYS A CA  1 
ATOM   1405 C  C   . LYS A 1 171 ? 2.688   -16.952 -2.941  1.00 16.35 ? 171 LYS A C   1 
ATOM   1406 O  O   . LYS A 1 171 ? 3.049   -17.226 -1.773  1.00 16.13 ? 171 LYS A O   1 
ATOM   1407 C  CB  . LYS A 1 171 ? 0.398   -16.096 -3.562  1.00 18.56 ? 171 LYS A CB  1 
ATOM   1408 C  CG  . LYS A 1 171 ? -0.325  -16.871 -2.449  1.00 23.43 ? 171 LYS A CG  1 
ATOM   1409 C  CD  . LYS A 1 171 ? -1.754  -17.306 -2.762  0.66 27.79 ? 171 LYS A CD  1 
ATOM   1410 C  CE  . LYS A 1 171 ? -1.856  -18.310 -3.888  0.75 33.40 ? 171 LYS A CE  1 
ATOM   1411 N  NZ  . LYS A 1 171 ? -3.200  -18.280 -4.520  0.62 37.62 ? 171 LYS A NZ  1 
ATOM   1412 N  N   . GLU A 1 172 ? 3.028   -17.683 -3.991  1.00 15.76 ? 172 GLU A N   1 
ATOM   1413 C  CA  . GLU A 1 172 ? 3.852   -18.908 -3.831  1.00 16.94 ? 172 GLU A CA  1 
ATOM   1414 C  C   . GLU A 1 172 ? 5.252   -18.541 -3.327  1.00 16.58 ? 172 GLU A C   1 
ATOM   1415 O  O   . GLU A 1 172 ? 5.771   -19.264 -2.424  1.00 15.82 ? 172 GLU A O   1 
ATOM   1416 C  CB  . GLU A 1 172 ? 3.936   -19.650 -5.165  1.00 17.67 ? 172 GLU A CB  1 
ATOM   1417 C  CG  . GLU A 1 172 ? 2.630   -20.235 -5.627  1.00 20.72 ? 172 GLU A CG  1 
ATOM   1418 C  CD  . GLU A 1 172 ? 1.943   -21.118 -4.606  1.00 24.06 ? 172 GLU A CD  1 
ATOM   1419 O  OE1 . GLU A 1 172 ? 0.692   -21.097 -4.552  1.00 35.93 ? 172 GLU A OE1 1 
ATOM   1420 O  OE2 . GLU A 1 172 ? 2.669   -21.829 -3.884  1.00 29.68 ? 172 GLU A OE2 1 
ATOM   1421 N  N   . ARG A 1 173 ? 5.874   -17.460 -3.799  1.00 15.09 ? 173 ARG A N   1 
ATOM   1422 C  CA  . ARG A 1 173 ? 7.213   -17.022 -3.323  1.00 15.85 ? 173 ARG A CA  1 
ATOM   1423 C  C   . ARG A 1 173 ? 7.135   -16.752 -1.821  1.00 16.48 ? 173 ARG A C   1 
ATOM   1424 O  O   . ARG A 1 173 ? 7.964   -17.253 -1.051  1.00 16.10 ? 173 ARG A O   1 
ATOM   1425 C  CB  . ARG A 1 173 ? 7.820   -15.866 -4.107  1.00 19.44 ? 173 ARG A CB  1 
ATOM   1426 C  CG  . ARG A 1 173 ? 8.618   -16.395 -5.291  1.00 26.52 ? 173 ARG A CG  1 
ATOM   1427 C  CD  . ARG A 1 173 ? 9.352   -15.364 -6.096  0.50 30.83 ? 173 ARG A CD  1 
ATOM   1428 N  NE  . ARG A 1 173 ? 9.430   -15.876 -7.443  0.53 34.99 ? 173 ARG A NE  1 
ATOM   1429 C  CZ  . ARG A 1 173 ? 10.018  -15.264 -8.456  1.00 41.51 ? 173 ARG A CZ  1 
ATOM   1430 N  NH1 . ARG A 1 173 ? 10.615  -14.093 -8.294  1.00 43.58 ? 173 ARG A NH1 1 
ATOM   1431 N  NH2 . ARG A 1 173 ? 10.020  -15.850 -9.638  1.00 47.45 ? 173 ARG A NH2 1 
ATOM   1432 N  N   . TYR A 1 174 ? 6.149   -16.020 -1.371  1.00 15.04 ? 174 TYR A N   1 
ATOM   1433 C  CA  . TYR A 1 174 ? 6.062   -15.676 0.063   1.00 15.26 ? 174 TYR A CA  1 
ATOM   1434 C  C   . TYR A 1 174 ? 5.758   -16.942 0.882   1.00 17.35 ? 174 TYR A C   1 
ATOM   1435 O  O   . TYR A 1 174 ? 6.313   -17.090 1.989   1.00 20.16 ? 174 TYR A O   1 
ATOM   1436 C  CB  . TYR A 1 174 ? 5.048   -14.553 0.226   1.00 14.26 ? 174 TYR A CB  1 
ATOM   1437 C  CG  . TYR A 1 174 ? 4.888   -14.107 1.645   1.00 13.10 ? 174 TYR A CG  1 
ATOM   1438 C  CD1 . TYR A 1 174 ? 5.999   -13.901 2.447   1.00 14.28 ? 174 TYR A CD1 1 
ATOM   1439 C  CD2 . TYR A 1 174 ? 3.627   -13.875 2.163   1.00 14.37 ? 174 TYR A CD2 1 
ATOM   1440 C  CE1 . TYR A 1 174 ? 5.855   -13.497 3.764   1.00 12.95 ? 174 TYR A CE1 1 
ATOM   1441 C  CE2 . TYR A 1 174 ? 3.475   -13.479 3.485   1.00 15.04 ? 174 TYR A CE2 1 
ATOM   1442 C  CZ  . TYR A 1 174 ? 4.588   -13.311 4.287   1.00 13.94 ? 174 TYR A CZ  1 
ATOM   1443 O  OH  . TYR A 1 174 ? 4.402   -12.918 5.609   1.00 14.76 ? 174 TYR A OH  1 
ATOM   1444 N  N   . LYS A 1 175 ? 4.885   -17.823 0.388   1.00 18.25 ? 175 LYS A N   1 
ATOM   1445 C  CA  . LYS A 1 175 ? 4.533   -19.066 1.138   1.00 20.33 ? 175 LYS A CA  1 
ATOM   1446 C  C   . LYS A 1 175 ? 5.834   -19.831 1.427   1.00 19.76 ? 175 LYS A C   1 
ATOM   1447 O  O   . LYS A 1 175 ? 6.009   -20.317 2.594   1.00 23.11 ? 175 LYS A O   1 
ATOM   1448 C  CB  . LYS A 1 175 ? 3.460   -19.889 0.400   1.00 21.52 ? 175 LYS A CB  1 
ATOM   1449 C  CG  . LYS A 1 175 ? 2.061   -19.283 0.500   0.47 22.22 ? 175 LYS A CG  1 
ATOM   1450 C  CD  . LYS A 1 175 ? 0.875   -20.246 0.516   0.56 24.93 ? 175 LYS A CD  1 
ATOM   1451 C  CE  . LYS A 1 175 ? -0.475  -19.564 0.336   0.59 26.73 ? 175 LYS A CE  1 
ATOM   1452 N  NZ  . LYS A 1 175 ? -0.625  -18.247 1.029   1.00 27.88 ? 175 LYS A NZ  1 
ATOM   1453 N  N   . LYS A 1 176 ? 6.765   -19.845 0.492   1.00 21.57 ? 176 LYS A N   1 
ATOM   1454 C  CA  . LYS A 1 176 ? 8.007   -20.635 0.636   1.00 24.13 ? 176 LYS A CA  1 
ATOM   1455 C  C   . LYS A 1 176 ? 8.898   -19.932 1.659   1.00 24.49 ? 176 LYS A C   1 
ATOM   1456 O  O   . LYS A 1 176 ? 9.398   -20.599 2.608   1.00 22.84 ? 176 LYS A O   1 
ATOM   1457 C  CB  . LYS A 1 176 ? 8.675   -20.856 -0.724  1.00 27.19 ? 176 LYS A CB  1 
ATOM   1458 C  CG  . LYS A 1 176 ? 8.122   -22.031 -1.528  1.00 32.11 ? 176 LYS A CG  1 
ATOM   1459 C  CD  . LYS A 1 176 ? 9.052   -22.482 -2.639  0.59 33.03 ? 176 LYS A CD  1 
ATOM   1460 C  CE  . LYS A 1 176 ? 8.727   -23.846 -3.211  0.69 34.28 ? 176 LYS A CE  1 
ATOM   1461 N  NZ  . LYS A 1 176 ? 7.470   -23.839 -3.989  0.69 36.46 ? 176 LYS A NZ  1 
ATOM   1462 N  N   . ILE A 1 177 ? 9.085   -18.618 1.513   1.00 22.11 ? 177 ILE A N   1 
ATOM   1463 C  CA  . ILE A 1 177 ? 10.098  -17.905 2.344   1.00 25.85 ? 177 ILE A CA  1 
ATOM   1464 C  C   . ILE A 1 177 ? 9.576   -17.814 3.788   1.00 27.03 ? 177 ILE A C   1 
ATOM   1465 O  O   . ILE A 1 177 ? 10.417  -17.716 4.687   1.00 29.29 ? 177 ILE A O   1 
ATOM   1466 C  CB  . ILE A 1 177 ? 10.536  -16.568 1.694   1.00 27.88 ? 177 ILE A CB  1 
ATOM   1467 C  CG1 . ILE A 1 177 ? 11.991  -16.241 2.041   1.00 31.42 ? 177 ILE A CG1 1 
ATOM   1468 C  CG2 . ILE A 1 177 ? 9.596   -15.445 2.061   1.00 28.51 ? 177 ILE A CG2 1 
ATOM   1469 C  CD1 . ILE A 1 177 ? 12.573  -15.053 1.311   1.00 31.57 ? 177 ILE A CD1 1 
ATOM   1470 N  N   . ARG A 1 178 ? 8.277   -17.954 4.072   1.00 30.51 ? 178 ARG A N   1 
ATOM   1471 C  CA  . ARG A 1 178 ? 7.757   -17.825 5.468   1.00 32.72 ? 178 ARG A CA  1 
ATOM   1472 C  C   . ARG A 1 178 ? 7.648   -19.217 6.115   1.00 38.51 ? 178 ARG A C   1 
ATOM   1473 O  O   . ARG A 1 178 ? 8.431   -20.123 5.791   1.00 37.02 ? 178 ARG A O   1 
ATOM   1474 C  CB  . ARG A 1 178 ? 6.465   -16.995 5.491   1.00 34.98 ? 178 ARG A CB  1 
ATOM   1475 C  CG  . ARG A 1 178 ? 5.178   -17.802 5.499   1.00 33.82 ? 178 ARG A CG  1 
ATOM   1476 C  CD  . ARG A 1 178 ? 3.957   -16.896 5.569   1.00 34.77 ? 178 ARG A CD  1 
ATOM   1477 N  NE  . ARG A 1 178 ? 2.828   -17.704 5.142   1.00 35.58 ? 178 ARG A NE  1 
ATOM   1478 C  CZ  . ARG A 1 178 ? 2.237   -17.646 3.950   1.00 32.28 ? 178 ARG A CZ  1 
ATOM   1479 N  NH1 . ARG A 1 178 ? 1.243   -18.475 3.674   1.00 34.64 ? 178 ARG A NH1 1 
ATOM   1480 N  NH2 . ARG A 1 178 ? 2.617   -16.765 3.046   1.00 29.49 ? 178 ARG A NH2 1 
HETATM 1481 C  C1  . CIT B 2 .   ? -7.270  8.674   8.591   1.00 29.90 ? 201 CIT A C1  1 
HETATM 1482 O  O1  . CIT B 2 .   ? -7.407  9.827   9.045   1.00 26.69 ? 201 CIT A O1  1 
HETATM 1483 O  O2  . CIT B 2 .   ? -6.375  8.347   7.786   1.00 25.28 ? 201 CIT A O2  1 
HETATM 1484 C  C2  . CIT B 2 .   ? -8.248  7.604   9.044   1.00 25.39 ? 201 CIT A C2  1 
HETATM 1485 C  C3  . CIT B 2 .   ? -7.862  6.163   8.689   1.00 25.43 ? 201 CIT A C3  1 
HETATM 1486 O  O7  . CIT B 2 .   ? -6.673  5.813   9.375   1.00 21.92 ? 201 CIT A O7  1 
HETATM 1487 C  C4  . CIT B 2 .   ? -8.995  5.225   9.124   1.00 22.84 ? 201 CIT A C4  1 
HETATM 1488 C  C5  . CIT B 2 .   ? -8.981  3.844   8.489   1.00 21.05 ? 201 CIT A C5  1 
HETATM 1489 O  O3  . CIT B 2 .   ? -9.545  3.700   7.387   1.00 24.39 ? 201 CIT A O3  1 
HETATM 1490 O  O4  . CIT B 2 .   ? -8.406  2.922   9.101   1.00 25.76 ? 201 CIT A O4  1 
HETATM 1491 C  C6  . CIT B 2 .   ? -7.649  6.045   7.157   1.00 20.91 ? 201 CIT A C6  1 
HETATM 1492 O  O5  . CIT B 2 .   ? -8.511  6.563   6.419   1.00 24.82 ? 201 CIT A O5  1 
HETATM 1493 O  O6  . CIT B 2 .   ? -6.632  5.440   6.764   1.00 18.46 ? 201 CIT A O6  1 
HETATM 1494 C  C1  . GOL C 3 .   ? 7.720   13.214  6.004   1.00 21.76 ? 202 GOL A C1  1 
HETATM 1495 O  O1  . GOL C 3 .   ? 6.312   13.168  6.221   1.00 27.34 ? 202 GOL A O1  1 
HETATM 1496 C  C2  . GOL C 3 .   ? 8.360   11.858  6.210   1.00 25.97 ? 202 GOL A C2  1 
HETATM 1497 O  O2  . GOL C 3 .   ? 9.542   11.984  6.999   1.00 33.30 ? 202 GOL A O2  1 
HETATM 1498 C  C3  . GOL C 3 .   ? 8.670   11.134  4.916   1.00 21.19 ? 202 GOL A C3  1 
HETATM 1499 O  O3  . GOL C 3 .   ? 7.727   10.098  4.656   1.00 28.24 ? 202 GOL A O3  1 
HETATM 1500 C  C1  . GOL D 3 .   ? 4.457   16.332  1.518   1.00 30.51 ? 203 GOL A C1  1 
HETATM 1501 O  O1  . GOL D 3 .   ? 4.710   16.536  0.137   1.00 33.49 ? 203 GOL A O1  1 
HETATM 1502 C  C2  . GOL D 3 .   ? 4.559   17.596  2.355   1.00 31.87 ? 203 GOL A C2  1 
HETATM 1503 O  O2  . GOL D 3 .   ? 4.313   17.243  3.717   1.00 39.06 ? 203 GOL A O2  1 
HETATM 1504 C  C3  . GOL D 3 .   ? 5.885   18.302  2.237   1.00 26.27 ? 203 GOL A C3  1 
HETATM 1505 O  O3  . GOL D 3 .   ? 6.002   19.521  2.976   1.00 31.11 ? 203 GOL A O3  1 
HETATM 1506 MG MG  . MG  E 4 .   ? -5.342  5.145   2.931   1.00 9.60  ? 204 MG  A MG  1 
HETATM 1507 MG MG  . MG  F 4 .   ? -8.635  6.723   3.891   1.00 10.37 ? 205 MG  A MG  1 
HETATM 1508 O  O   . HOH G 5 .   ? -5.711  11.135  10.060  1.00 22.15 ? 301 HOH A O   1 
HETATM 1509 O  O   . HOH G 5 .   ? -15.839 16.923  10.255  1.00 33.82 ? 302 HOH A O   1 
HETATM 1510 O  O   . HOH G 5 .   ? -9.526  -6.468  -12.015 1.00 23.30 ? 303 HOH A O   1 
HETATM 1511 O  O   . HOH G 5 .   ? 2.043   2.292   20.599  1.00 20.74 ? 304 HOH A O   1 
HETATM 1512 O  O   . HOH G 5 .   ? 17.256  -8.572  -3.019  1.00 37.59 ? 305 HOH A O   1 
HETATM 1513 O  O   . HOH G 5 .   ? -7.152  -9.460  -10.530 1.00 25.26 ? 306 HOH A O   1 
HETATM 1514 O  O   . HOH G 5 .   ? 10.847  -5.697  10.509  1.00 30.03 ? 307 HOH A O   1 
HETATM 1515 O  O   . HOH G 5 .   ? 4.254   20.401  -8.329  1.00 26.07 ? 308 HOH A O   1 
HETATM 1516 O  O   . HOH G 5 .   ? 6.473   -4.267  16.726  1.00 33.63 ? 309 HOH A O   1 
HETATM 1517 O  O   . HOH G 5 .   ? -6.301  6.881   4.412   1.00 10.65 ? 310 HOH A O   1 
HETATM 1518 O  O   . HOH G 5 .   ? 1.886   -7.565  -13.119 1.00 30.33 ? 311 HOH A O   1 
HETATM 1519 O  O   . HOH G 5 .   ? -1.729  4.032   4.769   1.00 12.51 ? 312 HOH A O   1 
HETATM 1520 O  O   . HOH G 5 .   ? -15.603 8.114   -2.210  1.00 23.86 ? 313 HOH A O   1 
HETATM 1521 O  O   . HOH G 5 .   ? 16.839  -5.778  -3.584  1.00 29.91 ? 314 HOH A O   1 
HETATM 1522 O  O   . HOH G 5 .   ? -3.393  -9.252  -16.516 1.00 26.74 ? 315 HOH A O   1 
HETATM 1523 O  O   . HOH G 5 .   ? 7.232   13.692  10.486  1.00 22.18 ? 316 HOH A O   1 
HETATM 1524 O  O   . HOH G 5 .   ? 11.191  7.123   11.259  1.00 20.81 ? 317 HOH A O   1 
HETATM 1525 O  O   . HOH G 5 .   ? -0.923  -9.512  6.895   1.00 14.33 ? 318 HOH A O   1 
HETATM 1526 O  O   . HOH G 5 .   ? 4.013   3.597   -4.169  1.00 9.93  ? 319 HOH A O   1 
HETATM 1527 O  O   . HOH G 5 .   ? -14.419 4.855   3.945   1.00 32.39 ? 320 HOH A O   1 
HETATM 1528 O  O   . HOH G 5 .   ? 5.053   -3.509  -11.667 1.00 25.79 ? 321 HOH A O   1 
HETATM 1529 O  O   . HOH G 5 .   ? 6.527   -12.199 7.070   1.00 20.97 ? 322 HOH A O   1 
HETATM 1530 O  O   . HOH G 5 .   ? -7.156  -16.085 -0.862  1.00 22.84 ? 323 HOH A O   1 
HETATM 1531 O  O   . HOH G 5 .   ? 17.037  5.026   13.702  1.00 40.90 ? 324 HOH A O   1 
HETATM 1532 O  O   . HOH G 5 .   ? -9.639  10.461  10.394  1.00 30.54 ? 325 HOH A O   1 
HETATM 1533 O  O   . HOH G 5 .   ? -4.264  5.238   12.831  1.00 14.19 ? 326 HOH A O   1 
HETATM 1534 O  O   . HOH G 5 .   ? 3.339   -1.894  14.282  1.00 13.22 ? 327 HOH A O   1 
HETATM 1535 O  O   . HOH G 5 .   ? 13.693  -0.039  12.071  1.00 28.61 ? 328 HOH A O   1 
HETATM 1536 O  O   . HOH G 5 .   ? -6.107  3.658   4.710   1.00 11.47 ? 329 HOH A O   1 
HETATM 1537 O  O   . HOH G 5 .   ? -9.800  -8.784  -6.353  1.00 21.46 ? 330 HOH A O   1 
HETATM 1538 O  O   . HOH G 5 .   ? -9.984  11.155  -10.291 1.00 25.31 ? 331 HOH A O   1 
HETATM 1539 O  O   . HOH G 5 .   ? 0.587   10.079  15.104  1.00 27.54 ? 332 HOH A O   1 
HETATM 1540 O  O   . HOH G 5 .   ? 11.658  -13.487 -4.018  1.00 27.04 ? 333 HOH A O   1 
HETATM 1541 O  O   . HOH G 5 .   ? 11.391  4.320   12.990  1.00 30.29 ? 334 HOH A O   1 
HETATM 1542 O  O   . HOH G 5 .   ? 14.065  -0.673  6.008   1.00 28.39 ? 335 HOH A O   1 
HETATM 1543 O  O   . HOH G 5 .   ? 6.307   -4.029  7.695   1.00 9.53  ? 336 HOH A O   1 
HETATM 1544 O  O   . HOH G 5 .   ? 4.583   -8.196  14.322  1.00 23.43 ? 337 HOH A O   1 
HETATM 1545 O  O   . HOH G 5 .   ? 0.119   0.370   2.590   1.00 15.52 ? 338 HOH A O   1 
HETATM 1546 O  O   . HOH G 5 .   ? 9.859   -4.104  13.335  1.00 25.93 ? 339 HOH A O   1 
HETATM 1547 O  O   . HOH G 5 .   ? -11.618 8.871   8.849   1.00 20.70 ? 340 HOH A O   1 
HETATM 1548 O  O   . HOH G 5 .   ? -4.835  6.594   1.180   1.00 7.54  ? 341 HOH A O   1 
HETATM 1549 O  O   . HOH G 5 .   ? 12.796  -1.558  8.730   1.00 17.18 ? 342 HOH A O   1 
HETATM 1550 O  O   . HOH G 5 .   ? 16.950  8.503   12.491  1.00 20.66 ? 343 HOH A O   1 
HETATM 1551 O  O   . HOH G 5 .   ? 15.857  8.247   4.134   1.00 23.84 ? 344 HOH A O   1 
HETATM 1552 O  O   . HOH G 5 .   ? 2.626   19.686  6.005   1.00 17.54 ? 345 HOH A O   1 
HETATM 1553 O  O   . HOH G 5 .   ? 0.648   22.133  3.194   1.00 27.82 ? 346 HOH A O   1 
HETATM 1554 O  O   . HOH G 5 .   ? -16.574 0.235   -9.839  1.00 12.48 ? 347 HOH A O   1 
HETATM 1555 O  O   . HOH G 5 .   ? -0.968  -5.962  5.459   1.00 20.88 ? 348 HOH A O   1 
HETATM 1556 O  O   . HOH G 5 .   ? 4.855   -10.523 8.711   1.00 13.77 ? 349 HOH A O   1 
HETATM 1557 O  O   . HOH G 5 .   ? 4.669   7.924   -13.507 1.00 23.71 ? 350 HOH A O   1 
HETATM 1558 O  O   . HOH G 5 .   ? 1.401   -16.174 0.562   1.00 24.68 ? 351 HOH A O   1 
HETATM 1559 O  O   . HOH G 5 .   ? -2.291  13.265  4.530   1.00 7.43  ? 352 HOH A O   1 
HETATM 1560 O  O   . HOH G 5 .   ? -5.719  22.987  0.267   1.00 30.43 ? 353 HOH A O   1 
HETATM 1561 O  O   . HOH G 5 .   ? -6.013  15.420  -12.138 1.00 19.77 ? 354 HOH A O   1 
HETATM 1562 O  O   . HOH G 5 .   ? -2.007  -5.981  20.548  1.00 32.88 ? 355 HOH A O   1 
HETATM 1563 O  O   . HOH G 5 .   ? 6.124   12.123  -8.205  1.00 32.72 ? 356 HOH A O   1 
HETATM 1564 O  O   . HOH G 5 .   ? -16.065 -4.529  3.046   1.00 25.78 ? 357 HOH A O   1 
HETATM 1565 O  O   . HOH G 5 .   ? -6.460  -11.105 -8.423  1.00 18.55 ? 358 HOH A O   1 
HETATM 1566 O  O   . HOH G 5 .   ? 2.800   7.216   -15.700 1.00 20.54 ? 359 HOH A O   1 
HETATM 1567 O  O   . HOH G 5 .   ? -4.183  -15.556 -9.292  1.00 21.63 ? 360 HOH A O   1 
HETATM 1568 O  O   . HOH G 5 .   ? -8.885  -10.902 -6.776  1.00 24.29 ? 361 HOH A O   1 
HETATM 1569 O  O   . HOH G 5 .   ? 3.866   4.502   -1.538  1.00 9.56  ? 362 HOH A O   1 
HETATM 1570 O  O   . HOH G 5 .   ? -3.160  15.622  -15.357 1.00 27.15 ? 363 HOH A O   1 
HETATM 1571 O  O   . HOH G 5 .   ? 14.995  -8.124  -5.552  1.00 25.81 ? 364 HOH A O   1 
HETATM 1572 O  O   . HOH G 5 .   ? -17.443 6.022   -4.777  1.00 35.26 ? 365 HOH A O   1 
HETATM 1573 O  O   . HOH G 5 .   ? 13.659  9.443   11.697  1.00 13.79 ? 366 HOH A O   1 
HETATM 1574 O  O   . HOH G 5 .   ? -5.054  -8.224  17.331  1.00 20.45 ? 367 HOH A O   1 
HETATM 1575 O  O   . HOH G 5 .   ? -16.072 3.946   -7.105  1.00 24.77 ? 368 HOH A O   1 
HETATM 1576 O  O   . HOH G 5 .   ? -2.146  10.866  12.308  1.00 17.85 ? 369 HOH A O   1 
HETATM 1577 O  O   . HOH G 5 .   ? 10.226  8.871   -3.431  1.00 27.05 ? 370 HOH A O   1 
HETATM 1578 O  O   . HOH G 5 .   ? -6.647  11.522  -15.228 1.00 35.56 ? 371 HOH A O   1 
HETATM 1579 O  O   . HOH G 5 .   ? 19.428  4.354   5.819   1.00 23.50 ? 372 HOH A O   1 
HETATM 1580 O  O   . HOH G 5 .   ? -3.071  -4.198  7.206   1.00 25.56 ? 373 HOH A O   1 
HETATM 1581 O  O   . HOH G 5 .   ? 0.374   3.357   -16.117 1.00 15.06 ? 374 HOH A O   1 
HETATM 1582 O  O   . HOH G 5 .   ? 15.480  -8.788  8.687   1.00 20.35 ? 375 HOH A O   1 
HETATM 1583 O  O   . HOH G 5 .   ? -3.805  -17.326 -7.231  1.00 34.07 ? 376 HOH A O   1 
HETATM 1584 O  O   . HOH G 5 .   ? -6.162  -8.321  8.816   1.00 24.55 ? 377 HOH A O   1 
HETATM 1585 O  O   . HOH G 5 .   ? -2.052  -12.422 -15.296 1.00 21.29 ? 378 HOH A O   1 
HETATM 1586 O  O   . HOH G 5 .   ? -20.003 1.841   -7.357  1.00 39.64 ? 379 HOH A O   1 
HETATM 1587 O  O   . HOH G 5 .   ? -16.003 -13.989 -3.459  1.00 29.82 ? 380 HOH A O   1 
HETATM 1588 O  O   . HOH G 5 .   ? 0.119   20.683  6.831   1.00 28.43 ? 381 HOH A O   1 
HETATM 1589 O  O   . HOH G 5 .   ? 14.159  4.923   -1.476  1.00 24.39 ? 382 HOH A O   1 
HETATM 1590 O  O   . HOH G 5 .   ? 0.988   -3.908  5.125   1.00 13.84 ? 383 HOH A O   1 
HETATM 1591 O  O   . HOH G 5 .   ? 5.712   14.205  -1.511  1.00 35.87 ? 384 HOH A O   1 
HETATM 1592 O  O   . HOH G 5 .   ? -5.787  7.375   11.832  1.00 20.33 ? 385 HOH A O   1 
HETATM 1593 O  O   . HOH G 5 .   ? 4.848   -11.195 11.257  1.00 24.58 ? 386 HOH A O   1 
HETATM 1594 O  O   . HOH G 5 .   ? -14.659 9.466   4.196   1.00 16.31 ? 387 HOH A O   1 
HETATM 1595 O  O   . HOH G 5 .   ? -3.755  1.896   5.649   1.00 8.47  ? 388 HOH A O   1 
HETATM 1596 O  O   . HOH G 5 .   ? 6.153   -8.203  -10.526 1.00 28.14 ? 389 HOH A O   1 
HETATM 1597 O  O   . HOH G 5 .   ? 6.498   10.304  -10.588 1.00 25.38 ? 390 HOH A O   1 
HETATM 1598 O  O   . HOH G 5 .   ? 4.183   19.711  -0.736  1.00 31.18 ? 391 HOH A O   1 
HETATM 1599 O  O   . HOH G 5 .   ? -14.860 10.925  6.675   1.00 24.85 ? 392 HOH A O   1 
HETATM 1600 O  O   . HOH G 5 .   ? -7.945  13.647  -13.068 1.00 30.44 ? 393 HOH A O   1 
HETATM 1601 O  O   . HOH G 5 .   ? -16.721 -8.790  1.276   1.00 36.28 ? 394 HOH A O   1 
HETATM 1602 O  O   . HOH G 5 .   ? 8.480   -3.189  15.540  1.00 29.77 ? 395 HOH A O   1 
HETATM 1603 O  O   . HOH G 5 .   ? -4.865  13.694  9.610   1.00 30.18 ? 396 HOH A O   1 
HETATM 1604 O  O   . HOH G 5 .   ? -17.033 2.316   -11.378 1.00 34.34 ? 397 HOH A O   1 
HETATM 1605 O  O   . HOH G 5 .   ? 2.145   -10.644 -14.352 1.00 32.75 ? 398 HOH A O   1 
HETATM 1606 O  O   . HOH G 5 .   ? 10.916  9.680   -13.254 1.00 37.07 ? 399 HOH A O   1 
HETATM 1607 O  O   . HOH G 5 .   ? 14.557  -8.103  11.212  1.00 30.45 ? 400 HOH A O   1 
HETATM 1608 O  O   . HOH G 5 .   ? -3.899  9.393   10.978  1.00 14.11 ? 401 HOH A O   1 
HETATM 1609 O  O   . HOH G 5 .   ? -4.923  -6.181  7.676   1.00 35.39 ? 402 HOH A O   1 
HETATM 1610 O  O   . HOH G 5 .   ? -8.725  -7.426  -9.587  1.00 31.73 ? 403 HOH A O   1 
HETATM 1611 O  O   . HOH G 5 .   ? 1.420   -1.436  4.125   1.00 15.27 ? 404 HOH A O   1 
HETATM 1612 O  O   . HOH G 5 .   ? -6.340  -13.716 -8.916  1.00 26.94 ? 405 HOH A O   1 
HETATM 1613 O  O   . HOH G 5 .   ? -3.469  -6.061  5.650   1.00 39.78 ? 406 HOH A O   1 
HETATM 1614 O  O   . HOH G 5 .   ? -1.171  5.749   -17.284 1.00 27.96 ? 407 HOH A O   1 
# 
